data_2G6B
# 
_entry.id   2G6B 
# 
_audit_conform.dict_name       mmcif_pdbx.dic 
_audit_conform.dict_version    5.389 
_audit_conform.dict_location   http://mmcif.pdb.org/dictionaries/ascii/mmcif_pdbx.dic 
# 
loop_
_database_2.database_id 
_database_2.database_code 
_database_2.pdbx_database_accession 
_database_2.pdbx_DOI 
PDB   2G6B         pdb_00002g6b 10.2210/pdb2g6b/pdb 
RCSB  RCSB036742   ?            ?                   
WWPDB D_1000036742 ?            ?                   
# 
loop_
_pdbx_audit_revision_history.ordinal 
_pdbx_audit_revision_history.data_content_type 
_pdbx_audit_revision_history.major_revision 
_pdbx_audit_revision_history.minor_revision 
_pdbx_audit_revision_history.revision_date 
1 'Structure model' 1 0 2006-03-14 
2 'Structure model' 1 1 2008-05-01 
3 'Structure model' 1 2 2011-07-13 
4 'Structure model' 1 3 2017-10-18 
5 'Structure model' 1 4 2024-02-14 
6 'Structure model' 1 5 2024-04-03 
# 
_pdbx_audit_revision_details.ordinal             1 
_pdbx_audit_revision_details.revision_ordinal    1 
_pdbx_audit_revision_details.data_content_type   'Structure model' 
_pdbx_audit_revision_details.provider            repository 
_pdbx_audit_revision_details.type                'Initial release' 
_pdbx_audit_revision_details.description         ? 
_pdbx_audit_revision_details.details             ? 
# 
loop_
_pdbx_audit_revision_group.ordinal 
_pdbx_audit_revision_group.revision_ordinal 
_pdbx_audit_revision_group.data_content_type 
_pdbx_audit_revision_group.group 
1 2 'Structure model' 'Version format compliance' 
2 3 'Structure model' 'Version format compliance' 
3 4 'Structure model' 'Refinement description'    
4 5 'Structure model' 'Data collection'           
5 5 'Structure model' 'Database references'       
6 5 'Structure model' 'Derived calculations'      
7 6 'Structure model' 'Refinement description'    
# 
loop_
_pdbx_audit_revision_category.ordinal 
_pdbx_audit_revision_category.revision_ordinal 
_pdbx_audit_revision_category.data_content_type 
_pdbx_audit_revision_category.category 
1 4 'Structure model' software                      
2 5 'Structure model' chem_comp_atom                
3 5 'Structure model' chem_comp_bond                
4 5 'Structure model' database_2                    
5 5 'Structure model' pdbx_struct_conn_angle        
6 5 'Structure model' struct_conn                   
7 5 'Structure model' struct_ref_seq_dif            
8 5 'Structure model' struct_site                   
9 6 'Structure model' pdbx_initial_refinement_model 
# 
loop_
_pdbx_audit_revision_item.ordinal 
_pdbx_audit_revision_item.revision_ordinal 
_pdbx_audit_revision_item.data_content_type 
_pdbx_audit_revision_item.item 
1  4 'Structure model' '_software.classification'                    
2  4 'Structure model' '_software.contact_author'                    
3  4 'Structure model' '_software.contact_author_email'              
4  4 'Structure model' '_software.date'                              
5  4 'Structure model' '_software.language'                          
6  4 'Structure model' '_software.location'                          
7  4 'Structure model' '_software.name'                              
8  4 'Structure model' '_software.type'                              
9  4 'Structure model' '_software.version'                           
10 5 'Structure model' '_database_2.pdbx_DOI'                        
11 5 'Structure model' '_database_2.pdbx_database_accession'         
12 5 'Structure model' '_pdbx_struct_conn_angle.ptnr1_auth_comp_id'  
13 5 'Structure model' '_pdbx_struct_conn_angle.ptnr1_auth_seq_id'   
14 5 'Structure model' '_pdbx_struct_conn_angle.ptnr1_label_asym_id' 
15 5 'Structure model' '_pdbx_struct_conn_angle.ptnr1_label_atom_id' 
16 5 'Structure model' '_pdbx_struct_conn_angle.ptnr1_label_comp_id' 
17 5 'Structure model' '_pdbx_struct_conn_angle.ptnr1_label_seq_id'  
18 5 'Structure model' '_pdbx_struct_conn_angle.ptnr3_auth_comp_id'  
19 5 'Structure model' '_pdbx_struct_conn_angle.ptnr3_auth_seq_id'   
20 5 'Structure model' '_pdbx_struct_conn_angle.ptnr3_label_asym_id' 
21 5 'Structure model' '_pdbx_struct_conn_angle.ptnr3_label_atom_id' 
22 5 'Structure model' '_pdbx_struct_conn_angle.ptnr3_label_comp_id' 
23 5 'Structure model' '_pdbx_struct_conn_angle.ptnr3_label_seq_id'  
24 5 'Structure model' '_pdbx_struct_conn_angle.value'               
25 5 'Structure model' '_struct_conn.pdbx_dist_value'                
26 5 'Structure model' '_struct_conn.ptnr1_auth_comp_id'             
27 5 'Structure model' '_struct_conn.ptnr1_auth_seq_id'              
28 5 'Structure model' '_struct_conn.ptnr1_label_asym_id'            
29 5 'Structure model' '_struct_conn.ptnr1_label_atom_id'            
30 5 'Structure model' '_struct_conn.ptnr1_label_comp_id'            
31 5 'Structure model' '_struct_conn.ptnr1_label_seq_id'             
32 5 'Structure model' '_struct_conn.ptnr2_auth_comp_id'             
33 5 'Structure model' '_struct_conn.ptnr2_auth_seq_id'              
34 5 'Structure model' '_struct_conn.ptnr2_label_asym_id'            
35 5 'Structure model' '_struct_conn.ptnr2_label_atom_id'            
36 5 'Structure model' '_struct_conn.ptnr2_label_comp_id'            
37 5 'Structure model' '_struct_conn.ptnr2_label_seq_id'             
38 5 'Structure model' '_struct_ref_seq_dif.details'                 
39 5 'Structure model' '_struct_site.pdbx_auth_asym_id'              
40 5 'Structure model' '_struct_site.pdbx_auth_comp_id'              
41 5 'Structure model' '_struct_site.pdbx_auth_seq_id'               
# 
_pdbx_database_status.entry_id                        2G6B 
_pdbx_database_status.deposit_site                    RCSB 
_pdbx_database_status.process_site                    RCSB 
_pdbx_database_status.recvd_initial_deposition_date   2006-02-24 
_pdbx_database_status.status_code                     REL 
_pdbx_database_status.status_code_sf                  REL 
_pdbx_database_status.status_code_mr                  ? 
_pdbx_database_status.SG_entry                        Y 
_pdbx_database_status.pdb_format_compatible           Y 
_pdbx_database_status.status_code_cs                  ? 
_pdbx_database_status.methods_development_category    ? 
_pdbx_database_status.status_code_nmr_data            ? 
# 
loop_
_audit_author.name 
_audit_author.pdbx_ordinal 
'Wang, J.'                             1  
'Tempel, W.'                           2  
'Shen, Y.'                             3  
'Shen, L.'                             4  
'Yaniw, D.'                            5  
'Arrowsmith, C.'                       6  
'Edwards, A.'                          7  
'Sundstrom, M.'                        8  
'Weigelt, J.'                          9  
'Bochkarev, A.'                        10 
'Park, H.'                             11 
'Structural Genomics Consortium (SGC)' 12 
# 
_citation.id                        primary 
_citation.title                     'Crystal structure of human RAB26 in complex with a GTP analogue' 
_citation.journal_abbrev            'To be Published' 
_citation.journal_volume            ? 
_citation.page_first                ? 
_citation.page_last                 ? 
_citation.year                      ? 
_citation.journal_id_ASTM           ? 
_citation.country                   ? 
_citation.journal_id_ISSN           ? 
_citation.journal_id_CSD            0353 
_citation.book_publisher            ? 
_citation.pdbx_database_id_PubMed   ? 
_citation.pdbx_database_id_DOI      ? 
# 
loop_
_citation_author.citation_id 
_citation_author.name 
_citation_author.ordinal 
_citation_author.identifier_ORCID 
primary 'Wang, J.'       1  ? 
primary 'Tempel, W.'     2  ? 
primary 'Shen, Y.'       3  ? 
primary 'Shen, L.'       4  ? 
primary 'Yaniw, D.'      5  ? 
primary 'Arrowsmith, C.' 6  ? 
primary 'Edwards, A.'    7  ? 
primary 'Sundstrom, M.'  8  ? 
primary 'Weigelt, J.'    9  ? 
primary 'Bochkarev, A.'  10 ? 
primary 'Park, H.'       11 ? 
# 
loop_
_entity.id 
_entity.type 
_entity.src_method 
_entity.pdbx_description 
_entity.formula_weight 
_entity.pdbx_number_of_molecules 
_entity.pdbx_ec 
_entity.pdbx_mutation 
_entity.pdbx_fragment 
_entity.details 
1 polymer     man 'Ras-related protein Rab-26'                  20095.055 1  ? ? 'residues 56-233' ? 
2 non-polymer syn 'MAGNESIUM ION'                               24.305    1  ? ? ?                 ? 
3 non-polymer syn 'PHOSPHOAMINOPHOSPHONIC ACID-GUANYLATE ESTER' 522.196   1  ? ? ?                 ? 
4 non-polymer syn 'UNKNOWN ATOM OR ION'                         ?         4  ? ? ?                 ? 
5 water       nat water                                         18.015    62 ? ? ?                 ? 
# 
_entity_poly.entity_id                      1 
_entity_poly.type                           'polypeptide(L)' 
_entity_poly.nstd_linkage                   no 
_entity_poly.nstd_monomer                   no 
_entity_poly.pdbx_seq_one_letter_code       
;GSGVDFYDVAFKVMLVGDSGVGKTCLLVRFKDGAFLAGTFISTVGIDFRNKVLDVDGVKVKLQMWDTAGQERFRSVTHAY
YRDAHALLLLYDVTNKASFDNIQAWLTEIHEYAQHDVALMLLGNKVDSAHERVVKREDGEKLAKEYGLPFMETSAKTGLN
VDLAFTAIAKELKRRSMKAP
;
_entity_poly.pdbx_seq_one_letter_code_can   
;GSGVDFYDVAFKVMLVGDSGVGKTCLLVRFKDGAFLAGTFISTVGIDFRNKVLDVDGVKVKLQMWDTAGQERFRSVTHAY
YRDAHALLLLYDVTNKASFDNIQAWLTEIHEYAQHDVALMLLGNKVDSAHERVVKREDGEKLAKEYGLPFMETSAKTGLN
VDLAFTAIAKELKRRSMKAP
;
_entity_poly.pdbx_strand_id                 A 
_entity_poly.pdbx_target_identifier         ? 
# 
loop_
_pdbx_entity_nonpoly.entity_id 
_pdbx_entity_nonpoly.name 
_pdbx_entity_nonpoly.comp_id 
2 'MAGNESIUM ION'                               MG  
3 'PHOSPHOAMINOPHOSPHONIC ACID-GUANYLATE ESTER' GNP 
4 'UNKNOWN ATOM OR ION'                         UNX 
5 water                                         HOH 
# 
loop_
_entity_poly_seq.entity_id 
_entity_poly_seq.num 
_entity_poly_seq.mon_id 
_entity_poly_seq.hetero 
1 1   GLY n 
1 2   SER n 
1 3   GLY n 
1 4   VAL n 
1 5   ASP n 
1 6   PHE n 
1 7   TYR n 
1 8   ASP n 
1 9   VAL n 
1 10  ALA n 
1 11  PHE n 
1 12  LYS n 
1 13  VAL n 
1 14  MET n 
1 15  LEU n 
1 16  VAL n 
1 17  GLY n 
1 18  ASP n 
1 19  SER n 
1 20  GLY n 
1 21  VAL n 
1 22  GLY n 
1 23  LYS n 
1 24  THR n 
1 25  CYS n 
1 26  LEU n 
1 27  LEU n 
1 28  VAL n 
1 29  ARG n 
1 30  PHE n 
1 31  LYS n 
1 32  ASP n 
1 33  GLY n 
1 34  ALA n 
1 35  PHE n 
1 36  LEU n 
1 37  ALA n 
1 38  GLY n 
1 39  THR n 
1 40  PHE n 
1 41  ILE n 
1 42  SER n 
1 43  THR n 
1 44  VAL n 
1 45  GLY n 
1 46  ILE n 
1 47  ASP n 
1 48  PHE n 
1 49  ARG n 
1 50  ASN n 
1 51  LYS n 
1 52  VAL n 
1 53  LEU n 
1 54  ASP n 
1 55  VAL n 
1 56  ASP n 
1 57  GLY n 
1 58  VAL n 
1 59  LYS n 
1 60  VAL n 
1 61  LYS n 
1 62  LEU n 
1 63  GLN n 
1 64  MET n 
1 65  TRP n 
1 66  ASP n 
1 67  THR n 
1 68  ALA n 
1 69  GLY n 
1 70  GLN n 
1 71  GLU n 
1 72  ARG n 
1 73  PHE n 
1 74  ARG n 
1 75  SER n 
1 76  VAL n 
1 77  THR n 
1 78  HIS n 
1 79  ALA n 
1 80  TYR n 
1 81  TYR n 
1 82  ARG n 
1 83  ASP n 
1 84  ALA n 
1 85  HIS n 
1 86  ALA n 
1 87  LEU n 
1 88  LEU n 
1 89  LEU n 
1 90  LEU n 
1 91  TYR n 
1 92  ASP n 
1 93  VAL n 
1 94  THR n 
1 95  ASN n 
1 96  LYS n 
1 97  ALA n 
1 98  SER n 
1 99  PHE n 
1 100 ASP n 
1 101 ASN n 
1 102 ILE n 
1 103 GLN n 
1 104 ALA n 
1 105 TRP n 
1 106 LEU n 
1 107 THR n 
1 108 GLU n 
1 109 ILE n 
1 110 HIS n 
1 111 GLU n 
1 112 TYR n 
1 113 ALA n 
1 114 GLN n 
1 115 HIS n 
1 116 ASP n 
1 117 VAL n 
1 118 ALA n 
1 119 LEU n 
1 120 MET n 
1 121 LEU n 
1 122 LEU n 
1 123 GLY n 
1 124 ASN n 
1 125 LYS n 
1 126 VAL n 
1 127 ASP n 
1 128 SER n 
1 129 ALA n 
1 130 HIS n 
1 131 GLU n 
1 132 ARG n 
1 133 VAL n 
1 134 VAL n 
1 135 LYS n 
1 136 ARG n 
1 137 GLU n 
1 138 ASP n 
1 139 GLY n 
1 140 GLU n 
1 141 LYS n 
1 142 LEU n 
1 143 ALA n 
1 144 LYS n 
1 145 GLU n 
1 146 TYR n 
1 147 GLY n 
1 148 LEU n 
1 149 PRO n 
1 150 PHE n 
1 151 MET n 
1 152 GLU n 
1 153 THR n 
1 154 SER n 
1 155 ALA n 
1 156 LYS n 
1 157 THR n 
1 158 GLY n 
1 159 LEU n 
1 160 ASN n 
1 161 VAL n 
1 162 ASP n 
1 163 LEU n 
1 164 ALA n 
1 165 PHE n 
1 166 THR n 
1 167 ALA n 
1 168 ILE n 
1 169 ALA n 
1 170 LYS n 
1 171 GLU n 
1 172 LEU n 
1 173 LYS n 
1 174 ARG n 
1 175 ARG n 
1 176 SER n 
1 177 MET n 
1 178 LYS n 
1 179 ALA n 
1 180 PRO n 
# 
_entity_src_gen.entity_id                          1 
_entity_src_gen.pdbx_src_id                        1 
_entity_src_gen.pdbx_alt_source_flag               sample 
_entity_src_gen.pdbx_seq_type                      ? 
_entity_src_gen.pdbx_beg_seq_num                   ? 
_entity_src_gen.pdbx_end_seq_num                   ? 
_entity_src_gen.gene_src_common_name               human 
_entity_src_gen.gene_src_genus                     Homo 
_entity_src_gen.pdbx_gene_src_gene                 RAB26 
_entity_src_gen.gene_src_species                   ? 
_entity_src_gen.gene_src_strain                    ? 
_entity_src_gen.gene_src_tissue                    ? 
_entity_src_gen.gene_src_tissue_fraction           ? 
_entity_src_gen.gene_src_details                   ? 
_entity_src_gen.pdbx_gene_src_fragment             ? 
_entity_src_gen.pdbx_gene_src_scientific_name      'Homo sapiens' 
_entity_src_gen.pdbx_gene_src_ncbi_taxonomy_id     9606 
_entity_src_gen.pdbx_gene_src_variant              ? 
_entity_src_gen.pdbx_gene_src_cell_line            ? 
_entity_src_gen.pdbx_gene_src_atcc                 ? 
_entity_src_gen.pdbx_gene_src_organ                ? 
_entity_src_gen.pdbx_gene_src_organelle            ? 
_entity_src_gen.pdbx_gene_src_cell                 ? 
_entity_src_gen.pdbx_gene_src_cellular_location    ? 
_entity_src_gen.host_org_common_name               ? 
_entity_src_gen.pdbx_host_org_scientific_name      'Escherichia coli' 
_entity_src_gen.pdbx_host_org_ncbi_taxonomy_id     562 
_entity_src_gen.host_org_genus                     Escherichia 
_entity_src_gen.pdbx_host_org_gene                 ? 
_entity_src_gen.pdbx_host_org_organ                ? 
_entity_src_gen.host_org_species                   ? 
_entity_src_gen.pdbx_host_org_tissue               ? 
_entity_src_gen.pdbx_host_org_tissue_fraction      ? 
_entity_src_gen.pdbx_host_org_strain               'BL21-CodonPlus (DE-3)-RIL' 
_entity_src_gen.pdbx_host_org_variant              ? 
_entity_src_gen.pdbx_host_org_cell_line            ? 
_entity_src_gen.pdbx_host_org_atcc                 ? 
_entity_src_gen.pdbx_host_org_culture_collection   ? 
_entity_src_gen.pdbx_host_org_cell                 ? 
_entity_src_gen.pdbx_host_org_organelle            ? 
_entity_src_gen.pdbx_host_org_cellular_location    ? 
_entity_src_gen.pdbx_host_org_vector_type          plasmid 
_entity_src_gen.pdbx_host_org_vector               ? 
_entity_src_gen.host_org_details                   ? 
_entity_src_gen.expression_system_id               ? 
_entity_src_gen.plasmid_name                       p28a-LIC 
_entity_src_gen.plasmid_details                    ? 
_entity_src_gen.pdbx_description                   ? 
# 
loop_
_chem_comp.id 
_chem_comp.type 
_chem_comp.mon_nstd_flag 
_chem_comp.name 
_chem_comp.pdbx_synonyms 
_chem_comp.formula 
_chem_comp.formula_weight 
ALA 'L-peptide linking' y ALANINE                                       ? 'C3 H7 N O2'        89.093  
ARG 'L-peptide linking' y ARGININE                                      ? 'C6 H15 N4 O2 1'    175.209 
ASN 'L-peptide linking' y ASPARAGINE                                    ? 'C4 H8 N2 O3'       132.118 
ASP 'L-peptide linking' y 'ASPARTIC ACID'                               ? 'C4 H7 N O4'        133.103 
CYS 'L-peptide linking' y CYSTEINE                                      ? 'C3 H7 N O2 S'      121.158 
GLN 'L-peptide linking' y GLUTAMINE                                     ? 'C5 H10 N2 O3'      146.144 
GLU 'L-peptide linking' y 'GLUTAMIC ACID'                               ? 'C5 H9 N O4'        147.129 
GLY 'peptide linking'   y GLYCINE                                       ? 'C2 H5 N O2'        75.067  
GNP non-polymer         . 'PHOSPHOAMINOPHOSPHONIC ACID-GUANYLATE ESTER' ? 'C10 H17 N6 O13 P3' 522.196 
HIS 'L-peptide linking' y HISTIDINE                                     ? 'C6 H10 N3 O2 1'    156.162 
HOH non-polymer         . WATER                                         ? 'H2 O'              18.015  
ILE 'L-peptide linking' y ISOLEUCINE                                    ? 'C6 H13 N O2'       131.173 
LEU 'L-peptide linking' y LEUCINE                                       ? 'C6 H13 N O2'       131.173 
LYS 'L-peptide linking' y LYSINE                                        ? 'C6 H15 N2 O2 1'    147.195 
MET 'L-peptide linking' y METHIONINE                                    ? 'C5 H11 N O2 S'     149.211 
MG  non-polymer         . 'MAGNESIUM ION'                               ? 'Mg 2'              24.305  
PHE 'L-peptide linking' y PHENYLALANINE                                 ? 'C9 H11 N O2'       165.189 
PRO 'L-peptide linking' y PROLINE                                       ? 'C5 H9 N O2'        115.130 
SER 'L-peptide linking' y SERINE                                        ? 'C3 H7 N O3'        105.093 
THR 'L-peptide linking' y THREONINE                                     ? 'C4 H9 N O3'        119.119 
TRP 'L-peptide linking' y TRYPTOPHAN                                    ? 'C11 H12 N2 O2'     204.225 
TYR 'L-peptide linking' y TYROSINE                                      ? 'C9 H11 N O3'       181.189 
UNX non-polymer         . 'UNKNOWN ATOM OR ION'                         ? ?                   ?       
VAL 'L-peptide linking' y VALINE                                        ? 'C5 H11 N O2'       117.146 
# 
loop_
_pdbx_poly_seq_scheme.asym_id 
_pdbx_poly_seq_scheme.entity_id 
_pdbx_poly_seq_scheme.seq_id 
_pdbx_poly_seq_scheme.mon_id 
_pdbx_poly_seq_scheme.ndb_seq_num 
_pdbx_poly_seq_scheme.pdb_seq_num 
_pdbx_poly_seq_scheme.auth_seq_num 
_pdbx_poly_seq_scheme.pdb_mon_id 
_pdbx_poly_seq_scheme.auth_mon_id 
_pdbx_poly_seq_scheme.pdb_strand_id 
_pdbx_poly_seq_scheme.pdb_ins_code 
_pdbx_poly_seq_scheme.hetero 
A 1 1   GLY 1   54  ?   ?   ?   A . n 
A 1 2   SER 2   55  ?   ?   ?   A . n 
A 1 3   GLY 3   56  ?   ?   ?   A . n 
A 1 4   VAL 4   57  ?   ?   ?   A . n 
A 1 5   ASP 5   58  58  ASP ASP A . n 
A 1 6   PHE 6   59  59  PHE PHE A . n 
A 1 7   TYR 7   60  60  TYR TYR A . n 
A 1 8   ASP 8   61  61  ASP ASP A . n 
A 1 9   VAL 9   62  62  VAL VAL A . n 
A 1 10  ALA 10  63  63  ALA ALA A . n 
A 1 11  PHE 11  64  64  PHE PHE A . n 
A 1 12  LYS 12  65  65  LYS LYS A . n 
A 1 13  VAL 13  66  66  VAL VAL A . n 
A 1 14  MET 14  67  67  MET MET A . n 
A 1 15  LEU 15  68  68  LEU LEU A . n 
A 1 16  VAL 16  69  69  VAL VAL A . n 
A 1 17  GLY 17  70  70  GLY GLY A . n 
A 1 18  ASP 18  71  71  ASP ASP A . n 
A 1 19  SER 19  72  72  SER SER A . n 
A 1 20  GLY 20  73  73  GLY GLY A . n 
A 1 21  VAL 21  74  74  VAL VAL A . n 
A 1 22  GLY 22  75  75  GLY GLY A . n 
A 1 23  LYS 23  76  76  LYS LYS A . n 
A 1 24  THR 24  77  77  THR THR A . n 
A 1 25  CYS 25  78  78  CYS CYS A . n 
A 1 26  LEU 26  79  79  LEU LEU A . n 
A 1 27  LEU 27  80  80  LEU LEU A . n 
A 1 28  VAL 28  81  81  VAL VAL A . n 
A 1 29  ARG 29  82  82  ARG ARG A . n 
A 1 30  PHE 30  83  83  PHE PHE A . n 
A 1 31  LYS 31  84  84  LYS LYS A . n 
A 1 32  ASP 32  85  85  ASP ASP A . n 
A 1 33  GLY 33  86  86  GLY GLY A . n 
A 1 34  ALA 34  87  87  ALA ALA A . n 
A 1 35  PHE 35  88  88  PHE PHE A . n 
A 1 36  LEU 36  89  89  LEU LEU A . n 
A 1 37  ALA 37  90  90  ALA ALA A . n 
A 1 38  GLY 38  91  91  GLY GLY A . n 
A 1 39  THR 39  92  92  THR THR A . n 
A 1 40  PHE 40  93  93  PHE PHE A . n 
A 1 41  ILE 41  94  94  ILE ILE A . n 
A 1 42  SER 42  95  95  SER SER A . n 
A 1 43  THR 43  96  96  THR THR A . n 
A 1 44  VAL 44  97  97  VAL VAL A . n 
A 1 45  GLY 45  98  98  GLY GLY A . n 
A 1 46  ILE 46  99  99  ILE ILE A . n 
A 1 47  ASP 47  100 100 ASP ASP A . n 
A 1 48  PHE 48  101 101 PHE PHE A . n 
A 1 49  ARG 49  102 102 ARG ARG A . n 
A 1 50  ASN 50  103 103 ASN ASN A . n 
A 1 51  LYS 51  104 104 LYS LYS A . n 
A 1 52  VAL 52  105 105 VAL VAL A . n 
A 1 53  LEU 53  106 106 LEU LEU A . n 
A 1 54  ASP 54  107 107 ASP ASP A . n 
A 1 55  VAL 55  108 108 VAL VAL A . n 
A 1 56  ASP 56  109 109 ASP ASP A . n 
A 1 57  GLY 57  110 110 GLY GLY A . n 
A 1 58  VAL 58  111 111 VAL VAL A . n 
A 1 59  LYS 59  112 112 LYS LYS A . n 
A 1 60  VAL 60  113 113 VAL VAL A . n 
A 1 61  LYS 61  114 114 LYS LYS A . n 
A 1 62  LEU 62  115 115 LEU LEU A . n 
A 1 63  GLN 63  116 116 GLN GLN A . n 
A 1 64  MET 64  117 117 MET MET A . n 
A 1 65  TRP 65  118 118 TRP TRP A . n 
A 1 66  ASP 66  119 119 ASP ASP A . n 
A 1 67  THR 67  120 120 THR THR A . n 
A 1 68  ALA 68  121 121 ALA ALA A . n 
A 1 69  GLY 69  122 122 GLY GLY A . n 
A 1 70  GLN 70  123 123 GLN GLN A . n 
A 1 71  GLU 71  124 ?   ?   ?   A . n 
A 1 72  ARG 72  125 ?   ?   ?   A . n 
A 1 73  PHE 73  126 ?   ?   ?   A . n 
A 1 74  ARG 74  127 ?   ?   ?   A . n 
A 1 75  SER 75  128 ?   ?   ?   A . n 
A 1 76  VAL 76  129 ?   ?   ?   A . n 
A 1 77  THR 77  130 ?   ?   ?   A . n 
A 1 78  HIS 78  131 ?   ?   ?   A . n 
A 1 79  ALA 79  132 132 ALA ALA A . n 
A 1 80  TYR 80  133 133 TYR TYR A . n 
A 1 81  TYR 81  134 134 TYR TYR A . n 
A 1 82  ARG 82  135 135 ARG ARG A . n 
A 1 83  ASP 83  136 136 ASP ASP A . n 
A 1 84  ALA 84  137 137 ALA ALA A . n 
A 1 85  HIS 85  138 138 HIS HIS A . n 
A 1 86  ALA 86  139 139 ALA ALA A . n 
A 1 87  LEU 87  140 140 LEU LEU A . n 
A 1 88  LEU 88  141 141 LEU LEU A . n 
A 1 89  LEU 89  142 142 LEU LEU A . n 
A 1 90  LEU 90  143 143 LEU LEU A . n 
A 1 91  TYR 91  144 144 TYR TYR A . n 
A 1 92  ASP 92  145 145 ASP ASP A . n 
A 1 93  VAL 93  146 146 VAL VAL A . n 
A 1 94  THR 94  147 147 THR THR A . n 
A 1 95  ASN 95  148 148 ASN ASN A . n 
A 1 96  LYS 96  149 149 LYS LYS A . n 
A 1 97  ALA 97  150 150 ALA ALA A . n 
A 1 98  SER 98  151 151 SER SER A . n 
A 1 99  PHE 99  152 152 PHE PHE A . n 
A 1 100 ASP 100 153 153 ASP ASP A . n 
A 1 101 ASN 101 154 154 ASN ASN A . n 
A 1 102 ILE 102 155 155 ILE ILE A . n 
A 1 103 GLN 103 156 156 GLN GLN A . n 
A 1 104 ALA 104 157 157 ALA ALA A . n 
A 1 105 TRP 105 158 158 TRP TRP A . n 
A 1 106 LEU 106 159 159 LEU LEU A . n 
A 1 107 THR 107 160 160 THR THR A . n 
A 1 108 GLU 108 161 161 GLU GLU A . n 
A 1 109 ILE 109 162 162 ILE ILE A . n 
A 1 110 HIS 110 163 163 HIS HIS A . n 
A 1 111 GLU 111 164 164 GLU GLU A . n 
A 1 112 TYR 112 165 165 TYR TYR A . n 
A 1 113 ALA 113 166 166 ALA ALA A . n 
A 1 114 GLN 114 167 167 GLN GLN A . n 
A 1 115 HIS 115 168 168 HIS HIS A . n 
A 1 116 ASP 116 169 169 ASP ASP A . n 
A 1 117 VAL 117 170 170 VAL VAL A . n 
A 1 118 ALA 118 171 171 ALA ALA A . n 
A 1 119 LEU 119 172 172 LEU LEU A . n 
A 1 120 MET 120 173 173 MET MET A . n 
A 1 121 LEU 121 174 174 LEU LEU A . n 
A 1 122 LEU 122 175 175 LEU LEU A . n 
A 1 123 GLY 123 176 176 GLY GLY A . n 
A 1 124 ASN 124 177 177 ASN ASN A . n 
A 1 125 LYS 125 178 178 LYS LYS A . n 
A 1 126 VAL 126 179 179 VAL VAL A . n 
A 1 127 ASP 127 180 180 ASP ASP A . n 
A 1 128 SER 128 181 181 SER SER A . n 
A 1 129 ALA 129 182 182 ALA ALA A . n 
A 1 130 HIS 130 183 183 HIS HIS A . n 
A 1 131 GLU 131 184 184 GLU GLU A . n 
A 1 132 ARG 132 185 185 ARG ARG A . n 
A 1 133 VAL 133 186 186 VAL VAL A . n 
A 1 134 VAL 134 187 187 VAL VAL A . n 
A 1 135 LYS 135 188 188 LYS LYS A . n 
A 1 136 ARG 136 189 189 ARG ARG A . n 
A 1 137 GLU 137 190 190 GLU GLU A . n 
A 1 138 ASP 138 191 191 ASP ASP A . n 
A 1 139 GLY 139 192 192 GLY GLY A . n 
A 1 140 GLU 140 193 193 GLU GLU A . n 
A 1 141 LYS 141 194 194 LYS LYS A . n 
A 1 142 LEU 142 195 195 LEU LEU A . n 
A 1 143 ALA 143 196 196 ALA ALA A . n 
A 1 144 LYS 144 197 197 LYS LYS A . n 
A 1 145 GLU 145 198 198 GLU GLU A . n 
A 1 146 TYR 146 199 199 TYR TYR A . n 
A 1 147 GLY 147 200 200 GLY GLY A . n 
A 1 148 LEU 148 201 201 LEU LEU A . n 
A 1 149 PRO 149 202 202 PRO PRO A . n 
A 1 150 PHE 150 203 203 PHE PHE A . n 
A 1 151 MET 151 204 204 MET MET A . n 
A 1 152 GLU 152 205 205 GLU GLU A . n 
A 1 153 THR 153 206 206 THR THR A . n 
A 1 154 SER 154 207 207 SER SER A . n 
A 1 155 ALA 155 208 208 ALA ALA A . n 
A 1 156 LYS 156 209 209 LYS LYS A . n 
A 1 157 THR 157 210 210 THR THR A . n 
A 1 158 GLY 158 211 211 GLY GLY A . n 
A 1 159 LEU 159 212 212 LEU LEU A . n 
A 1 160 ASN 160 213 213 ASN ASN A . n 
A 1 161 VAL 161 214 214 VAL VAL A . n 
A 1 162 ASP 162 215 215 ASP ASP A . n 
A 1 163 LEU 163 216 216 LEU LEU A . n 
A 1 164 ALA 164 217 217 ALA ALA A . n 
A 1 165 PHE 165 218 218 PHE PHE A . n 
A 1 166 THR 166 219 219 THR THR A . n 
A 1 167 ALA 167 220 220 ALA ALA A . n 
A 1 168 ILE 168 221 221 ILE ILE A . n 
A 1 169 ALA 169 222 222 ALA ALA A . n 
A 1 170 LYS 170 223 223 LYS LYS A . n 
A 1 171 GLU 171 224 224 GLU GLU A . n 
A 1 172 LEU 172 225 225 LEU LEU A . n 
A 1 173 LYS 173 226 226 LYS LYS A . n 
A 1 174 ARG 174 227 227 ARG ARG A . n 
A 1 175 ARG 175 228 ?   ?   ?   A . n 
A 1 176 SER 176 229 ?   ?   ?   A . n 
A 1 177 MET 177 230 ?   ?   ?   A . n 
A 1 178 LYS 178 231 ?   ?   ?   A . n 
A 1 179 ALA 179 232 ?   ?   ?   A . n 
A 1 180 PRO 180 233 ?   ?   ?   A . n 
# 
loop_
_pdbx_nonpoly_scheme.asym_id 
_pdbx_nonpoly_scheme.entity_id 
_pdbx_nonpoly_scheme.mon_id 
_pdbx_nonpoly_scheme.ndb_seq_num 
_pdbx_nonpoly_scheme.pdb_seq_num 
_pdbx_nonpoly_scheme.auth_seq_num 
_pdbx_nonpoly_scheme.pdb_mon_id 
_pdbx_nonpoly_scheme.auth_mon_id 
_pdbx_nonpoly_scheme.pdb_strand_id 
_pdbx_nonpoly_scheme.pdb_ins_code 
B 2 MG  1  301 301 MG  MG  A . 
C 3 GNP 1  302 302 GNP GNP A . 
D 4 UNX 1  501 501 UNX UNX A . 
E 4 UNX 1  502 502 UNX UNX A . 
F 4 UNX 1  503 503 UNX UNX A . 
G 4 UNX 1  504 504 UNX UNX A . 
H 5 HOH 1  401 401 HOH HOH A . 
H 5 HOH 2  402 402 HOH HOH A . 
H 5 HOH 3  403 403 HOH HOH A . 
H 5 HOH 4  404 404 HOH HOH A . 
H 5 HOH 5  405 405 HOH HOH A . 
H 5 HOH 6  406 406 HOH HOH A . 
H 5 HOH 7  407 407 HOH HOH A . 
H 5 HOH 8  408 408 HOH HOH A . 
H 5 HOH 9  409 409 HOH HOH A . 
H 5 HOH 10 410 410 HOH HOH A . 
H 5 HOH 11 411 411 HOH HOH A . 
H 5 HOH 12 412 412 HOH HOH A . 
H 5 HOH 13 413 413 HOH HOH A . 
H 5 HOH 14 414 414 HOH HOH A . 
H 5 HOH 15 415 415 HOH HOH A . 
H 5 HOH 16 416 416 HOH HOH A . 
H 5 HOH 17 417 417 HOH HOH A . 
H 5 HOH 18 418 418 HOH HOH A . 
H 5 HOH 19 419 419 HOH HOH A . 
H 5 HOH 20 420 420 HOH HOH A . 
H 5 HOH 21 421 421 HOH HOH A . 
H 5 HOH 22 422 422 HOH HOH A . 
H 5 HOH 23 423 423 HOH HOH A . 
H 5 HOH 24 424 424 HOH HOH A . 
H 5 HOH 25 425 425 HOH HOH A . 
H 5 HOH 26 426 426 HOH HOH A . 
H 5 HOH 27 427 427 HOH HOH A . 
H 5 HOH 28 428 428 HOH HOH A . 
H 5 HOH 29 429 429 HOH HOH A . 
H 5 HOH 30 430 430 HOH HOH A . 
H 5 HOH 31 431 431 HOH HOH A . 
H 5 HOH 32 432 432 HOH HOH A . 
H 5 HOH 33 433 433 HOH HOH A . 
H 5 HOH 34 434 434 HOH HOH A . 
H 5 HOH 35 435 435 HOH HOH A . 
H 5 HOH 36 436 436 HOH HOH A . 
H 5 HOH 37 437 437 HOH HOH A . 
H 5 HOH 38 438 438 HOH HOH A . 
H 5 HOH 39 439 439 HOH HOH A . 
H 5 HOH 40 440 440 HOH HOH A . 
H 5 HOH 41 441 441 HOH HOH A . 
H 5 HOH 42 442 442 HOH HOH A . 
H 5 HOH 43 443 443 HOH HOH A . 
H 5 HOH 44 444 444 HOH HOH A . 
H 5 HOH 45 445 445 HOH HOH A . 
H 5 HOH 46 446 446 HOH HOH A . 
H 5 HOH 47 447 447 HOH HOH A . 
H 5 HOH 48 448 448 HOH HOH A . 
H 5 HOH 49 449 449 HOH HOH A . 
H 5 HOH 50 450 450 HOH HOH A . 
H 5 HOH 51 451 451 HOH HOH A . 
H 5 HOH 52 452 452 HOH HOH A . 
H 5 HOH 53 453 453 HOH HOH A . 
H 5 HOH 54 454 454 HOH HOH A . 
H 5 HOH 55 455 455 HOH HOH A . 
H 5 HOH 56 456 456 HOH HOH A . 
H 5 HOH 57 457 457 HOH HOH A . 
H 5 HOH 58 458 458 HOH HOH A . 
H 5 HOH 59 459 459 HOH HOH A . 
H 5 HOH 60 460 460 HOH HOH A . 
H 5 HOH 61 461 461 HOH HOH A . 
H 5 HOH 62 462 462 HOH HOH A . 
# 
loop_
_pdbx_unobs_or_zero_occ_atoms.id 
_pdbx_unobs_or_zero_occ_atoms.PDB_model_num 
_pdbx_unobs_or_zero_occ_atoms.polymer_flag 
_pdbx_unobs_or_zero_occ_atoms.occupancy_flag 
_pdbx_unobs_or_zero_occ_atoms.auth_asym_id 
_pdbx_unobs_or_zero_occ_atoms.auth_comp_id 
_pdbx_unobs_or_zero_occ_atoms.auth_seq_id 
_pdbx_unobs_or_zero_occ_atoms.PDB_ins_code 
_pdbx_unobs_or_zero_occ_atoms.auth_atom_id 
_pdbx_unobs_or_zero_occ_atoms.label_alt_id 
_pdbx_unobs_or_zero_occ_atoms.label_asym_id 
_pdbx_unobs_or_zero_occ_atoms.label_comp_id 
_pdbx_unobs_or_zero_occ_atoms.label_seq_id 
_pdbx_unobs_or_zero_occ_atoms.label_atom_id 
1  1 Y 1 A LEU 89  ? CG  ? A LEU 36  CG  
2  1 Y 1 A LEU 89  ? CD1 ? A LEU 36  CD1 
3  1 Y 1 A LEU 89  ? CD2 ? A LEU 36  CD2 
4  1 Y 1 A TYR 133 ? CG  ? A TYR 80  CG  
5  1 Y 1 A TYR 133 ? CD1 ? A TYR 80  CD1 
6  1 Y 1 A TYR 133 ? CD2 ? A TYR 80  CD2 
7  1 Y 1 A TYR 133 ? CE1 ? A TYR 80  CE1 
8  1 Y 1 A TYR 133 ? CE2 ? A TYR 80  CE2 
9  1 Y 1 A TYR 133 ? CZ  ? A TYR 80  CZ  
10 1 Y 1 A TYR 133 ? OH  ? A TYR 80  OH  
11 1 Y 1 A ARG 135 ? CG  ? A ARG 82  CG  
12 1 Y 1 A ARG 135 ? CD  ? A ARG 82  CD  
13 1 Y 1 A ARG 135 ? NE  ? A ARG 82  NE  
14 1 Y 1 A ARG 135 ? CZ  ? A ARG 82  CZ  
15 1 Y 1 A ARG 135 ? NH1 ? A ARG 82  NH1 
16 1 Y 1 A ARG 135 ? NH2 ? A ARG 82  NH2 
17 1 Y 1 A GLU 184 ? CG  ? A GLU 131 CG  
18 1 Y 1 A GLU 184 ? CD  ? A GLU 131 CD  
19 1 Y 1 A GLU 184 ? OE1 ? A GLU 131 OE1 
20 1 Y 1 A GLU 184 ? OE2 ? A GLU 131 OE2 
21 1 Y 1 A GLU 190 ? CG  ? A GLU 137 CG  
22 1 Y 1 A GLU 190 ? CD  ? A GLU 137 CD  
23 1 Y 1 A GLU 190 ? OE1 ? A GLU 137 OE1 
24 1 Y 1 A GLU 190 ? OE2 ? A GLU 137 OE2 
# 
loop_
_software.name 
_software.version 
_software.date 
_software.type 
_software.contact_author 
_software.contact_author_email 
_software.classification 
_software.location 
_software.language 
_software.citation_id 
_software.pdbx_ordinal 
DENZO       .               ?              package 'Zbyszek Otwinowski' zbyszek@mix.swmed.edu       'data reduction'  
http://www.lnls.br/infra/linhasluz/denzo-hkl.htm ?       ? 1 
SCALEPACK   .               ?              package 'Zbyszek Otwinowski' zbyszek@mix.swmed.edu       'data scaling'    
http://www.lnls.br/infra/linhasluz/denzo-hkl.htm ?       ? 2 
PHASER      .               ?              ?       'R. J. Read'         cimr-phaser@lists.cam.ac.uk phasing           
http://www-structmed.cimr.cam.ac.uk/phaser/      ?       ? 3 
REFMAC      refmac_5.2.0019 24/04/2001     ?       'Murshudov, G.N.'    ccp4@dl.ac.uk               refinement        
http://www.ccp4.ac.uk/main.html                  Fortran ? 4 
PDB_EXTRACT 1.701           'Nov. 1, 2005' package PDB                  sw-help@rcsb.rutgers.edu    'data extraction' 
http://pdb.rutgers.edu/software/                 C++     ? 5 
# 
_cell.length_a           34.368 
_cell.length_b           55.614 
_cell.length_c           92.300 
_cell.angle_alpha        90.00 
_cell.angle_beta         90.00 
_cell.angle_gamma        90.00 
_cell.entry_id           2G6B 
_cell.pdbx_unique_axis   ? 
_cell.Z_PDB              4 
_cell.length_a_esd       ? 
_cell.length_b_esd       ? 
_cell.length_c_esd       ? 
_cell.angle_alpha_esd    ? 
_cell.angle_beta_esd     ? 
_cell.angle_gamma_esd    ? 
# 
_symmetry.space_group_name_H-M             'P 21 21 21' 
_symmetry.Int_Tables_number                19 
_symmetry.entry_id                         2G6B 
_symmetry.pdbx_full_space_group_name_H-M   ? 
_symmetry.cell_setting                     ? 
_symmetry.space_group_name_Hall            ? 
# 
_exptl.crystals_number   1 
_exptl.method            'X-RAY DIFFRACTION' 
_exptl.entry_id          2G6B 
# 
_exptl_crystal.id                    1 
_exptl_crystal.density_percent_sol   49.2 
_exptl_crystal.density_Matthews      2.4 
_exptl_crystal.density_meas          ? 
_exptl_crystal.description           ? 
_exptl_crystal.F_000                 ? 
_exptl_crystal.preparation           ? 
# 
_exptl_crystal_grow.crystal_id      1 
_exptl_crystal_grow.method          'VAPOR DIFFUSION, SITTING DROP' 
_exptl_crystal_grow.pH              7.5 
_exptl_crystal_grow.temp            291 
_exptl_crystal_grow.pdbx_details    '25% PEG3350, 0.1M NH4SO4, 0.1M HEPES, pH 7.5, vapor diffusion, sitting drop, temperature 291K' 
_exptl_crystal_grow.temp_details    ? 
_exptl_crystal_grow.pdbx_pH_range   . 
# 
_diffrn.id                     1 
_diffrn.ambient_temp           100 
_diffrn.ambient_temp_details   ? 
_diffrn.crystal_id             1 
# 
_diffrn_detector.diffrn_id              1 
_diffrn_detector.detector               'IMAGE PLATE' 
_diffrn_detector.type                   'RIGAKU RAXIS' 
_diffrn_detector.pdbx_collection_date   2006-02-22 
_diffrn_detector.details                ? 
# 
_diffrn_radiation.diffrn_id                        1 
_diffrn_radiation.pdbx_diffrn_protocol             'SINGLE WAVELENGTH' 
_diffrn_radiation.monochromator                    ? 
_diffrn_radiation.wavelength_id                    1 
_diffrn_radiation.pdbx_monochromatic_or_laue_m_l   M 
_diffrn_radiation.pdbx_scattering_type             x-ray 
# 
_diffrn_radiation_wavelength.id           1 
_diffrn_radiation_wavelength.wavelength   1.5418 
_diffrn_radiation_wavelength.wt           1.0 
# 
_diffrn_source.diffrn_id                   1 
_diffrn_source.source                      'ROTATING ANODE' 
_diffrn_source.type                        RIGAKU 
_diffrn_source.pdbx_wavelength_list        1.5418 
_diffrn_source.pdbx_wavelength             ? 
_diffrn_source.pdbx_synchrotron_site       ? 
_diffrn_source.pdbx_synchrotron_beamline   ? 
# 
_reflns.entry_id                     2G6B 
_reflns.d_resolution_high            2.000 
_reflns.d_resolution_low             30.000 
_reflns.number_obs                   12581 
_reflns.pdbx_Rmerge_I_obs            0.173 
_reflns.pdbx_netI_over_sigmaI        4.400 
_reflns.pdbx_chi_squared             1.017 
_reflns.pdbx_redundancy              7.600 
_reflns.percent_possible_obs         99.500 
_reflns.observed_criterion_sigma_F   ? 
_reflns.observed_criterion_sigma_I   ? 
_reflns.number_all                   ? 
_reflns.pdbx_Rsym_value              ? 
_reflns.B_iso_Wilson_estimate        ? 
_reflns.R_free_details               ? 
_reflns.limit_h_max                  ? 
_reflns.limit_h_min                  ? 
_reflns.limit_k_max                  ? 
_reflns.limit_k_min                  ? 
_reflns.limit_l_max                  ? 
_reflns.limit_l_min                  ? 
_reflns.observed_criterion_F_max     ? 
_reflns.observed_criterion_F_min     ? 
_reflns.pdbx_scaling_rejects         ? 
_reflns.pdbx_diffrn_id               1 
_reflns.pdbx_ordinal                 1 
# 
loop_
_reflns_shell.d_res_high 
_reflns_shell.d_res_low 
_reflns_shell.number_measured_obs 
_reflns_shell.number_measured_all 
_reflns_shell.number_unique_obs 
_reflns_shell.Rmerge_I_obs 
_reflns_shell.meanI_over_sigI_obs 
_reflns_shell.pdbx_Rsym_value 
_reflns_shell.pdbx_chi_squared 
_reflns_shell.pdbx_redundancy 
_reflns_shell.percent_possible_obs 
_reflns_shell.number_unique_all 
_reflns_shell.percent_possible_all 
_reflns_shell.pdbx_diffrn_id 
_reflns_shell.pdbx_ordinal 
2.00 2.07  ? ? 1178 0.841 ? ? 0.863 6.30 95.70  ? ? ? 1  
2.07 2.15  ? ? 1224 0.716 ? ? 0.866 7.20 99.30  ? ? ? 2  
2.15 2.25  ? ? 1240 0.603 ? ? 0.923 7.70 100.00 ? ? ? 3  
2.25 2.37  ? ? 1231 0.495 ? ? 0.903 7.80 99.90  ? ? ? 4  
2.37 2.52  ? ? 1253 0.44  ? ? 0.927 7.80 100.00 ? ? ? 5  
2.52 2.71  ? ? 1250 0.358 ? ? 0.909 7.90 100.00 ? ? ? 6  
2.71 2.99  ? ? 1259 0.235 ? ? 1.042 7.90 100.00 ? ? ? 7  
2.99 3.42  ? ? 1277 0.139 ? ? 1.122 7.90 100.00 ? ? ? 8  
3.42 4.31  ? ? 1286 0.088 ? ? 1.274 7.80 100.00 ? ? ? 9  
4.31 30.00 ? ? 1383 0.068 ? ? 1.262 7.40 100.00 ? ? ? 10 
# 
_refine.details                                  
'HYDROGENS HAVE BEEN ADDED IN THE RIDING POSITIONS. ARP/wARP was also used for the refinement.' 
_refine.B_iso_mean                               19.721 
_refine.aniso_B[1][1]                            0.059 
_refine.aniso_B[2][2]                            0.615 
_refine.aniso_B[3][3]                            -0.674 
_refine.aniso_B[1][2]                            0.000 
_refine.aniso_B[1][3]                            0.000 
_refine.aniso_B[2][3]                            0.000 
_refine.solvent_model_details                    'MASK BULK SOLVENT' 
_refine.pdbx_solvent_vdw_probe_radii             1.200 
_refine.pdbx_solvent_ion_probe_radii             0.800 
_refine.pdbx_solvent_shrinkage_radii             0.800 
_refine.ls_d_res_high                            2.000 
_refine.ls_d_res_low                             30.000 
_refine.ls_number_reflns_R_free                  609 
_refine.ls_number_reflns_obs                     12491 
_refine.ls_R_factor_R_work                       0.2096 
_refine.ls_R_factor_R_free                       0.2769 
_refine.ls_R_factor_all                          0.213 
_refine.ls_wR_factor_R_work                      0.181 
_refine.ls_wR_factor_R_free                      0.236 
_refine.ls_percent_reflns_obs                    99.673 
_refine.ls_percent_reflns_R_free                 4.876 
_refine.correlation_coeff_Fo_to_Fc               0.936 
_refine.correlation_coeff_Fo_to_Fc_free          0.888 
_refine.pdbx_overall_ESU_R                       0.198 
_refine.pdbx_overall_ESU_R_Free                  0.192 
_refine.overall_SU_ML                            0.133 
_refine.overall_SU_B                             4.670 
_refine.entry_id                                 2G6B 
_refine.pdbx_ls_sigma_F                          ? 
_refine.pdbx_ls_sigma_I                          ? 
_refine.ls_number_reflns_all                     ? 
_refine.ls_R_factor_obs                          ? 
_refine.ls_redundancy_reflns_obs                 ? 
_refine.pdbx_data_cutoff_high_absF               ? 
_refine.pdbx_data_cutoff_low_absF                ? 
_refine.ls_number_parameters                     ? 
_refine.ls_number_restraints                     ? 
_refine.ls_R_factor_R_free_error                 ? 
_refine.ls_R_factor_R_free_error_details         ? 
_refine.pdbx_method_to_determine_struct          'MOLECULAR REPLACEMENT' 
_refine.pdbx_starting_model                      'pdb entry 1G16_A' 
_refine.pdbx_ls_cross_valid_method               ? 
_refine.pdbx_R_Free_selection_details            ? 
_refine.pdbx_stereochem_target_val_spec_case     ? 
_refine.pdbx_stereochemistry_target_values       ? 
_refine.solvent_model_param_bsol                 ? 
_refine.solvent_model_param_ksol                 ? 
_refine.occupancy_max                            ? 
_refine.occupancy_min                            ? 
_refine.pdbx_isotropic_thermal_model             ? 
_refine.B_iso_min                                ? 
_refine.B_iso_max                                ? 
_refine.overall_SU_R_Cruickshank_DPI             ? 
_refine.overall_SU_R_free                        ? 
_refine.pdbx_data_cutoff_high_rms_absF           ? 
_refine.overall_FOM_free_R_set                   ? 
_refine.overall_FOM_work_R_set                   ? 
_refine.pdbx_refine_id                           'X-RAY DIFFRACTION' 
_refine.pdbx_diffrn_id                           1 
_refine.pdbx_TLS_residual_ADP_flag               ? 
_refine.pdbx_overall_phase_error                 ? 
_refine.pdbx_overall_SU_R_free_Cruickshank_DPI   ? 
_refine.pdbx_overall_SU_R_Blow_DPI               ? 
_refine.pdbx_overall_SU_R_free_Blow_DPI          ? 
# 
_refine_hist.pdbx_refine_id                   'X-RAY DIFFRACTION' 
_refine_hist.cycle_id                         LAST 
_refine_hist.pdbx_number_atoms_protein        1272 
_refine_hist.pdbx_number_atoms_nucleic_acid   0 
_refine_hist.pdbx_number_atoms_ligand         37 
_refine_hist.number_atoms_solvent             62 
_refine_hist.number_atoms_total               1371 
_refine_hist.d_res_high                       2.000 
_refine_hist.d_res_low                        30.000 
# 
loop_
_refine_ls_restr.type 
_refine_ls_restr.number 
_refine_ls_restr.dev_ideal 
_refine_ls_restr.dev_ideal_target 
_refine_ls_restr.weight 
_refine_ls_restr.pdbx_refine_id 
_refine_ls_restr.pdbx_restraint_function 
r_bond_refined_d         1331 0.018  0.022  ? 'X-RAY DIFFRACTION' ? 
r_bond_other_d           865  0.002  0.020  ? 'X-RAY DIFFRACTION' ? 
r_angle_refined_deg      1810 1.461  1.984  ? 'X-RAY DIFFRACTION' ? 
r_angle_other_deg        2117 1.018  3.000  ? 'X-RAY DIFFRACTION' ? 
r_dihedral_angle_1_deg   167  5.400  5.000  ? 'X-RAY DIFFRACTION' ? 
r_dihedral_angle_2_deg   57   34.279 24.386 ? 'X-RAY DIFFRACTION' ? 
r_dihedral_angle_3_deg   226  13.782 15.000 ? 'X-RAY DIFFRACTION' ? 
r_dihedral_angle_4_deg   6    17.854 15.000 ? 'X-RAY DIFFRACTION' ? 
r_chiral_restr           206  0.080  0.200  ? 'X-RAY DIFFRACTION' ? 
r_gen_planes_refined     1469 0.006  0.020  ? 'X-RAY DIFFRACTION' ? 
r_gen_planes_other       271  0.003  0.020  ? 'X-RAY DIFFRACTION' ? 
r_nbd_refined            261  0.200  0.300  ? 'X-RAY DIFFRACTION' ? 
r_nbd_other              890  0.209  0.300  ? 'X-RAY DIFFRACTION' ? 
r_nbtor_refined          612  0.177  0.500  ? 'X-RAY DIFFRACTION' ? 
r_nbtor_other            672  0.087  0.500  ? 'X-RAY DIFFRACTION' ? 
r_xyhbond_nbd_refined    123  0.167  0.500  ? 'X-RAY DIFFRACTION' ? 
r_metal_ion_refined      1    0.027  0.500  ? 'X-RAY DIFFRACTION' ? 
r_symmetry_vdw_refined   5    0.202  0.300  ? 'X-RAY DIFFRACTION' ? 
r_symmetry_vdw_other     16   0.310  0.300  ? 'X-RAY DIFFRACTION' ? 
r_symmetry_hbond_refined 7    0.311  0.500  ? 'X-RAY DIFFRACTION' ? 
r_mcbond_it              839  2.367  2.000  ? 'X-RAY DIFFRACTION' ? 
r_mcbond_other           340  0.558  2.000  ? 'X-RAY DIFFRACTION' ? 
r_mcangle_it             1291 3.220  3.000  ? 'X-RAY DIFFRACTION' ? 
r_scbond_it              583  2.342  2.000  ? 'X-RAY DIFFRACTION' ? 
r_scangle_it             516  3.249  3.000  ? 'X-RAY DIFFRACTION' ? 
# 
loop_
_refine_ls_shell.pdbx_total_number_of_bins_used 
_refine_ls_shell.d_res_low 
_refine_ls_shell.d_res_high 
_refine_ls_shell.number_reflns_all 
_refine_ls_shell.percent_reflns_obs 
_refine_ls_shell.number_reflns_R_work 
_refine_ls_shell.R_factor_R_work 
_refine_ls_shell.R_factor_all 
_refine_ls_shell.number_reflns_R_free 
_refine_ls_shell.R_factor_R_free 
_refine_ls_shell.number_reflns_obs 
_refine_ls_shell.R_factor_R_free_error 
_refine_ls_shell.percent_reflns_R_free 
_refine_ls_shell.redundancy_reflns_obs 
_refine_ls_shell.pdbx_refine_id 
20 2.052  2.000 917 97.165  849 0.272 0.278 42 0.408 . . . . 'X-RAY DIFFRACTION' 
20 2.108  2.052 865 99.884  811 0.239 0.246 53 0.356 . . . . 'X-RAY DIFFRACTION' 
20 2.169  2.108 864 98.727  809 0.233 0.240 44 0.382 . . . . 'X-RAY DIFFRACTION' 
20 2.235  2.169 823 100.000 787 0.217 0.220 36 0.281 . . . . 'X-RAY DIFFRACTION' 
20 2.308  2.235 824 99.879  780 0.204 0.208 43 0.261 . . . . 'X-RAY DIFFRACTION' 
20 2.388  2.308 772 100.000 734 0.204 0.207 38 0.247 . . . . 'X-RAY DIFFRACTION' 
20 2.478  2.388 759 100.000 721 0.208 0.210 38 0.251 . . . . 'X-RAY DIFFRACTION' 
20 2.578  2.478 729 99.726  693 0.216 0.220 34 0.298 . . . . 'X-RAY DIFFRACTION' 
20 2.692  2.578 708 100.000 673 0.223 0.224 35 0.244 . . . . 'X-RAY DIFFRACTION' 
20 2.822  2.692 677 100.000 648 0.224 0.227 29 0.297 . . . . 'X-RAY DIFFRACTION' 
20 2.973  2.822 654 100.000 624 0.226 0.227 30 0.244 . . . . 'X-RAY DIFFRACTION' 
20 3.152  2.973 609 100.000 579 0.221 0.223 30 0.253 . . . . 'X-RAY DIFFRACTION' 
20 3.367  3.152 572 100.000 551 0.202 0.204 21 0.246 . . . . 'X-RAY DIFFRACTION' 
20 3.633  3.367 548 100.000 519 0.185 0.191 29 0.334 . . . . 'X-RAY DIFFRACTION' 
20 3.974  3.633 496 100.000 472 0.192 0.196 24 0.28  . . . . 'X-RAY DIFFRACTION' 
20 4.433  3.974 462 100.000 436 0.167 0.172 26 0.244 . . . . 'X-RAY DIFFRACTION' 
20 5.100  4.433 419 100.000 402 0.163 0.166 17 0.236 . . . . 'X-RAY DIFFRACTION' 
20 6.202  5.100 351 100.000 339 0.248 0.251 12 0.349 . . . . 'X-RAY DIFFRACTION' 
20 8.589  6.202 291 100.000 270 0.246 0.251 21 0.317 . . . . 'X-RAY DIFFRACTION' 
20 30.000 8.589 192 100.000 185 0.232 0.227 7  0.128 . . . . 'X-RAY DIFFRACTION' 
# 
_struct.entry_id                  2G6B 
_struct.title                     'Crystal structure of human RAB26 in complex with a GTP analogue' 
_struct.pdbx_model_details        ? 
_struct.pdbx_CASP_flag            ? 
_struct.pdbx_model_type_details   ? 
# 
_struct_keywords.text            
'G-PROTEIN, RAB, GTP ANALOGUE, Structural Genomics, Structural Genomics Consortium, SGC, UNKNOWN FUNCTION' 
_struct_keywords.entry_id        2G6B 
_struct_keywords.pdbx_keywords   'STRUCTURAL GENOMICS, UNKNOWN FUNCTION' 
# 
loop_
_struct_asym.id 
_struct_asym.pdbx_blank_PDB_chainid_flag 
_struct_asym.pdbx_modified 
_struct_asym.entity_id 
_struct_asym.details 
A N N 1 ? 
B N N 2 ? 
C N N 3 ? 
D N N 4 ? 
E N N 4 ? 
F N N 4 ? 
G N N 4 ? 
H N N 5 ? 
# 
_struct_ref.id                         1 
_struct_ref.db_name                    UNP 
_struct_ref.db_code                    RAB26_HUMAN 
_struct_ref.pdbx_db_accession          Q9ULW5 
_struct_ref.entity_id                  1 
_struct_ref.pdbx_align_begin           54 
_struct_ref.pdbx_db_isoform            ? 
_struct_ref.pdbx_seq_one_letter_code   ? 
# 
_struct_ref_seq.align_id                      1 
_struct_ref_seq.ref_id                        1 
_struct_ref_seq.pdbx_PDB_id_code              2G6B 
_struct_ref_seq.pdbx_strand_id                A 
_struct_ref_seq.seq_align_beg                 3 
_struct_ref_seq.pdbx_seq_align_beg_ins_code   ? 
_struct_ref_seq.seq_align_end                 180 
_struct_ref_seq.pdbx_seq_align_end_ins_code   ? 
_struct_ref_seq.pdbx_db_accession             Q9ULW5 
_struct_ref_seq.db_align_beg                  54 
_struct_ref_seq.pdbx_db_align_beg_ins_code    ? 
_struct_ref_seq.db_align_end                  233 
_struct_ref_seq.pdbx_db_align_end_ins_code    ? 
_struct_ref_seq.pdbx_auth_seq_align_beg       56 
_struct_ref_seq.pdbx_auth_seq_align_end       233 
# 
loop_
_struct_ref_seq_dif.align_id 
_struct_ref_seq_dif.pdbx_pdb_id_code 
_struct_ref_seq_dif.mon_id 
_struct_ref_seq_dif.pdbx_pdb_strand_id 
_struct_ref_seq_dif.seq_num 
_struct_ref_seq_dif.pdbx_pdb_ins_code 
_struct_ref_seq_dif.pdbx_seq_db_name 
_struct_ref_seq_dif.pdbx_seq_db_accession_code 
_struct_ref_seq_dif.db_mon_id 
_struct_ref_seq_dif.pdbx_seq_db_seq_num 
_struct_ref_seq_dif.details 
_struct_ref_seq_dif.pdbx_auth_seq_num 
_struct_ref_seq_dif.pdbx_ordinal 
1 2G6B GLY A 1 ? UNP Q9ULW5 ? ? 'cloning artifact' 54 1 
1 2G6B SER A 2 ? UNP Q9ULW5 ? ? 'cloning artifact' 55 2 
# 
_pdbx_struct_assembly.id                   1 
_pdbx_struct_assembly.details              author_defined_assembly 
_pdbx_struct_assembly.method_details       ? 
_pdbx_struct_assembly.oligomeric_details   monomeric 
_pdbx_struct_assembly.oligomeric_count     1 
# 
_pdbx_struct_assembly_gen.assembly_id       1 
_pdbx_struct_assembly_gen.oper_expression   1 
_pdbx_struct_assembly_gen.asym_id_list      A,B,C,D,E,F,G,H 
# 
_pdbx_struct_oper_list.id                   1 
_pdbx_struct_oper_list.type                 'identity operation' 
_pdbx_struct_oper_list.name                 1_555 
_pdbx_struct_oper_list.symmetry_operation   x,y,z 
_pdbx_struct_oper_list.matrix[1][1]         1.0000000000 
_pdbx_struct_oper_list.matrix[1][2]         0.0000000000 
_pdbx_struct_oper_list.matrix[1][3]         0.0000000000 
_pdbx_struct_oper_list.vector[1]            0.0000000000 
_pdbx_struct_oper_list.matrix[2][1]         0.0000000000 
_pdbx_struct_oper_list.matrix[2][2]         1.0000000000 
_pdbx_struct_oper_list.matrix[2][3]         0.0000000000 
_pdbx_struct_oper_list.vector[2]            0.0000000000 
_pdbx_struct_oper_list.matrix[3][1]         0.0000000000 
_pdbx_struct_oper_list.matrix[3][2]         0.0000000000 
_pdbx_struct_oper_list.matrix[3][3]         1.0000000000 
_pdbx_struct_oper_list.vector[3]            0.0000000000 
# 
_struct_biol.id                    1 
_struct_biol.details               'not known' 
_struct_biol.pdbx_parent_biol_id   ? 
# 
loop_
_struct_conf.conf_type_id 
_struct_conf.id 
_struct_conf.pdbx_PDB_helix_id 
_struct_conf.beg_label_comp_id 
_struct_conf.beg_label_asym_id 
_struct_conf.beg_label_seq_id 
_struct_conf.pdbx_beg_PDB_ins_code 
_struct_conf.end_label_comp_id 
_struct_conf.end_label_asym_id 
_struct_conf.end_label_seq_id 
_struct_conf.pdbx_end_PDB_ins_code 
_struct_conf.beg_auth_comp_id 
_struct_conf.beg_auth_asym_id 
_struct_conf.beg_auth_seq_id 
_struct_conf.end_auth_comp_id 
_struct_conf.end_auth_asym_id 
_struct_conf.end_auth_seq_id 
_struct_conf.pdbx_PDB_helix_class 
_struct_conf.details 
_struct_conf.pdbx_PDB_helix_length 
HELX_P HELX_P1 1 GLY A 22  ? GLY A 33  ? GLY A 75  GLY A 86  1 ? 12 
HELX_P HELX_P2 2 TYR A 80  ? ALA A 84  ? TYR A 133 ALA A 137 5 ? 5  
HELX_P HELX_P3 3 ASN A 95  ? ASN A 101 ? ASN A 148 ASN A 154 1 ? 7  
HELX_P HELX_P4 4 ASN A 101 ? ALA A 113 ? ASN A 154 ALA A 166 1 ? 13 
HELX_P HELX_P5 5 LYS A 135 ? TYR A 146 ? LYS A 188 TYR A 199 1 ? 12 
HELX_P HELX_P6 6 ASN A 160 ? ARG A 174 ? ASN A 213 ARG A 227 1 ? 15 
# 
_struct_conf_type.id          HELX_P 
_struct_conf_type.criteria    ? 
_struct_conf_type.reference   ? 
# 
loop_
_struct_conn.id 
_struct_conn.conn_type_id 
_struct_conn.pdbx_leaving_atom_flag 
_struct_conn.pdbx_PDB_id 
_struct_conn.ptnr1_label_asym_id 
_struct_conn.ptnr1_label_comp_id 
_struct_conn.ptnr1_label_seq_id 
_struct_conn.ptnr1_label_atom_id 
_struct_conn.pdbx_ptnr1_label_alt_id 
_struct_conn.pdbx_ptnr1_PDB_ins_code 
_struct_conn.pdbx_ptnr1_standard_comp_id 
_struct_conn.ptnr1_symmetry 
_struct_conn.ptnr2_label_asym_id 
_struct_conn.ptnr2_label_comp_id 
_struct_conn.ptnr2_label_seq_id 
_struct_conn.ptnr2_label_atom_id 
_struct_conn.pdbx_ptnr2_label_alt_id 
_struct_conn.pdbx_ptnr2_PDB_ins_code 
_struct_conn.ptnr1_auth_asym_id 
_struct_conn.ptnr1_auth_comp_id 
_struct_conn.ptnr1_auth_seq_id 
_struct_conn.ptnr2_auth_asym_id 
_struct_conn.ptnr2_auth_comp_id 
_struct_conn.ptnr2_auth_seq_id 
_struct_conn.ptnr2_symmetry 
_struct_conn.pdbx_ptnr3_label_atom_id 
_struct_conn.pdbx_ptnr3_label_seq_id 
_struct_conn.pdbx_ptnr3_label_comp_id 
_struct_conn.pdbx_ptnr3_label_asym_id 
_struct_conn.pdbx_ptnr3_label_alt_id 
_struct_conn.pdbx_ptnr3_PDB_ins_code 
_struct_conn.details 
_struct_conn.pdbx_dist_value 
_struct_conn.pdbx_value_order 
_struct_conn.pdbx_role 
metalc1 metalc ? ? A THR 24 OG1 ? ? ? 1_555 B MG  . MG  ? ? A THR 77  A MG  301 1_555 ? ? ? ? ? ? ? 2.022 ? ? 
metalc2 metalc ? ? A THR 43 OG1 ? ? ? 1_555 B MG  . MG  ? ? A THR 96  A MG  301 1_555 ? ? ? ? ? ? ? 2.097 ? ? 
metalc3 metalc ? ? B MG  .  MG  ? ? ? 1_555 C GNP . O2G ? ? A MG  301 A GNP 302 1_555 ? ? ? ? ? ? ? 2.018 ? ? 
metalc4 metalc ? ? B MG  .  MG  ? ? ? 1_555 C GNP . O2B ? ? A MG  301 A GNP 302 1_555 ? ? ? ? ? ? ? 2.043 ? ? 
metalc5 metalc ? ? B MG  .  MG  ? ? ? 1_555 H HOH . O   ? ? A MG  301 A HOH 458 1_555 ? ? ? ? ? ? ? 2.051 ? ? 
metalc6 metalc ? ? B MG  .  MG  ? ? ? 1_555 H HOH . O   ? ? A MG  301 A HOH 459 1_555 ? ? ? ? ? ? ? 1.962 ? ? 
# 
_struct_conn_type.id          metalc 
_struct_conn_type.criteria    ? 
_struct_conn_type.reference   ? 
# 
loop_
_pdbx_struct_conn_angle.id 
_pdbx_struct_conn_angle.ptnr1_label_atom_id 
_pdbx_struct_conn_angle.ptnr1_label_alt_id 
_pdbx_struct_conn_angle.ptnr1_label_asym_id 
_pdbx_struct_conn_angle.ptnr1_label_comp_id 
_pdbx_struct_conn_angle.ptnr1_label_seq_id 
_pdbx_struct_conn_angle.ptnr1_auth_atom_id 
_pdbx_struct_conn_angle.ptnr1_auth_asym_id 
_pdbx_struct_conn_angle.ptnr1_auth_comp_id 
_pdbx_struct_conn_angle.ptnr1_auth_seq_id 
_pdbx_struct_conn_angle.ptnr1_PDB_ins_code 
_pdbx_struct_conn_angle.ptnr1_symmetry 
_pdbx_struct_conn_angle.ptnr2_label_atom_id 
_pdbx_struct_conn_angle.ptnr2_label_alt_id 
_pdbx_struct_conn_angle.ptnr2_label_asym_id 
_pdbx_struct_conn_angle.ptnr2_label_comp_id 
_pdbx_struct_conn_angle.ptnr2_label_seq_id 
_pdbx_struct_conn_angle.ptnr2_auth_atom_id 
_pdbx_struct_conn_angle.ptnr2_auth_asym_id 
_pdbx_struct_conn_angle.ptnr2_auth_comp_id 
_pdbx_struct_conn_angle.ptnr2_auth_seq_id 
_pdbx_struct_conn_angle.ptnr2_PDB_ins_code 
_pdbx_struct_conn_angle.ptnr2_symmetry 
_pdbx_struct_conn_angle.ptnr3_label_atom_id 
_pdbx_struct_conn_angle.ptnr3_label_alt_id 
_pdbx_struct_conn_angle.ptnr3_label_asym_id 
_pdbx_struct_conn_angle.ptnr3_label_comp_id 
_pdbx_struct_conn_angle.ptnr3_label_seq_id 
_pdbx_struct_conn_angle.ptnr3_auth_atom_id 
_pdbx_struct_conn_angle.ptnr3_auth_asym_id 
_pdbx_struct_conn_angle.ptnr3_auth_comp_id 
_pdbx_struct_conn_angle.ptnr3_auth_seq_id 
_pdbx_struct_conn_angle.ptnr3_PDB_ins_code 
_pdbx_struct_conn_angle.ptnr3_symmetry 
_pdbx_struct_conn_angle.value 
_pdbx_struct_conn_angle.value_esd 
1  OG1 ? A THR 24 ? A THR 77  ? 1_555 MG ? B MG . ? A MG 301 ? 1_555 OG1 ? A THR 43 ? A THR 96  ? 1_555 84.5  ? 
2  OG1 ? A THR 24 ? A THR 77  ? 1_555 MG ? B MG . ? A MG 301 ? 1_555 O2G ? C GNP .  ? A GNP 302 ? 1_555 169.2 ? 
3  OG1 ? A THR 43 ? A THR 96  ? 1_555 MG ? B MG . ? A MG 301 ? 1_555 O2G ? C GNP .  ? A GNP 302 ? 1_555 84.8  ? 
4  OG1 ? A THR 24 ? A THR 77  ? 1_555 MG ? B MG . ? A MG 301 ? 1_555 O2B ? C GNP .  ? A GNP 302 ? 1_555 93.9  ? 
5  OG1 ? A THR 43 ? A THR 96  ? 1_555 MG ? B MG . ? A MG 301 ? 1_555 O2B ? C GNP .  ? A GNP 302 ? 1_555 172.8 ? 
6  O2G ? C GNP .  ? A GNP 302 ? 1_555 MG ? B MG . ? A MG 301 ? 1_555 O2B ? C GNP .  ? A GNP 302 ? 1_555 96.9  ? 
7  OG1 ? A THR 24 ? A THR 77  ? 1_555 MG ? B MG . ? A MG 301 ? 1_555 O   ? H HOH .  ? A HOH 458 ? 1_555 91.8  ? 
8  OG1 ? A THR 43 ? A THR 96  ? 1_555 MG ? B MG . ? A MG 301 ? 1_555 O   ? H HOH .  ? A HOH 458 ? 1_555 83.2  ? 
9  O2G ? C GNP .  ? A GNP 302 ? 1_555 MG ? B MG . ? A MG 301 ? 1_555 O   ? H HOH .  ? A HOH 458 ? 1_555 88.5  ? 
10 O2B ? C GNP .  ? A GNP 302 ? 1_555 MG ? B MG . ? A MG 301 ? 1_555 O   ? H HOH .  ? A HOH 458 ? 1_555 89.9  ? 
11 OG1 ? A THR 24 ? A THR 77  ? 1_555 MG ? B MG . ? A MG 301 ? 1_555 O   ? H HOH .  ? A HOH 459 ? 1_555 84.3  ? 
12 OG1 ? A THR 43 ? A THR 96  ? 1_555 MG ? B MG . ? A MG 301 ? 1_555 O   ? H HOH .  ? A HOH 459 ? 1_555 96.5  ? 
13 O2G ? C GNP .  ? A GNP 302 ? 1_555 MG ? B MG . ? A MG 301 ? 1_555 O   ? H HOH .  ? A HOH 459 ? 1_555 95.3  ? 
14 O2B ? C GNP .  ? A GNP 302 ? 1_555 MG ? B MG . ? A MG 301 ? 1_555 O   ? H HOH .  ? A HOH 459 ? 1_555 90.2  ? 
15 O   ? H HOH .  ? A HOH 458 ? 1_555 MG ? B MG . ? A MG 301 ? 1_555 O   ? H HOH .  ? A HOH 459 ? 1_555 176.2 ? 
# 
_struct_sheet.id               A 
_struct_sheet.type             ? 
_struct_sheet.number_strands   6 
_struct_sheet.details          ? 
# 
loop_
_struct_sheet_order.sheet_id 
_struct_sheet_order.range_id_1 
_struct_sheet_order.range_id_2 
_struct_sheet_order.offset 
_struct_sheet_order.sense 
A 1 2 ? anti-parallel 
A 2 3 ? parallel      
A 3 4 ? parallel      
A 4 5 ? parallel      
A 5 6 ? parallel      
# 
loop_
_struct_sheet_range.sheet_id 
_struct_sheet_range.id 
_struct_sheet_range.beg_label_comp_id 
_struct_sheet_range.beg_label_asym_id 
_struct_sheet_range.beg_label_seq_id 
_struct_sheet_range.pdbx_beg_PDB_ins_code 
_struct_sheet_range.end_label_comp_id 
_struct_sheet_range.end_label_asym_id 
_struct_sheet_range.end_label_seq_id 
_struct_sheet_range.pdbx_end_PDB_ins_code 
_struct_sheet_range.beg_auth_comp_id 
_struct_sheet_range.beg_auth_asym_id 
_struct_sheet_range.beg_auth_seq_id 
_struct_sheet_range.end_auth_comp_id 
_struct_sheet_range.end_auth_asym_id 
_struct_sheet_range.end_auth_seq_id 
A 1 ASP A 47  ? VAL A 55  ? ASP A 100 VAL A 108 
A 2 VAL A 58  ? ASP A 66  ? VAL A 111 ASP A 119 
A 3 VAL A 9   ? VAL A 16  ? VAL A 62  VAL A 69  
A 4 ALA A 86  ? ASP A 92  ? ALA A 139 ASP A 145 
A 5 ALA A 118 ? ASN A 124 ? ALA A 171 ASN A 177 
A 6 PHE A 150 ? GLU A 152 ? PHE A 203 GLU A 205 
# 
loop_
_pdbx_struct_sheet_hbond.sheet_id 
_pdbx_struct_sheet_hbond.range_id_1 
_pdbx_struct_sheet_hbond.range_id_2 
_pdbx_struct_sheet_hbond.range_1_label_atom_id 
_pdbx_struct_sheet_hbond.range_1_label_comp_id 
_pdbx_struct_sheet_hbond.range_1_label_asym_id 
_pdbx_struct_sheet_hbond.range_1_label_seq_id 
_pdbx_struct_sheet_hbond.range_1_PDB_ins_code 
_pdbx_struct_sheet_hbond.range_1_auth_atom_id 
_pdbx_struct_sheet_hbond.range_1_auth_comp_id 
_pdbx_struct_sheet_hbond.range_1_auth_asym_id 
_pdbx_struct_sheet_hbond.range_1_auth_seq_id 
_pdbx_struct_sheet_hbond.range_2_label_atom_id 
_pdbx_struct_sheet_hbond.range_2_label_comp_id 
_pdbx_struct_sheet_hbond.range_2_label_asym_id 
_pdbx_struct_sheet_hbond.range_2_label_seq_id 
_pdbx_struct_sheet_hbond.range_2_PDB_ins_code 
_pdbx_struct_sheet_hbond.range_2_auth_atom_id 
_pdbx_struct_sheet_hbond.range_2_auth_comp_id 
_pdbx_struct_sheet_hbond.range_2_auth_asym_id 
_pdbx_struct_sheet_hbond.range_2_auth_seq_id 
A 1 2 N LYS A 51  ? N LYS A 104 O LEU A 62  ? O LEU A 115 
A 2 3 O LYS A 61  ? O LYS A 114 N VAL A 9   ? N VAL A 62  
A 3 4 N MET A 14  ? N MET A 67  O LEU A 88  ? O LEU A 141 
A 4 5 N LEU A 89  ? N LEU A 142 O MET A 120 ? O MET A 173 
A 5 6 N LEU A 121 ? N LEU A 174 O MET A 151 ? O MET A 204 
# 
loop_
_struct_site.id 
_struct_site.pdbx_evidence_code 
_struct_site.pdbx_auth_asym_id 
_struct_site.pdbx_auth_comp_id 
_struct_site.pdbx_auth_seq_id 
_struct_site.pdbx_auth_ins_code 
_struct_site.pdbx_num_residues 
_struct_site.details 
AC1 Software A MG  301 ? 5  'BINDING SITE FOR RESIDUE MG A 301'  
AC2 Software A GNP 302 ? 25 'BINDING SITE FOR RESIDUE GNP A 302' 
AC3 Software A UNX 501 ? 3  'BINDING SITE FOR RESIDUE UNX A 501' 
AC4 Software A UNX 502 ? 3  'BINDING SITE FOR RESIDUE UNX A 502' 
AC5 Software A UNX 503 ? 6  'BINDING SITE FOR RESIDUE UNX A 503' 
AC6 Software A UNX 504 ? 3  'BINDING SITE FOR RESIDUE UNX A 504' 
# 
loop_
_struct_site_gen.id 
_struct_site_gen.site_id 
_struct_site_gen.pdbx_num_res 
_struct_site_gen.label_comp_id 
_struct_site_gen.label_asym_id 
_struct_site_gen.label_seq_id 
_struct_site_gen.pdbx_auth_ins_code 
_struct_site_gen.auth_comp_id 
_struct_site_gen.auth_asym_id 
_struct_site_gen.auth_seq_id 
_struct_site_gen.label_atom_id 
_struct_site_gen.label_alt_id 
_struct_site_gen.symmetry 
_struct_site_gen.details 
1  AC1 5  THR A 24  ? THR A 77  . ? 1_555 ? 
2  AC1 5  THR A 43  ? THR A 96  . ? 1_555 ? 
3  AC1 5  GNP C .   ? GNP A 302 . ? 1_555 ? 
4  AC1 5  HOH H .   ? HOH A 458 . ? 1_555 ? 
5  AC1 5  HOH H .   ? HOH A 459 . ? 1_555 ? 
6  AC2 25 SER A 19  ? SER A 72  . ? 1_555 ? 
7  AC2 25 GLY A 20  ? GLY A 73  . ? 1_555 ? 
8  AC2 25 VAL A 21  ? VAL A 74  . ? 1_555 ? 
9  AC2 25 GLY A 22  ? GLY A 75  . ? 1_555 ? 
10 AC2 25 LYS A 23  ? LYS A 76  . ? 1_555 ? 
11 AC2 25 THR A 24  ? THR A 77  . ? 1_555 ? 
12 AC2 25 CYS A 25  ? CYS A 78  . ? 1_555 ? 
13 AC2 25 PHE A 35  ? PHE A 88  . ? 1_555 ? 
14 AC2 25 PHE A 40  ? PHE A 93  . ? 1_555 ? 
15 AC2 25 SER A 42  ? SER A 95  . ? 1_555 ? 
16 AC2 25 THR A 43  ? THR A 96  . ? 1_555 ? 
17 AC2 25 GLY A 69  ? GLY A 122 . ? 1_555 ? 
18 AC2 25 ASN A 124 ? ASN A 177 . ? 1_555 ? 
19 AC2 25 LYS A 125 ? LYS A 178 . ? 1_555 ? 
20 AC2 25 ASP A 127 ? ASP A 180 . ? 1_555 ? 
21 AC2 25 ALA A 129 ? ALA A 182 . ? 1_555 ? 
22 AC2 25 SER A 154 ? SER A 207 . ? 1_555 ? 
23 AC2 25 ALA A 155 ? ALA A 208 . ? 1_555 ? 
24 AC2 25 LYS A 156 ? LYS A 209 . ? 1_555 ? 
25 AC2 25 MG  B .   ? MG  A 301 . ? 1_555 ? 
26 AC2 25 HOH H .   ? HOH A 403 . ? 1_555 ? 
27 AC2 25 HOH H .   ? HOH A 432 . ? 1_555 ? 
28 AC2 25 HOH H .   ? HOH A 446 . ? 1_555 ? 
29 AC2 25 HOH H .   ? HOH A 458 . ? 1_555 ? 
30 AC2 25 HOH H .   ? HOH A 459 . ? 1_555 ? 
31 AC3 3  ARG A 49  ? ARG A 102 . ? 1_555 ? 
32 AC3 3  ASN A 50  ? ASN A 103 . ? 1_555 ? 
33 AC3 3  GLN A 114 ? GLN A 167 . ? 4_555 ? 
34 AC4 3  LYS A 12  ? LYS A 65  . ? 1_555 ? 
35 AC4 3  TRP A 65  ? TRP A 118 . ? 1_555 ? 
36 AC4 3  ASP A 83  ? ASP A 136 . ? 1_555 ? 
37 AC5 6  TYR A 81  ? TYR A 134 . ? 1_555 ? 
38 AC5 6  ARG A 82  ? ARG A 135 . ? 1_555 ? 
39 AC5 6  ALA A 84  ? ALA A 137 . ? 1_555 ? 
40 AC5 6  ALA A 113 ? ALA A 166 . ? 1_555 ? 
41 AC5 6  GLN A 114 ? GLN A 167 . ? 1_555 ? 
42 AC5 6  VAL A 117 ? VAL A 170 . ? 1_555 ? 
43 AC6 3  PHE A 48  ? PHE A 101 . ? 4_455 ? 
44 AC6 3  ASP A 116 ? ASP A 169 . ? 1_555 ? 
45 AC6 3  HOH H .   ? HOH A 440 . ? 1_555 ? 
# 
_pdbx_validate_close_contact.id               1 
_pdbx_validate_close_contact.PDB_model_num    1 
_pdbx_validate_close_contact.auth_atom_id_1   O 
_pdbx_validate_close_contact.auth_asym_id_1   A 
_pdbx_validate_close_contact.auth_comp_id_1   TYR 
_pdbx_validate_close_contact.auth_seq_id_1    134 
_pdbx_validate_close_contact.PDB_ins_code_1   ? 
_pdbx_validate_close_contact.label_alt_id_1   ? 
_pdbx_validate_close_contact.auth_atom_id_2   UNK 
_pdbx_validate_close_contact.auth_asym_id_2   A 
_pdbx_validate_close_contact.auth_comp_id_2   UNX 
_pdbx_validate_close_contact.auth_seq_id_2    503 
_pdbx_validate_close_contact.PDB_ins_code_2   ? 
_pdbx_validate_close_contact.label_alt_id_2   ? 
_pdbx_validate_close_contact.dist             2.00 
# 
loop_
_pdbx_validate_rmsd_angle.id 
_pdbx_validate_rmsd_angle.PDB_model_num 
_pdbx_validate_rmsd_angle.auth_atom_id_1 
_pdbx_validate_rmsd_angle.auth_asym_id_1 
_pdbx_validate_rmsd_angle.auth_comp_id_1 
_pdbx_validate_rmsd_angle.auth_seq_id_1 
_pdbx_validate_rmsd_angle.PDB_ins_code_1 
_pdbx_validate_rmsd_angle.label_alt_id_1 
_pdbx_validate_rmsd_angle.auth_atom_id_2 
_pdbx_validate_rmsd_angle.auth_asym_id_2 
_pdbx_validate_rmsd_angle.auth_comp_id_2 
_pdbx_validate_rmsd_angle.auth_seq_id_2 
_pdbx_validate_rmsd_angle.PDB_ins_code_2 
_pdbx_validate_rmsd_angle.label_alt_id_2 
_pdbx_validate_rmsd_angle.auth_atom_id_3 
_pdbx_validate_rmsd_angle.auth_asym_id_3 
_pdbx_validate_rmsd_angle.auth_comp_id_3 
_pdbx_validate_rmsd_angle.auth_seq_id_3 
_pdbx_validate_rmsd_angle.PDB_ins_code_3 
_pdbx_validate_rmsd_angle.label_alt_id_3 
_pdbx_validate_rmsd_angle.angle_value 
_pdbx_validate_rmsd_angle.angle_target_value 
_pdbx_validate_rmsd_angle.angle_deviation 
_pdbx_validate_rmsd_angle.angle_standard_deviation 
_pdbx_validate_rmsd_angle.linker_flag 
1 1 NE A ARG 102 ? B CZ A ARG 102 ? B NH1 A ARG 102 ? B 116.20 120.30 -4.10 0.50 N 
2 1 NE A ARG 102 ? B CZ A ARG 102 ? B NH2 A ARG 102 ? B 123.42 120.30 3.12  0.50 N 
# 
_pdbx_validate_torsion.id              1 
_pdbx_validate_torsion.PDB_model_num   1 
_pdbx_validate_torsion.auth_comp_id    ASN 
_pdbx_validate_torsion.auth_asym_id    A 
_pdbx_validate_torsion.auth_seq_id     213 
_pdbx_validate_torsion.PDB_ins_code    ? 
_pdbx_validate_torsion.label_alt_id    ? 
_pdbx_validate_torsion.phi             55.32 
_pdbx_validate_torsion.psi             16.95 
# 
_pdbx_SG_project.id                    1 
_pdbx_SG_project.project_name          ? 
_pdbx_SG_project.full_name_of_center   'Structural Genomics Consortium' 
_pdbx_SG_project.initial_of_center     SGC 
# 
_pdbx_phasing_MR.entry_id                     2G6B 
_pdbx_phasing_MR.method_rotation              ? 
_pdbx_phasing_MR.method_translation           ? 
_pdbx_phasing_MR.model_details                ? 
_pdbx_phasing_MR.R_factor                     ? 
_pdbx_phasing_MR.R_rigid_body                 ? 
_pdbx_phasing_MR.correlation_coeff_Fo_to_Fc   ? 
_pdbx_phasing_MR.correlation_coeff_Io_to_Ic   ? 
_pdbx_phasing_MR.d_res_high_rotation          2.500 
_pdbx_phasing_MR.d_res_low_rotation           19.580 
_pdbx_phasing_MR.d_res_high_translation       2.500 
_pdbx_phasing_MR.d_res_low_translation        19.580 
_pdbx_phasing_MR.packing                      ? 
_pdbx_phasing_MR.reflns_percent_rotation      ? 
_pdbx_phasing_MR.reflns_percent_translation   ? 
_pdbx_phasing_MR.sigma_F_rotation             ? 
_pdbx_phasing_MR.sigma_F_translation          ? 
_pdbx_phasing_MR.sigma_I_rotation             ? 
_pdbx_phasing_MR.sigma_I_translation          ? 
# 
_phasing.method   mr 
# 
_pdbx_database_remark.id     300 
_pdbx_database_remark.text   
;BIOMOLECULE: 1 
THIS ENTRY CONTAINS THE CRYSTALLOGRAPHIC ASYMMETRIC UNIT
WHICH CONSISTS OF 1 CHAIN(S). THE BIOLOGICAL MOLECULE
FOR THE PROTEIN IS UNKNOWN.
;
# 
loop_
_pdbx_unobs_or_zero_occ_residues.id 
_pdbx_unobs_or_zero_occ_residues.PDB_model_num 
_pdbx_unobs_or_zero_occ_residues.polymer_flag 
_pdbx_unobs_or_zero_occ_residues.occupancy_flag 
_pdbx_unobs_or_zero_occ_residues.auth_asym_id 
_pdbx_unobs_or_zero_occ_residues.auth_comp_id 
_pdbx_unobs_or_zero_occ_residues.auth_seq_id 
_pdbx_unobs_or_zero_occ_residues.PDB_ins_code 
_pdbx_unobs_or_zero_occ_residues.label_asym_id 
_pdbx_unobs_or_zero_occ_residues.label_comp_id 
_pdbx_unobs_or_zero_occ_residues.label_seq_id 
1  1 Y 1 A GLY 54  ? A GLY 1   
2  1 Y 1 A SER 55  ? A SER 2   
3  1 Y 1 A GLY 56  ? A GLY 3   
4  1 Y 1 A VAL 57  ? A VAL 4   
5  1 Y 1 A GLU 124 ? A GLU 71  
6  1 Y 1 A ARG 125 ? A ARG 72  
7  1 Y 1 A PHE 126 ? A PHE 73  
8  1 Y 1 A ARG 127 ? A ARG 74  
9  1 Y 1 A SER 128 ? A SER 75  
10 1 Y 1 A VAL 129 ? A VAL 76  
11 1 Y 1 A THR 130 ? A THR 77  
12 1 Y 1 A HIS 131 ? A HIS 78  
13 1 Y 1 A ARG 228 ? A ARG 175 
14 1 Y 1 A SER 229 ? A SER 176 
15 1 Y 1 A MET 230 ? A MET 177 
16 1 Y 1 A LYS 231 ? A LYS 178 
17 1 Y 1 A ALA 232 ? A ALA 179 
18 1 Y 1 A PRO 233 ? A PRO 180 
# 
loop_
_chem_comp_atom.comp_id 
_chem_comp_atom.atom_id 
_chem_comp_atom.type_symbol 
_chem_comp_atom.pdbx_aromatic_flag 
_chem_comp_atom.pdbx_stereo_config 
_chem_comp_atom.pdbx_ordinal 
ALA N      N  N N 1   
ALA CA     C  N S 2   
ALA C      C  N N 3   
ALA O      O  N N 4   
ALA CB     C  N N 5   
ALA OXT    O  N N 6   
ALA H      H  N N 7   
ALA H2     H  N N 8   
ALA HA     H  N N 9   
ALA HB1    H  N N 10  
ALA HB2    H  N N 11  
ALA HB3    H  N N 12  
ALA HXT    H  N N 13  
ARG N      N  N N 14  
ARG CA     C  N S 15  
ARG C      C  N N 16  
ARG O      O  N N 17  
ARG CB     C  N N 18  
ARG CG     C  N N 19  
ARG CD     C  N N 20  
ARG NE     N  N N 21  
ARG CZ     C  N N 22  
ARG NH1    N  N N 23  
ARG NH2    N  N N 24  
ARG OXT    O  N N 25  
ARG H      H  N N 26  
ARG H2     H  N N 27  
ARG HA     H  N N 28  
ARG HB2    H  N N 29  
ARG HB3    H  N N 30  
ARG HG2    H  N N 31  
ARG HG3    H  N N 32  
ARG HD2    H  N N 33  
ARG HD3    H  N N 34  
ARG HE     H  N N 35  
ARG HH11   H  N N 36  
ARG HH12   H  N N 37  
ARG HH21   H  N N 38  
ARG HH22   H  N N 39  
ARG HXT    H  N N 40  
ASN N      N  N N 41  
ASN CA     C  N S 42  
ASN C      C  N N 43  
ASN O      O  N N 44  
ASN CB     C  N N 45  
ASN CG     C  N N 46  
ASN OD1    O  N N 47  
ASN ND2    N  N N 48  
ASN OXT    O  N N 49  
ASN H      H  N N 50  
ASN H2     H  N N 51  
ASN HA     H  N N 52  
ASN HB2    H  N N 53  
ASN HB3    H  N N 54  
ASN HD21   H  N N 55  
ASN HD22   H  N N 56  
ASN HXT    H  N N 57  
ASP N      N  N N 58  
ASP CA     C  N S 59  
ASP C      C  N N 60  
ASP O      O  N N 61  
ASP CB     C  N N 62  
ASP CG     C  N N 63  
ASP OD1    O  N N 64  
ASP OD2    O  N N 65  
ASP OXT    O  N N 66  
ASP H      H  N N 67  
ASP H2     H  N N 68  
ASP HA     H  N N 69  
ASP HB2    H  N N 70  
ASP HB3    H  N N 71  
ASP HD2    H  N N 72  
ASP HXT    H  N N 73  
CYS N      N  N N 74  
CYS CA     C  N R 75  
CYS C      C  N N 76  
CYS O      O  N N 77  
CYS CB     C  N N 78  
CYS SG     S  N N 79  
CYS OXT    O  N N 80  
CYS H      H  N N 81  
CYS H2     H  N N 82  
CYS HA     H  N N 83  
CYS HB2    H  N N 84  
CYS HB3    H  N N 85  
CYS HG     H  N N 86  
CYS HXT    H  N N 87  
GLN N      N  N N 88  
GLN CA     C  N S 89  
GLN C      C  N N 90  
GLN O      O  N N 91  
GLN CB     C  N N 92  
GLN CG     C  N N 93  
GLN CD     C  N N 94  
GLN OE1    O  N N 95  
GLN NE2    N  N N 96  
GLN OXT    O  N N 97  
GLN H      H  N N 98  
GLN H2     H  N N 99  
GLN HA     H  N N 100 
GLN HB2    H  N N 101 
GLN HB3    H  N N 102 
GLN HG2    H  N N 103 
GLN HG3    H  N N 104 
GLN HE21   H  N N 105 
GLN HE22   H  N N 106 
GLN HXT    H  N N 107 
GLU N      N  N N 108 
GLU CA     C  N S 109 
GLU C      C  N N 110 
GLU O      O  N N 111 
GLU CB     C  N N 112 
GLU CG     C  N N 113 
GLU CD     C  N N 114 
GLU OE1    O  N N 115 
GLU OE2    O  N N 116 
GLU OXT    O  N N 117 
GLU H      H  N N 118 
GLU H2     H  N N 119 
GLU HA     H  N N 120 
GLU HB2    H  N N 121 
GLU HB3    H  N N 122 
GLU HG2    H  N N 123 
GLU HG3    H  N N 124 
GLU HE2    H  N N 125 
GLU HXT    H  N N 126 
GLY N      N  N N 127 
GLY CA     C  N N 128 
GLY C      C  N N 129 
GLY O      O  N N 130 
GLY OXT    O  N N 131 
GLY H      H  N N 132 
GLY H2     H  N N 133 
GLY HA2    H  N N 134 
GLY HA3    H  N N 135 
GLY HXT    H  N N 136 
GNP PG     P  N N 137 
GNP O1G    O  N N 138 
GNP O2G    O  N N 139 
GNP O3G    O  N N 140 
GNP N3B    N  N N 141 
GNP PB     P  N R 142 
GNP O1B    O  N N 143 
GNP O2B    O  N N 144 
GNP O3A    O  N N 145 
GNP PA     P  N S 146 
GNP O1A    O  N N 147 
GNP O2A    O  N N 148 
GNP "O5'"  O  N N 149 
GNP "C5'"  C  N N 150 
GNP "C4'"  C  N R 151 
GNP "O4'"  O  N N 152 
GNP "C3'"  C  N S 153 
GNP "O3'"  O  N N 154 
GNP "C2'"  C  N R 155 
GNP "O2'"  O  N N 156 
GNP "C1'"  C  N R 157 
GNP N9     N  Y N 158 
GNP C8     C  Y N 159 
GNP N7     N  Y N 160 
GNP C5     C  Y N 161 
GNP C6     C  Y N 162 
GNP O6     O  N N 163 
GNP N1     N  Y N 164 
GNP C2     C  Y N 165 
GNP N2     N  N N 166 
GNP N3     N  Y N 167 
GNP C4     C  Y N 168 
GNP HOG2   H  N N 169 
GNP HOG3   H  N N 170 
GNP HNB3   H  N N 171 
GNP HOB2   H  N N 172 
GNP HOA2   H  N N 173 
GNP "H5'2" H  N N 174 
GNP "H5'1" H  N N 175 
GNP "H4'"  H  N N 176 
GNP "H3'"  H  N N 177 
GNP "HO3'" H  N N 178 
GNP "H2'"  H  N N 179 
GNP "HO2'" H  N N 180 
GNP "H1'"  H  N N 181 
GNP H8     H  N N 182 
GNP HN1    H  N N 183 
GNP HN21   H  N N 184 
GNP HN22   H  N N 185 
HIS N      N  N N 186 
HIS CA     C  N S 187 
HIS C      C  N N 188 
HIS O      O  N N 189 
HIS CB     C  N N 190 
HIS CG     C  Y N 191 
HIS ND1    N  Y N 192 
HIS CD2    C  Y N 193 
HIS CE1    C  Y N 194 
HIS NE2    N  Y N 195 
HIS OXT    O  N N 196 
HIS H      H  N N 197 
HIS H2     H  N N 198 
HIS HA     H  N N 199 
HIS HB2    H  N N 200 
HIS HB3    H  N N 201 
HIS HD1    H  N N 202 
HIS HD2    H  N N 203 
HIS HE1    H  N N 204 
HIS HE2    H  N N 205 
HIS HXT    H  N N 206 
HOH O      O  N N 207 
HOH H1     H  N N 208 
HOH H2     H  N N 209 
ILE N      N  N N 210 
ILE CA     C  N S 211 
ILE C      C  N N 212 
ILE O      O  N N 213 
ILE CB     C  N S 214 
ILE CG1    C  N N 215 
ILE CG2    C  N N 216 
ILE CD1    C  N N 217 
ILE OXT    O  N N 218 
ILE H      H  N N 219 
ILE H2     H  N N 220 
ILE HA     H  N N 221 
ILE HB     H  N N 222 
ILE HG12   H  N N 223 
ILE HG13   H  N N 224 
ILE HG21   H  N N 225 
ILE HG22   H  N N 226 
ILE HG23   H  N N 227 
ILE HD11   H  N N 228 
ILE HD12   H  N N 229 
ILE HD13   H  N N 230 
ILE HXT    H  N N 231 
LEU N      N  N N 232 
LEU CA     C  N S 233 
LEU C      C  N N 234 
LEU O      O  N N 235 
LEU CB     C  N N 236 
LEU CG     C  N N 237 
LEU CD1    C  N N 238 
LEU CD2    C  N N 239 
LEU OXT    O  N N 240 
LEU H      H  N N 241 
LEU H2     H  N N 242 
LEU HA     H  N N 243 
LEU HB2    H  N N 244 
LEU HB3    H  N N 245 
LEU HG     H  N N 246 
LEU HD11   H  N N 247 
LEU HD12   H  N N 248 
LEU HD13   H  N N 249 
LEU HD21   H  N N 250 
LEU HD22   H  N N 251 
LEU HD23   H  N N 252 
LEU HXT    H  N N 253 
LYS N      N  N N 254 
LYS CA     C  N S 255 
LYS C      C  N N 256 
LYS O      O  N N 257 
LYS CB     C  N N 258 
LYS CG     C  N N 259 
LYS CD     C  N N 260 
LYS CE     C  N N 261 
LYS NZ     N  N N 262 
LYS OXT    O  N N 263 
LYS H      H  N N 264 
LYS H2     H  N N 265 
LYS HA     H  N N 266 
LYS HB2    H  N N 267 
LYS HB3    H  N N 268 
LYS HG2    H  N N 269 
LYS HG3    H  N N 270 
LYS HD2    H  N N 271 
LYS HD3    H  N N 272 
LYS HE2    H  N N 273 
LYS HE3    H  N N 274 
LYS HZ1    H  N N 275 
LYS HZ2    H  N N 276 
LYS HZ3    H  N N 277 
LYS HXT    H  N N 278 
MET N      N  N N 279 
MET CA     C  N S 280 
MET C      C  N N 281 
MET O      O  N N 282 
MET CB     C  N N 283 
MET CG     C  N N 284 
MET SD     S  N N 285 
MET CE     C  N N 286 
MET OXT    O  N N 287 
MET H      H  N N 288 
MET H2     H  N N 289 
MET HA     H  N N 290 
MET HB2    H  N N 291 
MET HB3    H  N N 292 
MET HG2    H  N N 293 
MET HG3    H  N N 294 
MET HE1    H  N N 295 
MET HE2    H  N N 296 
MET HE3    H  N N 297 
MET HXT    H  N N 298 
MG  MG     MG N N 299 
PHE N      N  N N 300 
PHE CA     C  N S 301 
PHE C      C  N N 302 
PHE O      O  N N 303 
PHE CB     C  N N 304 
PHE CG     C  Y N 305 
PHE CD1    C  Y N 306 
PHE CD2    C  Y N 307 
PHE CE1    C  Y N 308 
PHE CE2    C  Y N 309 
PHE CZ     C  Y N 310 
PHE OXT    O  N N 311 
PHE H      H  N N 312 
PHE H2     H  N N 313 
PHE HA     H  N N 314 
PHE HB2    H  N N 315 
PHE HB3    H  N N 316 
PHE HD1    H  N N 317 
PHE HD2    H  N N 318 
PHE HE1    H  N N 319 
PHE HE2    H  N N 320 
PHE HZ     H  N N 321 
PHE HXT    H  N N 322 
PRO N      N  N N 323 
PRO CA     C  N S 324 
PRO C      C  N N 325 
PRO O      O  N N 326 
PRO CB     C  N N 327 
PRO CG     C  N N 328 
PRO CD     C  N N 329 
PRO OXT    O  N N 330 
PRO H      H  N N 331 
PRO HA     H  N N 332 
PRO HB2    H  N N 333 
PRO HB3    H  N N 334 
PRO HG2    H  N N 335 
PRO HG3    H  N N 336 
PRO HD2    H  N N 337 
PRO HD3    H  N N 338 
PRO HXT    H  N N 339 
SER N      N  N N 340 
SER CA     C  N S 341 
SER C      C  N N 342 
SER O      O  N N 343 
SER CB     C  N N 344 
SER OG     O  N N 345 
SER OXT    O  N N 346 
SER H      H  N N 347 
SER H2     H  N N 348 
SER HA     H  N N 349 
SER HB2    H  N N 350 
SER HB3    H  N N 351 
SER HG     H  N N 352 
SER HXT    H  N N 353 
THR N      N  N N 354 
THR CA     C  N S 355 
THR C      C  N N 356 
THR O      O  N N 357 
THR CB     C  N R 358 
THR OG1    O  N N 359 
THR CG2    C  N N 360 
THR OXT    O  N N 361 
THR H      H  N N 362 
THR H2     H  N N 363 
THR HA     H  N N 364 
THR HB     H  N N 365 
THR HG1    H  N N 366 
THR HG21   H  N N 367 
THR HG22   H  N N 368 
THR HG23   H  N N 369 
THR HXT    H  N N 370 
TRP N      N  N N 371 
TRP CA     C  N S 372 
TRP C      C  N N 373 
TRP O      O  N N 374 
TRP CB     C  N N 375 
TRP CG     C  Y N 376 
TRP CD1    C  Y N 377 
TRP CD2    C  Y N 378 
TRP NE1    N  Y N 379 
TRP CE2    C  Y N 380 
TRP CE3    C  Y N 381 
TRP CZ2    C  Y N 382 
TRP CZ3    C  Y N 383 
TRP CH2    C  Y N 384 
TRP OXT    O  N N 385 
TRP H      H  N N 386 
TRP H2     H  N N 387 
TRP HA     H  N N 388 
TRP HB2    H  N N 389 
TRP HB3    H  N N 390 
TRP HD1    H  N N 391 
TRP HE1    H  N N 392 
TRP HE3    H  N N 393 
TRP HZ2    H  N N 394 
TRP HZ3    H  N N 395 
TRP HH2    H  N N 396 
TRP HXT    H  N N 397 
TYR N      N  N N 398 
TYR CA     C  N S 399 
TYR C      C  N N 400 
TYR O      O  N N 401 
TYR CB     C  N N 402 
TYR CG     C  Y N 403 
TYR CD1    C  Y N 404 
TYR CD2    C  Y N 405 
TYR CE1    C  Y N 406 
TYR CE2    C  Y N 407 
TYR CZ     C  Y N 408 
TYR OH     O  N N 409 
TYR OXT    O  N N 410 
TYR H      H  N N 411 
TYR H2     H  N N 412 
TYR HA     H  N N 413 
TYR HB2    H  N N 414 
TYR HB3    H  N N 415 
TYR HD1    H  N N 416 
TYR HD2    H  N N 417 
TYR HE1    H  N N 418 
TYR HE2    H  N N 419 
TYR HH     H  N N 420 
TYR HXT    H  N N 421 
VAL N      N  N N 422 
VAL CA     C  N S 423 
VAL C      C  N N 424 
VAL O      O  N N 425 
VAL CB     C  N N 426 
VAL CG1    C  N N 427 
VAL CG2    C  N N 428 
VAL OXT    O  N N 429 
VAL H      H  N N 430 
VAL H2     H  N N 431 
VAL HA     H  N N 432 
VAL HB     H  N N 433 
VAL HG11   H  N N 434 
VAL HG12   H  N N 435 
VAL HG13   H  N N 436 
VAL HG21   H  N N 437 
VAL HG22   H  N N 438 
VAL HG23   H  N N 439 
VAL HXT    H  N N 440 
# 
loop_
_chem_comp_bond.comp_id 
_chem_comp_bond.atom_id_1 
_chem_comp_bond.atom_id_2 
_chem_comp_bond.value_order 
_chem_comp_bond.pdbx_aromatic_flag 
_chem_comp_bond.pdbx_stereo_config 
_chem_comp_bond.pdbx_ordinal 
ALA N     CA     sing N N 1   
ALA N     H      sing N N 2   
ALA N     H2     sing N N 3   
ALA CA    C      sing N N 4   
ALA CA    CB     sing N N 5   
ALA CA    HA     sing N N 6   
ALA C     O      doub N N 7   
ALA C     OXT    sing N N 8   
ALA CB    HB1    sing N N 9   
ALA CB    HB2    sing N N 10  
ALA CB    HB3    sing N N 11  
ALA OXT   HXT    sing N N 12  
ARG N     CA     sing N N 13  
ARG N     H      sing N N 14  
ARG N     H2     sing N N 15  
ARG CA    C      sing N N 16  
ARG CA    CB     sing N N 17  
ARG CA    HA     sing N N 18  
ARG C     O      doub N N 19  
ARG C     OXT    sing N N 20  
ARG CB    CG     sing N N 21  
ARG CB    HB2    sing N N 22  
ARG CB    HB3    sing N N 23  
ARG CG    CD     sing N N 24  
ARG CG    HG2    sing N N 25  
ARG CG    HG3    sing N N 26  
ARG CD    NE     sing N N 27  
ARG CD    HD2    sing N N 28  
ARG CD    HD3    sing N N 29  
ARG NE    CZ     sing N N 30  
ARG NE    HE     sing N N 31  
ARG CZ    NH1    sing N N 32  
ARG CZ    NH2    doub N N 33  
ARG NH1   HH11   sing N N 34  
ARG NH1   HH12   sing N N 35  
ARG NH2   HH21   sing N N 36  
ARG NH2   HH22   sing N N 37  
ARG OXT   HXT    sing N N 38  
ASN N     CA     sing N N 39  
ASN N     H      sing N N 40  
ASN N     H2     sing N N 41  
ASN CA    C      sing N N 42  
ASN CA    CB     sing N N 43  
ASN CA    HA     sing N N 44  
ASN C     O      doub N N 45  
ASN C     OXT    sing N N 46  
ASN CB    CG     sing N N 47  
ASN CB    HB2    sing N N 48  
ASN CB    HB3    sing N N 49  
ASN CG    OD1    doub N N 50  
ASN CG    ND2    sing N N 51  
ASN ND2   HD21   sing N N 52  
ASN ND2   HD22   sing N N 53  
ASN OXT   HXT    sing N N 54  
ASP N     CA     sing N N 55  
ASP N     H      sing N N 56  
ASP N     H2     sing N N 57  
ASP CA    C      sing N N 58  
ASP CA    CB     sing N N 59  
ASP CA    HA     sing N N 60  
ASP C     O      doub N N 61  
ASP C     OXT    sing N N 62  
ASP CB    CG     sing N N 63  
ASP CB    HB2    sing N N 64  
ASP CB    HB3    sing N N 65  
ASP CG    OD1    doub N N 66  
ASP CG    OD2    sing N N 67  
ASP OD2   HD2    sing N N 68  
ASP OXT   HXT    sing N N 69  
CYS N     CA     sing N N 70  
CYS N     H      sing N N 71  
CYS N     H2     sing N N 72  
CYS CA    C      sing N N 73  
CYS CA    CB     sing N N 74  
CYS CA    HA     sing N N 75  
CYS C     O      doub N N 76  
CYS C     OXT    sing N N 77  
CYS CB    SG     sing N N 78  
CYS CB    HB2    sing N N 79  
CYS CB    HB3    sing N N 80  
CYS SG    HG     sing N N 81  
CYS OXT   HXT    sing N N 82  
GLN N     CA     sing N N 83  
GLN N     H      sing N N 84  
GLN N     H2     sing N N 85  
GLN CA    C      sing N N 86  
GLN CA    CB     sing N N 87  
GLN CA    HA     sing N N 88  
GLN C     O      doub N N 89  
GLN C     OXT    sing N N 90  
GLN CB    CG     sing N N 91  
GLN CB    HB2    sing N N 92  
GLN CB    HB3    sing N N 93  
GLN CG    CD     sing N N 94  
GLN CG    HG2    sing N N 95  
GLN CG    HG3    sing N N 96  
GLN CD    OE1    doub N N 97  
GLN CD    NE2    sing N N 98  
GLN NE2   HE21   sing N N 99  
GLN NE2   HE22   sing N N 100 
GLN OXT   HXT    sing N N 101 
GLU N     CA     sing N N 102 
GLU N     H      sing N N 103 
GLU N     H2     sing N N 104 
GLU CA    C      sing N N 105 
GLU CA    CB     sing N N 106 
GLU CA    HA     sing N N 107 
GLU C     O      doub N N 108 
GLU C     OXT    sing N N 109 
GLU CB    CG     sing N N 110 
GLU CB    HB2    sing N N 111 
GLU CB    HB3    sing N N 112 
GLU CG    CD     sing N N 113 
GLU CG    HG2    sing N N 114 
GLU CG    HG3    sing N N 115 
GLU CD    OE1    doub N N 116 
GLU CD    OE2    sing N N 117 
GLU OE2   HE2    sing N N 118 
GLU OXT   HXT    sing N N 119 
GLY N     CA     sing N N 120 
GLY N     H      sing N N 121 
GLY N     H2     sing N N 122 
GLY CA    C      sing N N 123 
GLY CA    HA2    sing N N 124 
GLY CA    HA3    sing N N 125 
GLY C     O      doub N N 126 
GLY C     OXT    sing N N 127 
GLY OXT   HXT    sing N N 128 
GNP PG    O1G    doub N N 129 
GNP PG    O2G    sing N N 130 
GNP PG    O3G    sing N N 131 
GNP PG    N3B    sing N N 132 
GNP O2G   HOG2   sing N N 133 
GNP O3G   HOG3   sing N N 134 
GNP N3B   PB     sing N N 135 
GNP N3B   HNB3   sing N N 136 
GNP PB    O1B    doub N N 137 
GNP PB    O2B    sing N N 138 
GNP PB    O3A    sing N N 139 
GNP O2B   HOB2   sing N N 140 
GNP O3A   PA     sing N N 141 
GNP PA    O1A    doub N N 142 
GNP PA    O2A    sing N N 143 
GNP PA    "O5'"  sing N N 144 
GNP O2A   HOA2   sing N N 145 
GNP "O5'" "C5'"  sing N N 146 
GNP "C5'" "C4'"  sing N N 147 
GNP "C5'" "H5'2" sing N N 148 
GNP "C5'" "H5'1" sing N N 149 
GNP "C4'" "O4'"  sing N N 150 
GNP "C4'" "C3'"  sing N N 151 
GNP "C4'" "H4'"  sing N N 152 
GNP "O4'" "C1'"  sing N N 153 
GNP "C3'" "O3'"  sing N N 154 
GNP "C3'" "C2'"  sing N N 155 
GNP "C3'" "H3'"  sing N N 156 
GNP "O3'" "HO3'" sing N N 157 
GNP "C2'" "O2'"  sing N N 158 
GNP "C2'" "C1'"  sing N N 159 
GNP "C2'" "H2'"  sing N N 160 
GNP "O2'" "HO2'" sing N N 161 
GNP "C1'" N9     sing N N 162 
GNP "C1'" "H1'"  sing N N 163 
GNP N9    C8     sing Y N 164 
GNP N9    C4     sing Y N 165 
GNP C8    N7     doub Y N 166 
GNP C8    H8     sing N N 167 
GNP N7    C5     sing Y N 168 
GNP C5    C6     sing Y N 169 
GNP C5    C4     doub Y N 170 
GNP C6    O6     doub N N 171 
GNP C6    N1     sing Y N 172 
GNP N1    C2     sing Y N 173 
GNP N1    HN1    sing N N 174 
GNP C2    N2     sing N N 175 
GNP C2    N3     doub Y N 176 
GNP N2    HN21   sing N N 177 
GNP N2    HN22   sing N N 178 
GNP N3    C4     sing Y N 179 
HIS N     CA     sing N N 180 
HIS N     H      sing N N 181 
HIS N     H2     sing N N 182 
HIS CA    C      sing N N 183 
HIS CA    CB     sing N N 184 
HIS CA    HA     sing N N 185 
HIS C     O      doub N N 186 
HIS C     OXT    sing N N 187 
HIS CB    CG     sing N N 188 
HIS CB    HB2    sing N N 189 
HIS CB    HB3    sing N N 190 
HIS CG    ND1    sing Y N 191 
HIS CG    CD2    doub Y N 192 
HIS ND1   CE1    doub Y N 193 
HIS ND1   HD1    sing N N 194 
HIS CD2   NE2    sing Y N 195 
HIS CD2   HD2    sing N N 196 
HIS CE1   NE2    sing Y N 197 
HIS CE1   HE1    sing N N 198 
HIS NE2   HE2    sing N N 199 
HIS OXT   HXT    sing N N 200 
HOH O     H1     sing N N 201 
HOH O     H2     sing N N 202 
ILE N     CA     sing N N 203 
ILE N     H      sing N N 204 
ILE N     H2     sing N N 205 
ILE CA    C      sing N N 206 
ILE CA    CB     sing N N 207 
ILE CA    HA     sing N N 208 
ILE C     O      doub N N 209 
ILE C     OXT    sing N N 210 
ILE CB    CG1    sing N N 211 
ILE CB    CG2    sing N N 212 
ILE CB    HB     sing N N 213 
ILE CG1   CD1    sing N N 214 
ILE CG1   HG12   sing N N 215 
ILE CG1   HG13   sing N N 216 
ILE CG2   HG21   sing N N 217 
ILE CG2   HG22   sing N N 218 
ILE CG2   HG23   sing N N 219 
ILE CD1   HD11   sing N N 220 
ILE CD1   HD12   sing N N 221 
ILE CD1   HD13   sing N N 222 
ILE OXT   HXT    sing N N 223 
LEU N     CA     sing N N 224 
LEU N     H      sing N N 225 
LEU N     H2     sing N N 226 
LEU CA    C      sing N N 227 
LEU CA    CB     sing N N 228 
LEU CA    HA     sing N N 229 
LEU C     O      doub N N 230 
LEU C     OXT    sing N N 231 
LEU CB    CG     sing N N 232 
LEU CB    HB2    sing N N 233 
LEU CB    HB3    sing N N 234 
LEU CG    CD1    sing N N 235 
LEU CG    CD2    sing N N 236 
LEU CG    HG     sing N N 237 
LEU CD1   HD11   sing N N 238 
LEU CD1   HD12   sing N N 239 
LEU CD1   HD13   sing N N 240 
LEU CD2   HD21   sing N N 241 
LEU CD2   HD22   sing N N 242 
LEU CD2   HD23   sing N N 243 
LEU OXT   HXT    sing N N 244 
LYS N     CA     sing N N 245 
LYS N     H      sing N N 246 
LYS N     H2     sing N N 247 
LYS CA    C      sing N N 248 
LYS CA    CB     sing N N 249 
LYS CA    HA     sing N N 250 
LYS C     O      doub N N 251 
LYS C     OXT    sing N N 252 
LYS CB    CG     sing N N 253 
LYS CB    HB2    sing N N 254 
LYS CB    HB3    sing N N 255 
LYS CG    CD     sing N N 256 
LYS CG    HG2    sing N N 257 
LYS CG    HG3    sing N N 258 
LYS CD    CE     sing N N 259 
LYS CD    HD2    sing N N 260 
LYS CD    HD3    sing N N 261 
LYS CE    NZ     sing N N 262 
LYS CE    HE2    sing N N 263 
LYS CE    HE3    sing N N 264 
LYS NZ    HZ1    sing N N 265 
LYS NZ    HZ2    sing N N 266 
LYS NZ    HZ3    sing N N 267 
LYS OXT   HXT    sing N N 268 
MET N     CA     sing N N 269 
MET N     H      sing N N 270 
MET N     H2     sing N N 271 
MET CA    C      sing N N 272 
MET CA    CB     sing N N 273 
MET CA    HA     sing N N 274 
MET C     O      doub N N 275 
MET C     OXT    sing N N 276 
MET CB    CG     sing N N 277 
MET CB    HB2    sing N N 278 
MET CB    HB3    sing N N 279 
MET CG    SD     sing N N 280 
MET CG    HG2    sing N N 281 
MET CG    HG3    sing N N 282 
MET SD    CE     sing N N 283 
MET CE    HE1    sing N N 284 
MET CE    HE2    sing N N 285 
MET CE    HE3    sing N N 286 
MET OXT   HXT    sing N N 287 
PHE N     CA     sing N N 288 
PHE N     H      sing N N 289 
PHE N     H2     sing N N 290 
PHE CA    C      sing N N 291 
PHE CA    CB     sing N N 292 
PHE CA    HA     sing N N 293 
PHE C     O      doub N N 294 
PHE C     OXT    sing N N 295 
PHE CB    CG     sing N N 296 
PHE CB    HB2    sing N N 297 
PHE CB    HB3    sing N N 298 
PHE CG    CD1    doub Y N 299 
PHE CG    CD2    sing Y N 300 
PHE CD1   CE1    sing Y N 301 
PHE CD1   HD1    sing N N 302 
PHE CD2   CE2    doub Y N 303 
PHE CD2   HD2    sing N N 304 
PHE CE1   CZ     doub Y N 305 
PHE CE1   HE1    sing N N 306 
PHE CE2   CZ     sing Y N 307 
PHE CE2   HE2    sing N N 308 
PHE CZ    HZ     sing N N 309 
PHE OXT   HXT    sing N N 310 
PRO N     CA     sing N N 311 
PRO N     CD     sing N N 312 
PRO N     H      sing N N 313 
PRO CA    C      sing N N 314 
PRO CA    CB     sing N N 315 
PRO CA    HA     sing N N 316 
PRO C     O      doub N N 317 
PRO C     OXT    sing N N 318 
PRO CB    CG     sing N N 319 
PRO CB    HB2    sing N N 320 
PRO CB    HB3    sing N N 321 
PRO CG    CD     sing N N 322 
PRO CG    HG2    sing N N 323 
PRO CG    HG3    sing N N 324 
PRO CD    HD2    sing N N 325 
PRO CD    HD3    sing N N 326 
PRO OXT   HXT    sing N N 327 
SER N     CA     sing N N 328 
SER N     H      sing N N 329 
SER N     H2     sing N N 330 
SER CA    C      sing N N 331 
SER CA    CB     sing N N 332 
SER CA    HA     sing N N 333 
SER C     O      doub N N 334 
SER C     OXT    sing N N 335 
SER CB    OG     sing N N 336 
SER CB    HB2    sing N N 337 
SER CB    HB3    sing N N 338 
SER OG    HG     sing N N 339 
SER OXT   HXT    sing N N 340 
THR N     CA     sing N N 341 
THR N     H      sing N N 342 
THR N     H2     sing N N 343 
THR CA    C      sing N N 344 
THR CA    CB     sing N N 345 
THR CA    HA     sing N N 346 
THR C     O      doub N N 347 
THR C     OXT    sing N N 348 
THR CB    OG1    sing N N 349 
THR CB    CG2    sing N N 350 
THR CB    HB     sing N N 351 
THR OG1   HG1    sing N N 352 
THR CG2   HG21   sing N N 353 
THR CG2   HG22   sing N N 354 
THR CG2   HG23   sing N N 355 
THR OXT   HXT    sing N N 356 
TRP N     CA     sing N N 357 
TRP N     H      sing N N 358 
TRP N     H2     sing N N 359 
TRP CA    C      sing N N 360 
TRP CA    CB     sing N N 361 
TRP CA    HA     sing N N 362 
TRP C     O      doub N N 363 
TRP C     OXT    sing N N 364 
TRP CB    CG     sing N N 365 
TRP CB    HB2    sing N N 366 
TRP CB    HB3    sing N N 367 
TRP CG    CD1    doub Y N 368 
TRP CG    CD2    sing Y N 369 
TRP CD1   NE1    sing Y N 370 
TRP CD1   HD1    sing N N 371 
TRP CD2   CE2    doub Y N 372 
TRP CD2   CE3    sing Y N 373 
TRP NE1   CE2    sing Y N 374 
TRP NE1   HE1    sing N N 375 
TRP CE2   CZ2    sing Y N 376 
TRP CE3   CZ3    doub Y N 377 
TRP CE3   HE3    sing N N 378 
TRP CZ2   CH2    doub Y N 379 
TRP CZ2   HZ2    sing N N 380 
TRP CZ3   CH2    sing Y N 381 
TRP CZ3   HZ3    sing N N 382 
TRP CH2   HH2    sing N N 383 
TRP OXT   HXT    sing N N 384 
TYR N     CA     sing N N 385 
TYR N     H      sing N N 386 
TYR N     H2     sing N N 387 
TYR CA    C      sing N N 388 
TYR CA    CB     sing N N 389 
TYR CA    HA     sing N N 390 
TYR C     O      doub N N 391 
TYR C     OXT    sing N N 392 
TYR CB    CG     sing N N 393 
TYR CB    HB2    sing N N 394 
TYR CB    HB3    sing N N 395 
TYR CG    CD1    doub Y N 396 
TYR CG    CD2    sing Y N 397 
TYR CD1   CE1    sing Y N 398 
TYR CD1   HD1    sing N N 399 
TYR CD2   CE2    doub Y N 400 
TYR CD2   HD2    sing N N 401 
TYR CE1   CZ     doub Y N 402 
TYR CE1   HE1    sing N N 403 
TYR CE2   CZ     sing Y N 404 
TYR CE2   HE2    sing N N 405 
TYR CZ    OH     sing N N 406 
TYR OH    HH     sing N N 407 
TYR OXT   HXT    sing N N 408 
VAL N     CA     sing N N 409 
VAL N     H      sing N N 410 
VAL N     H2     sing N N 411 
VAL CA    C      sing N N 412 
VAL CA    CB     sing N N 413 
VAL CA    HA     sing N N 414 
VAL C     O      doub N N 415 
VAL C     OXT    sing N N 416 
VAL CB    CG1    sing N N 417 
VAL CB    CG2    sing N N 418 
VAL CB    HB     sing N N 419 
VAL CG1   HG11   sing N N 420 
VAL CG1   HG12   sing N N 421 
VAL CG1   HG13   sing N N 422 
VAL CG2   HG21   sing N N 423 
VAL CG2   HG22   sing N N 424 
VAL CG2   HG23   sing N N 425 
VAL OXT   HXT    sing N N 426 
# 
_pdbx_initial_refinement_model.accession_code   1G16 
_pdbx_initial_refinement_model.id               1 
_pdbx_initial_refinement_model.entity_id_list   ? 
_pdbx_initial_refinement_model.type             'experimental model' 
_pdbx_initial_refinement_model.source_name      PDB 
_pdbx_initial_refinement_model.details          'pdb entry 1G16_A' 
# 
_atom_sites.entry_id                    2G6B 
_atom_sites.fract_transf_matrix[1][1]   -0.00822466 
_atom_sites.fract_transf_matrix[1][2]   -0.02419046 
_atom_sites.fract_transf_matrix[1][3]   0.01392791 
_atom_sites.fract_transf_matrix[2][1]   -0.01614515 
_atom_sites.fract_transf_matrix[2][2]   0.00096751 
_atom_sites.fract_transf_matrix[2][3]   -0.00785357 
_atom_sites.fract_transf_matrix[3][1]   0.00365347 
_atom_sites.fract_transf_matrix[3][2]   -0.00599151 
_atom_sites.fract_transf_matrix[3][3]   -0.00824881 
_atom_sites.fract_transf_vector[1]      0.055455 
_atom_sites.fract_transf_vector[2]      0.201462 
_atom_sites.fract_transf_vector[3]      0.156587 
# 
loop_
_atom_type.symbol 
C  
MG 
N  
O  
P  
S  
X  
# 
loop_
_atom_site.group_PDB 
_atom_site.id 
_atom_site.type_symbol 
_atom_site.label_atom_id 
_atom_site.label_alt_id 
_atom_site.label_comp_id 
_atom_site.label_asym_id 
_atom_site.label_entity_id 
_atom_site.label_seq_id 
_atom_site.pdbx_PDB_ins_code 
_atom_site.Cartn_x 
_atom_site.Cartn_y 
_atom_site.Cartn_z 
_atom_site.occupancy 
_atom_site.B_iso_or_equiv 
_atom_site.pdbx_formal_charge 
_atom_site.auth_seq_id 
_atom_site.auth_comp_id 
_atom_site.auth_asym_id 
_atom_site.auth_atom_id 
_atom_site.pdbx_PDB_model_num 
ATOM   1    N  N     . ASP A 1 5   ? 3.010   8.080   21.588  1.00 50.06 ? 58  ASP A N     1 
ATOM   2    C  CA    . ASP A 1 5   ? 3.922   8.733   20.581  1.00 51.03 ? 58  ASP A CA    1 
ATOM   3    C  C     . ASP A 1 5   ? 3.277   9.963   19.965  1.00 47.24 ? 58  ASP A C     1 
ATOM   4    O  O     . ASP A 1 5   ? 2.215   9.877   19.356  1.00 46.18 ? 58  ASP A O     1 
ATOM   5    C  CB    . ASP A 1 5   ? 4.314   7.745   19.456  1.00 53.08 ? 58  ASP A CB    1 
ATOM   6    C  CG    . ASP A 1 5   ? 5.670   7.048   19.708  1.00 54.94 ? 58  ASP A CG    1 
ATOM   7    O  OD1   . ASP A 1 5   ? 6.023   6.782   20.886  1.00 56.06 ? 58  ASP A OD1   1 
ATOM   8    O  OD2   . ASP A 1 5   ? 6.383   6.765   18.714  1.00 54.67 ? 58  ASP A OD2   1 
ATOM   9    N  N     . PHE A 1 6   ? 3.925   11.109  20.110  1.00 43.53 ? 59  PHE A N     1 
ATOM   10   C  CA    . PHE A 1 6   ? 3.419   12.339  19.521  1.00 39.91 ? 59  PHE A CA    1 
ATOM   11   C  C     . PHE A 1 6   ? 3.963   12.510  18.093  1.00 35.24 ? 59  PHE A C     1 
ATOM   12   O  O     . PHE A 1 6   ? 4.682   11.629  17.598  1.00 29.73 ? 59  PHE A O     1 
ATOM   13   C  CB    . PHE A 1 6   ? 3.712   13.506  20.452  1.00 44.79 ? 59  PHE A CB    1 
ATOM   14   C  CG    . PHE A 1 6   ? 3.040   13.346  21.809  1.00 47.07 ? 59  PHE A CG    1 
ATOM   15   C  CD1   . PHE A 1 6   ? 3.774   12.954  22.933  1.00 48.10 ? 59  PHE A CD1   1 
ATOM   16   C  CD2   . PHE A 1 6   ? 1.657   13.513  21.938  1.00 46.89 ? 59  PHE A CD2   1 
ATOM   17   C  CE1   . PHE A 1 6   ? 3.139   12.786  24.183  1.00 47.80 ? 59  PHE A CE1   1 
ATOM   18   C  CE2   . PHE A 1 6   ? 1.021   13.336  23.182  1.00 47.13 ? 59  PHE A CE2   1 
ATOM   19   C  CZ    . PHE A 1 6   ? 1.768   12.971  24.297  1.00 46.49 ? 59  PHE A CZ    1 
ATOM   20   N  N     . TYR A 1 7   ? 3.562   13.590  17.410  1.00 27.83 ? 60  TYR A N     1 
ATOM   21   C  CA    . TYR A 1 7   ? 3.909   13.771  16.010  1.00 24.21 ? 60  TYR A CA    1 
ATOM   22   C  C     . TYR A 1 7   ? 3.738   15.193  15.542  1.00 21.98 ? 60  TYR A C     1 
ATOM   23   O  O     . TYR A 1 7   ? 3.004   15.963  16.142  1.00 20.74 ? 60  TYR A O     1 
ATOM   24   C  CB    . TYR A 1 7   ? 3.072   12.842  15.124  1.00 24.24 ? 60  TYR A CB    1 
ATOM   25   C  CG    . TYR A 1 7   ? 1.587   12.974  15.300  1.00 22.52 ? 60  TYR A CG    1 
ATOM   26   C  CD1   . TYR A 1 7   ? 0.854   13.843  14.515  1.00 23.04 ? 60  TYR A CD1   1 
ATOM   27   C  CD2   . TYR A 1 7   ? 0.924   12.227  16.255  1.00 24.34 ? 60  TYR A CD2   1 
ATOM   28   C  CE1   . TYR A 1 7   ? -0.501  13.970  14.669  1.00 23.72 ? 60  TYR A CE1   1 
ATOM   29   C  CE2   . TYR A 1 7   ? -0.433  12.338  16.427  1.00 26.09 ? 60  TYR A CE2   1 
ATOM   30   C  CZ    . TYR A 1 7   ? -1.146  13.205  15.622  1.00 25.58 ? 60  TYR A CZ    1 
ATOM   31   O  OH    . TYR A 1 7   ? -2.501  13.304  15.791  1.00 26.08 ? 60  TYR A OH    1 
ATOM   32   N  N     . ASP A 1 8   ? 4.422   15.525  14.451  1.00 22.22 ? 61  ASP A N     1 
ATOM   33   C  CA    . ASP A 1 8   ? 4.429   16.875  13.885  1.00 22.43 ? 61  ASP A CA    1 
ATOM   34   C  C     . ASP A 1 8   ? 3.377   17.081  12.809  1.00 22.20 ? 61  ASP A C     1 
ATOM   35   O  O     . ASP A 1 8   ? 2.844   18.204  12.642  1.00 18.53 ? 61  ASP A O     1 
ATOM   36   C  CB    . ASP A 1 8   ? 5.811   17.171  13.327  1.00 21.84 ? 61  ASP A CB    1 
ATOM   37   C  CG    . ASP A 1 8   ? 6.883   17.023  14.389  1.00 24.04 ? 61  ASP A CG    1 
ATOM   38   O  OD1   . ASP A 1 8   ? 6.762   17.665  15.463  1.00 21.64 ? 61  ASP A OD1   1 
ATOM   39   O  OD2   . ASP A 1 8   ? 7.804   16.228  14.177  1.00 24.50 ? 61  ASP A OD2   1 
ATOM   40   N  N     . VAL A 1 9   ? 3.081   16.009  12.074  1.00 19.66 ? 62  VAL A N     1 
ATOM   41   C  CA    . VAL A 1 9   ? 2.093   16.067  11.027  1.00 17.38 ? 62  VAL A CA    1 
ATOM   42   C  C     . VAL A 1 9   ? 1.431   14.695  10.805  1.00 18.74 ? 62  VAL A C     1 
ATOM   43   O  O     . VAL A 1 9   ? 2.033   13.649  11.042  1.00 21.58 ? 62  VAL A O     1 
ATOM   44   C  CB    . VAL A 1 9   ? 2.702   16.665  9.704   1.00 16.27 ? 62  VAL A CB    1 
ATOM   45   C  CG1   . VAL A 1 9   ? 3.903   15.792  9.147   1.00 17.17 ? 62  VAL A CG1   1 
ATOM   46   C  CG2   . VAL A 1 9   ? 1.606   16.900  8.649   1.00 15.37 ? 62  VAL A CG2   1 
ATOM   47   N  N     . ALA A 1 10  ? 0.182   14.719  10.359  1.00 18.25 ? 63  ALA A N     1 
ATOM   48   C  CA    . ALA A 1 10  ? -0.569  13.495  10.096  1.00 20.38 ? 63  ALA A CA    1 
ATOM   49   C  C     . ALA A 1 10  ? -1.215  13.472  8.695   1.00 18.92 ? 63  ALA A C     1 
ATOM   50   O  O     . ALA A 1 10  ? -1.658  14.499  8.177   1.00 20.30 ? 63  ALA A O     1 
ATOM   51   C  CB    . ALA A 1 10  ? -1.632  13.247  11.228  1.00 17.07 ? 63  ALA A CB    1 
ATOM   52   N  N     . PHE A 1 11  ? -1.218  12.280  8.097   1.00 19.29 ? 64  PHE A N     1 
ATOM   53   C  CA    . PHE A 1 11  ? -1.825  12.018  6.807   1.00 18.30 ? 64  PHE A CA    1 
ATOM   54   C  C     . PHE A 1 11  ? -2.650  10.742  6.851   1.00 18.37 ? 64  PHE A C     1 
ATOM   55   O  O     . PHE A 1 11  ? -2.380  9.832   7.640   1.00 16.64 ? 64  PHE A O     1 
ATOM   56   C  CB    . PHE A 1 11  ? -0.745  11.855  5.715   1.00 18.85 ? 64  PHE A CB    1 
ATOM   57   C  CG    . PHE A 1 11  ? 0.129   13.053  5.555   1.00 16.13 ? 64  PHE A CG    1 
ATOM   58   C  CD1   . PHE A 1 11  ? -0.307  14.146  4.830   1.00 17.68 ? 64  PHE A CD1   1 
ATOM   59   C  CD2   . PHE A 1 11  ? 1.400   13.098  6.154   1.00 15.51 ? 64  PHE A CD2   1 
ATOM   60   C  CE1   . PHE A 1 11  ? 0.506   15.264  4.674   1.00 16.90 ? 64  PHE A CE1   1 
ATOM   61   C  CE2   . PHE A 1 11  ? 2.202   14.227  6.013   1.00 15.49 ? 64  PHE A CE2   1 
ATOM   62   C  CZ    . PHE A 1 11  ? 1.753   15.301  5.268   1.00 18.18 ? 64  PHE A CZ    1 
ATOM   63   N  N     . LYS A 1 12  ? -3.633  10.676  5.961   1.00 15.00 ? 65  LYS A N     1 
ATOM   64   C  CA    . LYS A 1 12  ? -4.494  9.525   5.799   1.00 18.14 ? 65  LYS A CA    1 
ATOM   65   C  C     . LYS A 1 12  ? -4.040  8.796   4.573   1.00 18.01 ? 65  LYS A C     1 
ATOM   66   O  O     . LYS A 1 12  ? -3.939  9.379   3.504   1.00 16.34 ? 65  LYS A O     1 
ATOM   67   C  CB    . LYS A 1 12  ? -5.943  9.955   5.628   1.00 22.44 ? 65  LYS A CB    1 
ATOM   68   C  CG    . LYS A 1 12  ? -6.496  10.625  6.836   1.00 25.52 ? 65  LYS A CG    1 
ATOM   69   C  CD    . LYS A 1 12  ? -7.862  11.290  6.569   1.00 29.28 ? 65  LYS A CD    1 
ATOM   70   C  CE    . LYS A 1 12  ? -8.615  11.600  7.889   1.00 32.60 ? 65  LYS A CE    1 
ATOM   71   N  NZ    . LYS A 1 12  ? -7.721  12.228  8.907   1.00 34.61 ? 65  LYS A NZ    1 
ATOM   72   N  N     . VAL A 1 13  ? -3.682  7.536   4.763   1.00 17.01 ? 66  VAL A N     1 
ATOM   73   C  CA    . VAL A 1 13  ? -3.250  6.680   3.685   1.00 16.35 ? 66  VAL A CA    1 
ATOM   74   C  C     . VAL A 1 13  ? -4.173  5.469   3.623   1.00 15.86 ? 66  VAL A C     1 
ATOM   75   O  O     . VAL A 1 13  ? -4.499  4.867   4.665   1.00 16.39 ? 66  VAL A O     1 
ATOM   76   C  CB    . VAL A 1 13  ? -1.791  6.212   3.875   1.00 17.29 ? 66  VAL A CB    1 
ATOM   77   C  CG1   . VAL A 1 13  ? -1.377  5.337   2.675   1.00 18.01 ? 66  VAL A CG1   1 
ATOM   78   C  CG2   . VAL A 1 13  ? -0.859  7.427   4.054   1.00 18.55 ? 66  VAL A CG2   1 
ATOM   79   N  N     . MET A 1 14  ? -4.624  5.133   2.407   1.00 19.70 ? 67  MET A N     1 
ATOM   80   C  CA    . MET A 1 14  ? -5.484  3.961   2.201   1.00 22.72 ? 67  MET A CA    1 
ATOM   81   C  C     . MET A 1 14  ? -4.855  2.943   1.306   1.00 18.91 ? 67  MET A C     1 
ATOM   82   O  O     . MET A 1 14  ? -4.226  3.298   0.300   1.00 19.30 ? 67  MET A O     1 
ATOM   83   C  CB    . MET A 1 14  ? -6.812  4.374   1.577   1.00 24.48 ? 67  MET A CB    1 
ATOM   84   C  CG    . MET A 1 14  ? -7.624  5.266   2.461   1.00 28.09 ? 67  MET A CG    1 
ATOM   85   S  SD    . MET A 1 14  ? -9.171  5.747   1.742   1.00 34.12 ? 67  MET A SD    1 
ATOM   86   C  CE    . MET A 1 14  ? -9.600  4.310   0.719   1.00 25.23 ? 67  MET A CE    1 
ATOM   87   N  N     . LEU A 1 15  ? -5.050  1.660   1.647   1.00 18.42 ? 68  LEU A N     1 
ATOM   88   C  CA    . LEU A 1 15  ? -4.606  0.559   0.786   1.00 15.93 ? 68  LEU A CA    1 
ATOM   89   C  C     . LEU A 1 15  ? -5.775  0.010   -0.039  1.00 15.03 ? 68  LEU A C     1 
ATOM   90   O  O     . LEU A 1 15  ? -6.844  -0.242  0.484   1.00 14.36 ? 68  LEU A O     1 
ATOM   91   C  CB    . LEU A 1 15  ? -3.938  -0.552  1.580   1.00 16.52 ? 68  LEU A CB    1 
ATOM   92   C  CG    . LEU A 1 15  ? -2.515  -0.318  2.125   1.00 19.63 ? 68  LEU A CG    1 
ATOM   93   C  CD1   . LEU A 1 15  ? -2.510  0.769   3.221   1.00 17.84 ? 68  LEU A CD1   1 
ATOM   94   C  CD2   . LEU A 1 15  ? -1.896  -1.643  2.646   1.00 19.59 ? 68  LEU A CD2   1 
ATOM   95   N  N     . VAL A 1 16  ? -5.530  -0.141  -1.337  1.00 13.26 ? 69  VAL A N     1 
ATOM   96   C  CA    . VAL A 1 16  ? -6.490  -0.653  -2.301  1.00 13.54 ? 69  VAL A CA    1 
ATOM   97   C  C     . VAL A 1 16  ? -5.792  -1.689  -3.205  1.00 14.67 ? 69  VAL A C     1 
ATOM   98   O  O     . VAL A 1 16  ? -4.558  -1.732  -3.284  1.00 14.39 ? 69  VAL A O     1 
ATOM   99   C  CB    . VAL A 1 16  ? -7.119  0.505   -3.151  1.00 12.07 ? 69  VAL A CB    1 
ATOM   100  C  CG1   . VAL A 1 16  ? -7.895  1.478   -2.237  1.00 13.35 ? 69  VAL A CG1   1 
ATOM   101  C  CG2   . VAL A 1 16  ? -6.038  1.233   -4.009  1.00 17.28 ? 69  VAL A CG2   1 
ATOM   102  N  N     . GLY A 1 17  ? -6.598  -2.528  -3.849  1.00 15.86 ? 70  GLY A N     1 
ATOM   103  C  CA    . GLY A 1 17  ? -6.118  -3.592  -4.703  1.00 15.22 ? 70  GLY A CA    1 
ATOM   104  C  C     . GLY A 1 17  ? -7.032  -4.802  -4.573  1.00 15.41 ? 70  GLY A C     1 
ATOM   105  O  O     . GLY A 1 17  ? -7.869  -4.864  -3.672  1.00 17.20 ? 70  GLY A O     1 
ATOM   106  N  N     . ASP A 1 18  ? -6.879  -5.750  -5.493  1.00 14.98 ? 71  ASP A N     1 
ATOM   107  C  CA    . ASP A 1 18  ? -7.721  -6.960  -5.546  1.00 16.62 ? 71  ASP A CA    1 
ATOM   108  C  C     . ASP A 1 18  ? -7.711  -7.740  -4.246  1.00 17.06 ? 71  ASP A C     1 
ATOM   109  O  O     . ASP A 1 18  ? -6.768  -7.701  -3.491  1.00 15.17 ? 71  ASP A O     1 
ATOM   110  C  CB    . ASP A 1 18  ? -7.248  -7.897  -6.668  1.00 17.52 ? 71  ASP A CB    1 
ATOM   111  C  CG    . ASP A 1 18  ? -7.655  -7.418  -8.062  1.00 16.94 ? 71  ASP A CG    1 
ATOM   112  O  OD1   . ASP A 1 18  ? -8.144  -6.298  -8.190  1.00 20.90 ? 71  ASP A OD1   1 
ATOM   113  O  OD2   . ASP A 1 18  ? -7.473  -8.184  -9.017  1.00 19.59 ? 71  ASP A OD2   1 
ATOM   114  N  N     . SER A 1 19  ? -8.770  -8.477  -4.009  1.00 19.19 ? 72  SER A N     1 
ATOM   115  C  CA    . SER A 1 19  ? -8.825  -9.296  -2.860  1.00 19.80 ? 72  SER A CA    1 
ATOM   116  C  C     . SER A 1 19  ? -7.718  -10.317 -2.948  1.00 18.49 ? 72  SER A C     1 
ATOM   117  O  O     . SER A 1 19  ? -7.504  -10.906 -3.979  1.00 16.62 ? 72  SER A O     1 
ATOM   118  C  CB    . SER A 1 19  ? -10.170 -10.011 -2.763  1.00 19.29 ? 72  SER A CB    1 
ATOM   119  O  OG    . SER A 1 19  ? -10.137 -10.873 -1.658  1.00 19.01 ? 72  SER A OG    1 
ATOM   120  N  N     . GLY A 1 20  ? -7.016  -10.513 -1.850  1.00 16.88 ? 73  GLY A N     1 
ATOM   121  C  CA    . GLY A 1 20  ? -5.986  -11.508 -1.782  1.00 19.18 ? 73  GLY A CA    1 
ATOM   122  C  C     . GLY A 1 20  ? -4.582  -11.000 -2.029  1.00 17.88 ? 73  GLY A C     1 
ATOM   123  O  O     . GLY A 1 20  ? -3.612  -11.753 -1.867  1.00 17.27 ? 73  GLY A O     1 
ATOM   124  N  N     . VAL A 1 21  ? -4.432  -9.745  -2.429  1.00 14.58 ? 74  VAL A N     1 
ATOM   125  C  CA    . VAL A 1 21  ? -3.088  -9.288  -2.803  1.00 15.95 ? 74  VAL A CA    1 
ATOM   126  C  C     . VAL A 1 21  ? -2.145  -9.063  -1.607  1.00 12.79 ? 74  VAL A C     1 
ATOM   127  O  O     . VAL A 1 21  ? -0.899  -9.008  -1.784  1.00 16.96 ? 74  VAL A O     1 
ATOM   128  C  CB    . VAL A 1 21  ? -3.115  -8.040  -3.710  1.00 11.56 ? 74  VAL A CB    1 
ATOM   129  C  CG1   . VAL A 1 21  ? -3.838  -8.362  -5.047  1.00 10.99 ? 74  VAL A CG1   1 
ATOM   130  C  CG2   . VAL A 1 21  ? -3.721  -6.876  -2.959  1.00 12.18 ? 74  VAL A CG2   1 
ATOM   131  N  N     . GLY A 1 22  ? -2.708  -8.904  -0.408  1.00 14.20 ? 75  GLY A N     1 
ATOM   132  C  CA    . GLY A 1 22  ? -1.893  -8.715  0.786   1.00 12.97 ? 75  GLY A CA    1 
ATOM   133  C  C     . GLY A 1 22  ? -2.029  -7.411  1.534   1.00 14.22 ? 75  GLY A C     1 
ATOM   134  O  O     . GLY A 1 22  ? -1.169  -7.110  2.347   1.00 14.47 ? 75  GLY A O     1 
ATOM   135  N  N     . LYS A 1 23  ? -3.100  -6.646  1.273   1.00 16.05 ? 76  LYS A N     1 
ATOM   136  C  CA    . LYS A 1 23  ? -3.348  -5.324  1.942   1.00 15.79 ? 76  LYS A CA    1 
ATOM   137  C  C     . LYS A 1 23  ? -3.327  -5.419  3.477   1.00 17.06 ? 76  LYS A C     1 
ATOM   138  O  O     . LYS A 1 23  ? -2.544  -4.716  4.149   1.00 18.14 ? 76  LYS A O     1 
ATOM   139  C  CB    . LYS A 1 23  ? -4.682  -4.714  1.465   1.00 16.75 ? 76  LYS A CB    1 
ATOM   140  C  CG    . LYS A 1 23  ? -4.748  -4.430  -0.051  1.00 16.53 ? 76  LYS A CG    1 
ATOM   141  C  CD    . LYS A 1 23  ? -6.084  -3.822  -0.480  1.00 13.83 ? 76  LYS A CD    1 
ATOM   142  C  CE    . LYS A 1 23  ? -7.279  -4.789  -0.332  1.00 11.71 ? 76  LYS A CE    1 
ATOM   143  N  NZ    . LYS A 1 23  ? -7.093  -6.046  -1.047  1.00 15.02 ? 76  LYS A NZ    1 
ATOM   144  N  N     . THR A 1 24  ? -4.144  -6.312  4.029   1.00 16.00 ? 77  THR A N     1 
ATOM   145  C  CA    . THR A 1 24  ? -4.211  -6.515  5.495   1.00 18.53 ? 77  THR A CA    1 
ATOM   146  C  C     . THR A 1 24  ? -2.854  -6.978  6.080   1.00 14.96 ? 77  THR A C     1 
ATOM   147  O  O     . THR A 1 24  ? -2.321  -6.378  7.037   1.00 15.91 ? 77  THR A O     1 
ATOM   148  C  CB    . THR A 1 24  ? -5.373  -7.515  5.899   1.00 16.13 ? 77  THR A CB    1 
ATOM   149  O  OG1   . THR A 1 24  ? -6.605  -7.060  5.341   1.00 19.21 ? 77  THR A OG1   1 
ATOM   150  C  CG2   . THR A 1 24  ? -5.521  -7.610  7.394   1.00 17.15 ? 77  THR A CG2   1 
ATOM   151  N  N     . CYS A 1 25  ? -2.267  -7.986  5.476   1.00 15.69 ? 78  CYS A N     1 
ATOM   152  C  CA    . CYS A 1 25  ? -0.958  -8.453  5.924   1.00 19.39 ? 78  CYS A CA    1 
ATOM   153  C  C     . CYS A 1 25  ? 0.139   -7.416  5.821   1.00 15.98 ? 78  CYS A C     1 
ATOM   154  O  O     . CYS A 1 25  ? 1.017   -7.370  6.681   1.00 13.30 ? 78  CYS A O     1 
ATOM   155  C  CB    . CYS A 1 25  ? -0.521  -9.734  5.188   1.00 19.75 ? 78  CYS A CB    1 
ATOM   156  S  SG    . CYS A 1 25  ? -1.447  -11.120 5.692   1.00 22.05 ? 78  CYS A SG    1 
ATOM   157  N  N     . LEU A 1 26  ? 0.117   -6.600  4.756   1.00 17.30 ? 79  LEU A N     1 
ATOM   158  C  CA    . LEU A 1 26  ? 1.142   -5.609  4.573   1.00 18.20 ? 79  LEU A CA    1 
ATOM   159  C  C     . LEU A 1 26  ? 1.095   -4.589  5.742   1.00 21.20 ? 79  LEU A C     1 
ATOM   160  O  O     . LEU A 1 26  ? 2.137   -4.144  6.258   1.00 16.13 ? 79  LEU A O     1 
ATOM   161  C  CB    . LEU A 1 26  ? 0.956   -4.873  3.265   1.00 18.02 ? 79  LEU A CB    1 
ATOM   162  C  CG    . LEU A 1 26  ? 2.171   -4.094  2.790   1.00 21.44 ? 79  LEU A CG    1 
ATOM   163  C  CD1   . LEU A 1 26  ? 3.064   -5.039  2.005   1.00 22.27 ? 79  LEU A CD1   1 
ATOM   164  C  CD2   . LEU A 1 26  ? 1.730   -2.876  1.931   1.00 18.47 ? 79  LEU A CD2   1 
ATOM   165  N  N     . LEU A 1 27  ? -0.123  -4.207  6.101   1.00 20.46 ? 80  LEU A N     1 
ATOM   166  C  CA    . LEU A 1 27  ? -0.362  -3.303  7.226   1.00 21.81 ? 80  LEU A CA    1 
ATOM   167  C  C     . LEU A 1 27  ? 0.027   -3.932  8.550   1.00 19.37 ? 80  LEU A C     1 
ATOM   168  O  O     . LEU A 1 27  ? 0.616   -3.261  9.420   1.00 22.18 ? 80  LEU A O     1 
ATOM   169  C  CB    . LEU A 1 27  ? -1.817  -2.901  7.277   1.00 21.77 ? 80  LEU A CB    1 
ATOM   170  C  CG    . LEU A 1 27  ? -2.267  -1.834  6.303   1.00 24.84 ? 80  LEU A CG    1 
ATOM   171  C  CD1   . LEU A 1 27  ? -3.791  -1.748  6.278   1.00 23.10 ? 80  LEU A CD1   1 
ATOM   172  C  CD2   . LEU A 1 27  ? -1.618  -0.462  6.665   1.00 24.74 ? 80  LEU A CD2   1 
ATOM   173  N  N     . VAL A 1 28  ? -0.307  -5.207  8.729   1.00 20.50 ? 81  VAL A N     1 
ATOM   174  C  CA    . VAL A 1 28  ? 0.056   -5.911  9.973   1.00 20.96 ? 81  VAL A CA    1 
ATOM   175  C  C     . VAL A 1 28  ? 1.581   -5.953  10.096  1.00 20.46 ? 81  VAL A C     1 
ATOM   176  O  O     . VAL A 1 28  ? 2.120   -5.690  11.154  1.00 20.29 ? 81  VAL A O     1 
ATOM   177  C  CB    . VAL A 1 28  ? -0.573  -7.319  10.077  1.00 23.37 ? 81  VAL A CB    1 
ATOM   178  C  CG1   . VAL A 1 28  ? 0.082   -8.130  11.184  1.00 22.17 ? 81  VAL A CG1   1 
ATOM   179  C  CG2   . VAL A 1 28  ? -2.117  -7.218  10.310  1.00 22.99 ? 81  VAL A CG2   1 
ATOM   180  N  N     . ARG A 1 29  ? 2.271   -6.231  8.985   1.00 19.67 ? 82  ARG A N     1 
ATOM   181  C  CA    . ARG A 1 29  ? 3.722   -6.258  8.976   1.00 17.99 ? 82  ARG A CA    1 
ATOM   182  C  C     . ARG A 1 29  ? 4.353   -4.927  9.331   1.00 21.07 ? 82  ARG A C     1 
ATOM   183  O  O     . ARG A 1 29  ? 5.306   -4.896  10.100  1.00 17.26 ? 82  ARG A O     1 
ATOM   184  C  CB    . ARG A 1 29  ? 4.258   -6.747  7.608   1.00 20.33 ? 82  ARG A CB    1 
ATOM   185  C  CG    . ARG A 1 29  ? 5.694   -6.416  7.322   1.00 22.53 ? 82  ARG A CG    1 
ATOM   186  C  CD    . ARG A 1 29  ? 6.685   -7.015  8.281   1.00 27.85 ? 82  ARG A CD    1 
ATOM   187  N  NE    . ARG A 1 29  ? 6.799   -8.444  8.132   1.00 29.22 ? 82  ARG A NE    1 
ATOM   188  C  CZ    . ARG A 1 29  ? 7.863   -9.164  8.468   1.00 31.81 ? 82  ARG A CZ    1 
ATOM   189  N  NH1   . ARG A 1 29  ? 7.856   -10.466 8.267   1.00 28.36 ? 82  ARG A NH1   1 
ATOM   190  N  NH2   . ARG A 1 29  ? 8.938   -8.600  8.985   1.00 35.45 ? 82  ARG A NH2   1 
ATOM   191  N  N     . PHE A 1 30  ? 3.861   -3.838  8.732   1.00 20.05 ? 83  PHE A N     1 
ATOM   192  C  CA    . PHE A 1 30  ? 4.365   -2.501  9.039   1.00 20.15 ? 83  PHE A CA    1 
ATOM   193  C  C     . PHE A 1 30  ? 4.082   -2.105  10.500  1.00 21.01 ? 83  PHE A C     1 
ATOM   194  O  O     . PHE A 1 30  ? 4.969   -1.627  11.212  1.00 19.63 ? 83  PHE A O     1 
ATOM   195  C  CB    . PHE A 1 30  ? 3.708   -1.464  8.129   1.00 19.65 ? 83  PHE A CB    1 
ATOM   196  C  CG    . PHE A 1 30  ? 4.177   -0.053  8.378   1.00 19.42 ? 83  PHE A CG    1 
ATOM   197  C  CD1   . PHE A 1 30  ? 5.538   0.246   8.427   1.00 20.07 ? 83  PHE A CD1   1 
ATOM   198  C  CD2   . PHE A 1 30  ? 3.256   0.980   8.555   1.00 19.07 ? 83  PHE A CD2   1 
ATOM   199  C  CE1   . PHE A 1 30  ? 5.967   1.565   8.665   1.00 22.64 ? 83  PHE A CE1   1 
ATOM   200  C  CE2   . PHE A 1 30  ? 3.680   2.294   8.774   1.00 19.70 ? 83  PHE A CE2   1 
ATOM   201  C  CZ    . PHE A 1 30  ? 5.024   2.588   8.820   1.00 18.59 ? 83  PHE A CZ    1 
ATOM   202  N  N     . LYS A 1 31  ? 2.859   -2.323  10.937  1.00 20.01 ? 84  LYS A N     1 
ATOM   203  C  CA    . LYS A 1 31  ? 2.445   -1.866  12.262  1.00 24.85 ? 84  LYS A CA    1 
ATOM   204  C  C     . LYS A 1 31  ? 3.043   -2.715  13.394  1.00 25.85 ? 84  LYS A C     1 
ATOM   205  O  O     . LYS A 1 31  ? 3.525   -2.168  14.396  1.00 22.34 ? 84  LYS A O     1 
ATOM   206  C  CB    . LYS A 1 31  ? 0.916   -1.833  12.349  1.00 26.38 ? 84  LYS A CB    1 
ATOM   207  C  CG    . LYS A 1 31  ? 0.330   -1.492  13.734  1.00 29.10 ? 84  LYS A CG    1 
ATOM   208  C  CD    . LYS A 1 31  ? 0.662   -0.102  14.157  1.00 31.29 ? 84  LYS A CD    1 
ATOM   209  C  CE    . LYS A 1 31  ? -0.105  0.292   15.423  1.00 32.38 ? 84  LYS A CE    1 
ATOM   210  N  NZ    . LYS A 1 31  ? 0.580   1.425   16.089  1.00 32.88 ? 84  LYS A NZ    1 
ATOM   211  N  N     . ASP A 1 32  ? 3.004   -4.032  13.216  1.00 23.48 ? 85  ASP A N     1 
ATOM   212  C  CA    . ASP A 1 32  ? 3.397   -4.992  14.235  1.00 28.09 ? 85  ASP A CA    1 
ATOM   213  C  C     . ASP A 1 32  ? 4.715   -5.702  13.950  1.00 25.92 ? 85  ASP A C     1 
ATOM   214  O  O     . ASP A 1 32  ? 5.190   -6.434  14.781  1.00 30.29 ? 85  ASP A O     1 
ATOM   215  C  CB    . ASP A 1 32  ? 2.263   -6.038  14.440  1.00 28.53 ? 85  ASP A CB    1 
ATOM   216  C  CG    . ASP A 1 32  ? 0.951   -5.399  14.932  1.00 31.32 ? 85  ASP A CG    1 
ATOM   217  O  OD1   . ASP A 1 32  ? 1.000   -4.288  15.486  1.00 31.98 ? 85  ASP A OD1   1 
ATOM   218  O  OD2   . ASP A 1 32  ? -0.133  -6.013  14.773  1.00 31.73 ? 85  ASP A OD2   1 
ATOM   219  N  N     . GLY A 1 33  ? 5.311   -5.478  12.778  1.00 28.83 ? 86  GLY A N     1 
ATOM   220  C  CA    . GLY A 1 33  ? 6.594   -6.074  12.458  1.00 25.65 ? 86  GLY A CA    1 
ATOM   221  C  C     . GLY A 1 33  ? 6.537   -7.593  12.375  1.00 26.96 ? 86  GLY A C     1 
ATOM   222  O  O     . GLY A 1 33  ? 7.551   -8.249  12.439  1.00 32.16 ? 86  GLY A O     1 
ATOM   223  N  N     . ALA A 1 34  ? 5.343   -8.152  12.227  1.00 28.60 ? 87  ALA A N     1 
ATOM   224  C  CA    . ALA A 1 34  ? 5.183   -9.583  12.133  1.00 29.71 ? 87  ALA A CA    1 
ATOM   225  C  C     . ALA A 1 34  ? 4.321   -9.976  10.925  1.00 29.07 ? 87  ALA A C     1 
ATOM   226  O  O     . ALA A 1 34  ? 3.499   -9.195  10.426  1.00 24.29 ? 87  ALA A O     1 
ATOM   227  C  CB    . ALA A 1 34  ? 4.562   -10.129 13.408  1.00 31.27 ? 87  ALA A CB    1 
ATOM   228  N  N     . PHE A 1 35  ? 4.551   -11.195 10.468  1.00 26.32 ? 88  PHE A N     1 
ATOM   229  C  CA    . PHE A 1 35  ? 3.706   -11.841 9.486   1.00 30.09 ? 88  PHE A CA    1 
ATOM   230  C  C     . PHE A 1 35  ? 3.109   -13.038 10.165  1.00 35.16 ? 88  PHE A C     1 
ATOM   231  O  O     . PHE A 1 35  ? 3.835   -13.962 10.579  1.00 38.32 ? 88  PHE A O     1 
ATOM   232  C  CB    . PHE A 1 35  ? 4.514   -12.323 8.308   1.00 26.99 ? 88  PHE A CB    1 
ATOM   233  C  CG    . PHE A 1 35  ? 3.715   -13.081 7.292   1.00 28.64 ? 88  PHE A CG    1 
ATOM   234  C  CD1   . PHE A 1 35  ? 2.798   -12.414 6.452   1.00 23.81 ? 88  PHE A CD1   1 
ATOM   235  C  CD2   . PHE A 1 35  ? 3.899   -14.464 7.136   1.00 28.35 ? 88  PHE A CD2   1 
ATOM   236  C  CE1   . PHE A 1 35  ? 2.078   -13.107 5.512   1.00 24.50 ? 88  PHE A CE1   1 
ATOM   237  C  CE2   . PHE A 1 35  ? 3.175   -15.169 6.195   1.00 25.00 ? 88  PHE A CE2   1 
ATOM   238  C  CZ    . PHE A 1 35  ? 2.261   -14.490 5.369   1.00 26.26 ? 88  PHE A CZ    1 
ATOM   239  N  N     . LEU A 1 36  ? 1.797   -13.025 10.305  1.00 38.36 ? 89  LEU A N     1 
ATOM   240  C  CA    . LEU A 1 36  ? 1.098   -14.162 10.841  1.00 41.04 ? 89  LEU A CA    1 
ATOM   241  C  C     . LEU A 1 36  ? 0.643   -14.976 9.640   1.00 41.50 ? 89  LEU A C     1 
ATOM   242  O  O     . LEU A 1 36  ? -0.179  -14.510 8.817   1.00 42.06 ? 89  LEU A O     1 
ATOM   243  C  CB    . LEU A 1 36  ? -0.094  -13.720 11.710  1.00 40.11 ? 89  LEU A CB    1 
ATOM   244  N  N     . ALA A 1 37  ? 1.221   -16.163 9.501   1.00 39.58 ? 90  ALA A N     1 
ATOM   245  C  CA    . ALA A 1 37  ? 0.810   -17.084 8.476   1.00 40.21 ? 90  ALA A CA    1 
ATOM   246  C  C     . ALA A 1 37  ? -0.484  -17.769 8.989   1.00 40.70 ? 90  ALA A C     1 
ATOM   247  O  O     . ALA A 1 37  ? -0.518  -18.970 9.220   1.00 43.24 ? 90  ALA A O     1 
ATOM   248  C  CB    . ALA A 1 37  ? 1.920   -18.092 8.204   1.00 40.98 ? 90  ALA A CB    1 
ATOM   249  N  N     . GLY A 1 38  ? -1.535  -16.978 9.180   1.00 37.98 ? 91  GLY A N     1 
ATOM   250  C  CA    . GLY A 1 38  ? -2.750  -17.468 9.808   1.00 36.69 ? 91  GLY A CA    1 
ATOM   251  C  C     . GLY A 1 38  ? -3.848  -17.751 8.818   1.00 34.66 ? 91  GLY A C     1 
ATOM   252  O  O     . GLY A 1 38  ? -3.594  -18.167 7.691   1.00 38.80 ? 91  GLY A O     1 
ATOM   253  N  N     . THR A 1 39  ? -5.076  -17.528 9.263   1.00 28.96 ? 92  THR A N     1 
ATOM   254  C  CA    . THR A 1 39  ? -6.257  -17.693 8.460   1.00 27.58 ? 92  THR A CA    1 
ATOM   255  C  C     . THR A 1 39  ? -6.384  -16.549 7.458   1.00 27.52 ? 92  THR A C     1 
ATOM   256  O  O     . THR A 1 39  ? -6.237  -15.367 7.829   1.00 23.18 ? 92  THR A O     1 
ATOM   257  C  CB    . THR A 1 39  ? -7.512  -17.658 9.364   1.00 25.16 ? 92  THR A CB    1 
ATOM   258  O  OG1   . THR A 1 39  ? -7.287  -18.473 10.535  1.00 19.53 ? 92  THR A OG1   1 
ATOM   259  C  CG2   . THR A 1 39  ? -8.747  -18.141 8.605   1.00 19.22 ? 92  THR A CG2   1 
ATOM   260  N  N     . PHE A 1 40  ? -6.649  -16.882 6.201   1.00 26.42 ? 93  PHE A N     1 
ATOM   261  C  CA    . PHE A 1 40  ? -6.999  -15.850 5.247   1.00 29.43 ? 93  PHE A CA    1 
ATOM   262  C  C     . PHE A 1 40  ? -8.377  -15.326 5.595   1.00 25.89 ? 93  PHE A C     1 
ATOM   263  O  O     . PHE A 1 40  ? -9.365  -16.006 5.402   1.00 27.45 ? 93  PHE A O     1 
ATOM   264  C  CB    . PHE A 1 40  ? -6.992  -16.327 3.799   1.00 32.24 ? 93  PHE A CB    1 
ATOM   265  C  CG    . PHE A 1 40  ? -7.528  -15.283 2.825   1.00 32.81 ? 93  PHE A CG    1 
ATOM   266  C  CD1   . PHE A 1 40  ? -7.244  -13.914 3.009   1.00 33.69 ? 93  PHE A CD1   1 
ATOM   267  C  CD2   . PHE A 1 40  ? -8.290  -15.658 1.735   1.00 34.70 ? 93  PHE A CD2   1 
ATOM   268  C  CE1   . PHE A 1 40  ? -7.735  -12.936 2.112   1.00 33.46 ? 93  PHE A CE1   1 
ATOM   269  C  CE2   . PHE A 1 40  ? -8.778  -14.687 0.817   1.00 35.59 ? 93  PHE A CE2   1 
ATOM   270  C  CZ    . PHE A 1 40  ? -8.497  -13.324 1.020   1.00 35.89 ? 93  PHE A CZ    1 
ATOM   271  N  N     . ILE A 1 41  ? -8.416  -14.122 6.138   1.00 25.99 ? 94  ILE A N     1 
ATOM   272  C  CA    . ILE A 1 41  ? -9.661  -13.469 6.481   1.00 27.03 ? 94  ILE A CA    1 
ATOM   273  C  C     . ILE A 1 41  ? -9.853  -12.228 5.599   1.00 25.18 ? 94  ILE A C     1 
ATOM   274  O  O     . ILE A 1 41  ? -9.219  -11.178 5.829   1.00 25.74 ? 94  ILE A O     1 
ATOM   275  C  CB    . ILE A 1 41  ? -9.678  -13.092 7.950   1.00 26.99 ? 94  ILE A CB    1 
ATOM   276  C  CG1   . ILE A 1 41  ? -9.612  -14.373 8.807   1.00 28.33 ? 94  ILE A CG1   1 
ATOM   277  C  CG2   . ILE A 1 41  ? -10.904 -12.280 8.243   1.00 29.37 ? 94  ILE A CG2   1 
ATOM   278  C  CD1   . ILE A 1 41  ? -9.455  -14.147 10.290  1.00 27.48 ? 94  ILE A CD1   1 
ATOM   279  N  N     . SER A 1 42  ? -10.701 -12.378 4.584   1.00 22.70 ? 95  SER A N     1 
ATOM   280  C  CA    . SER A 1 42  ? -11.088 -11.290 3.697   1.00 24.88 ? 95  SER A CA    1 
ATOM   281  C  C     . SER A 1 42  ? -11.749 -10.145 4.424   1.00 22.03 ? 95  SER A C     1 
ATOM   282  O  O     . SER A 1 42  ? -12.721 -10.335 5.158   1.00 23.30 ? 95  SER A O     1 
ATOM   283  C  CB    . SER A 1 42  ? -12.034 -11.759 2.605   1.00 27.74 ? 95  SER A CB    1 
ATOM   284  O  OG    . SER A 1 42  ? -11.340 -11.938 1.395   1.00 32.04 ? 95  SER A OG    1 
ATOM   285  N  N     . THR A 1 43  ? -11.206 -8.954  4.192   1.00 18.81 ? 96  THR A N     1 
ATOM   286  C  CA    . THR A 1 43  ? -11.651 -7.705  4.817   1.00 19.99 ? 96  THR A CA    1 
ATOM   287  C  C     . THR A 1 43  ? -12.980 -7.298  4.250   1.00 19.20 ? 96  THR A C     1 
ATOM   288  O  O     . THR A 1 43  ? -13.139 -7.261  3.040   1.00 21.43 ? 96  THR A O     1 
ATOM   289  C  CB    . THR A 1 43  ? -10.598 -6.585  4.550   1.00 18.63 ? 96  THR A CB    1 
ATOM   290  O  OG1   . THR A 1 43  ? -9.344  -7.089  4.926   1.00 19.02 ? 96  THR A OG1   1 
ATOM   291  C  CG2   . THR A 1 43  ? -10.879 -5.272  5.362   1.00 17.07 ? 96  THR A CG2   1 
ATOM   292  N  N     . VAL A 1 44  ? -13.943 -7.019  5.131   1.00 21.69 ? 97  VAL A N     1 
ATOM   293  C  CA    . VAL A 1 44  ? -15.321 -6.732  4.710   1.00 23.21 ? 97  VAL A CA    1 
ATOM   294  C  C     . VAL A 1 44  ? -15.601 -5.232  4.525   1.00 24.12 ? 97  VAL A C     1 
ATOM   295  O  O     . VAL A 1 44  ? -16.264 -4.841  3.571   1.00 28.09 ? 97  VAL A O     1 
ATOM   296  C  CB    . VAL A 1 44  ? -16.328 -7.428  5.648   1.00 22.93 ? 97  VAL A CB    1 
ATOM   297  C  CG1   . VAL A 1 44  ? -17.738 -6.876  5.477   1.00 19.85 ? 97  VAL A CG1   1 
ATOM   298  C  CG2   . VAL A 1 44  ? -16.300 -8.953  5.363   1.00 21.79 ? 97  VAL A CG2   1 
ATOM   299  N  N     A GLY A 1 45  ? -15.098 -4.434  5.457   0.50 23.54 ? 98  GLY A N     1 
ATOM   300  N  N     B GLY A 1 45  ? -15.062 -4.383  5.391   0.50 23.84 ? 98  GLY A N     1 
ATOM   301  C  CA    A GLY A 1 45  ? -15.253 -2.997  5.415   0.50 25.05 ? 98  GLY A CA    1 
ATOM   302  C  CA    B GLY A 1 45  ? -15.289 -2.938  5.257   0.50 25.73 ? 98  GLY A CA    1 
ATOM   303  C  C     A GLY A 1 45  ? -13.931 -2.355  5.763   0.50 23.44 ? 98  GLY A C     1 
ATOM   304  C  C     B GLY A 1 45  ? -14.001 -2.144  5.123   0.50 24.43 ? 98  GLY A C     1 
ATOM   305  O  O     A GLY A 1 45  ? -12.940 -3.056  6.054   0.50 23.44 ? 98  GLY A O     1 
ATOM   306  O  O     B GLY A 1 45  ? -13.128 -2.472  4.306   0.50 27.18 ? 98  GLY A O     1 
ATOM   307  N  N     . ILE A 1 46  ? -13.929 -1.039  5.840   1.00 21.53 ? 99  ILE A N     1 
ATOM   308  C  CA    . ILE A 1 46  ? -12.705 -0.321  5.989   1.00 23.04 ? 99  ILE A CA    1 
ATOM   309  C  C     . ILE A 1 46  ? -12.490 -0.196  7.497   1.00 20.98 ? 99  ILE A C     1 
ATOM   310  O  O     . ILE A 1 46  ? -13.420 -0.333  8.289   1.00 18.16 ? 99  ILE A O     1 
ATOM   311  C  CB    . ILE A 1 46  ? -12.711 1.044   5.207   1.00 23.23 ? 99  ILE A CB    1 
ATOM   312  C  CG1   . ILE A 1 46  ? -13.507 2.119   5.930   1.00 25.56 ? 99  ILE A CG1   1 
ATOM   313  C  CG2   . ILE A 1 46  ? -13.297 0.863   3.825   1.00 20.58 ? 99  ILE A CG2   1 
ATOM   314  C  CD1   . ILE A 1 46  ? -13.859 3.341   5.032   1.00 26.58 ? 99  ILE A CD1   1 
ATOM   315  N  N     . ASP A 1 47  ? -11.246 -0.030  7.889   1.00 22.24 ? 100 ASP A N     1 
ATOM   316  C  CA    . ASP A 1 47  ? -10.922 0.155   9.300   1.00 20.80 ? 100 ASP A CA    1 
ATOM   317  C  C     . ASP A 1 47  ? -9.561  0.826   9.330   1.00 20.01 ? 100 ASP A C     1 
ATOM   318  O  O     . ASP A 1 47  ? -8.821  0.753   8.353   1.00 20.00 ? 100 ASP A O     1 
ATOM   319  C  CB    . ASP A 1 47  ? -10.957 -1.184  10.061  1.00 22.05 ? 100 ASP A CB    1 
ATOM   320  C  CG    . ASP A 1 47  ? -9.910  -2.177  9.577   1.00 24.17 ? 100 ASP A CG    1 
ATOM   321  O  OD1   . ASP A 1 47  ? -8.725  -1.848  9.600   1.00 28.35 ? 100 ASP A OD1   1 
ATOM   322  O  OD2   . ASP A 1 47  ? -10.266 -3.296  9.202   1.00 25.31 ? 100 ASP A OD2   1 
ATOM   323  N  N     . PHE A 1 48  ? -9.239  1.523   10.404  1.00 21.74 ? 101 PHE A N     1 
ATOM   324  C  CA    . PHE A 1 48  ? -7.950  2.214   10.448  1.00 22.98 ? 101 PHE A CA    1 
ATOM   325  C  C     . PHE A 1 48  ? -7.094  1.854   11.620  1.00 21.87 ? 101 PHE A C     1 
ATOM   326  O  O     . PHE A 1 48  ? -7.572  1.287   12.650  1.00 20.24 ? 101 PHE A O     1 
ATOM   327  C  CB    . PHE A 1 48  ? -8.118  3.765   10.302  1.00 26.34 ? 101 PHE A CB    1 
ATOM   328  C  CG    . PHE A 1 48  ? -8.372  4.509   11.590  1.00 30.64 ? 101 PHE A CG    1 
ATOM   329  C  CD1   . PHE A 1 48  ? -9.669  4.961   11.918  1.00 28.15 ? 101 PHE A CD1   1 
ATOM   330  C  CD2   . PHE A 1 48  ? -7.313  4.803   12.479  1.00 27.52 ? 101 PHE A CD2   1 
ATOM   331  C  CE1   . PHE A 1 48  ? -9.890  5.663   13.096  1.00 29.51 ? 101 PHE A CE1   1 
ATOM   332  C  CE2   . PHE A 1 48  ? -7.546  5.497   13.652  1.00 28.07 ? 101 PHE A CE2   1 
ATOM   333  C  CZ    . PHE A 1 48  ? -8.826  5.935   13.959  1.00 27.60 ? 101 PHE A CZ    1 
ATOM   334  N  N     . ARG A 1 49  ? -5.802  2.108   11.422  1.00 19.62 ? 102 ARG A N     1 
ATOM   335  C  CA    A ARG A 1 49  ? -4.763  1.936   12.435  0.50 22.41 ? 102 ARG A CA    1 
ATOM   336  C  CA    B ARG A 1 49  ? -4.834  2.050   12.522  0.50 19.94 ? 102 ARG A CA    1 
ATOM   337  C  C     . ARG A 1 49  ? -3.681  3.033   12.247  1.00 19.58 ? 102 ARG A C     1 
ATOM   338  O  O     . ARG A 1 49  ? -3.371  3.389   11.113  1.00 16.22 ? 102 ARG A O     1 
ATOM   339  C  CB    A ARG A 1 49  ? -4.149  0.545   12.300  0.50 23.41 ? 102 ARG A CB    1 
ATOM   340  C  CB    B ARG A 1 49  ? -4.373  0.609   12.921  0.50 18.71 ? 102 ARG A CB    1 
ATOM   341  C  CG    A ARG A 1 49  ? -3.521  0.239   10.905  0.50 24.93 ? 102 ARG A CG    1 
ATOM   342  C  CG    B ARG A 1 49  ? -3.230  -0.072  12.096  0.50 18.66 ? 102 ARG A CG    1 
ATOM   343  C  CD    A ARG A 1 49  ? -3.526  -1.289  10.611  0.50 27.82 ? 102 ARG A CD    1 
ATOM   344  C  CD    B ARG A 1 49  ? -3.793  -1.213  11.199  0.50 20.33 ? 102 ARG A CD    1 
ATOM   345  N  NE    A ARG A 1 49  ? -2.892  -2.066  11.697  0.50 30.40 ? 102 ARG A NE    1 
ATOM   346  N  NE    B ARG A 1 49  ? -4.744  -0.651  10.274  0.50 18.59 ? 102 ARG A NE    1 
ATOM   347  C  CZ    A ARG A 1 49  ? -2.889  -3.392  11.788  0.50 28.58 ? 102 ARG A CZ    1 
ATOM   348  C  CZ    B ARG A 1 49  ? -5.774  -1.269  9.738   0.50 12.61 ? 102 ARG A CZ    1 
ATOM   349  N  NH1   A ARG A 1 49  ? -3.491  -4.132  10.873  0.50 32.02 ? 102 ARG A NH1   1 
ATOM   350  N  NH1   B ARG A 1 49  ? -6.514  -0.567  8.965   0.50 10.70 ? 102 ARG A NH1   1 
ATOM   351  N  NH2   A ARG A 1 49  ? -2.289  -3.981  12.819  0.50 30.44 ? 102 ARG A NH2   1 
ATOM   352  N  NH2   B ARG A 1 49  ? -6.066  -2.574  9.968   0.50 12.42 ? 102 ARG A NH2   1 
ATOM   353  N  N     . ASN A 1 50  ? -3.113  3.526   13.331  1.00 20.12 ? 103 ASN A N     1 
ATOM   354  C  CA    . ASN A 1 50  ? -2.139  4.612   13.318  1.00 23.56 ? 103 ASN A CA    1 
ATOM   355  C  C     . ASN A 1 50  ? -0.705  4.148   13.533  1.00 23.43 ? 103 ASN A C     1 
ATOM   356  O  O     . ASN A 1 50  ? -0.438  3.247   14.352  1.00 24.41 ? 103 ASN A O     1 
ATOM   357  C  CB    . ASN A 1 50  ? -2.448  5.615   14.446  1.00 21.57 ? 103 ASN A CB    1 
ATOM   358  C  CG    . ASN A 1 50  ? -3.831  6.236   14.345  1.00 22.48 ? 103 ASN A CG    1 
ATOM   359  O  OD1   . ASN A 1 50  ? -4.406  6.366   13.269  1.00 24.09 ? 103 ASN A OD1   1 
ATOM   360  N  ND2   . ASN A 1 50  ? -4.360  6.655   15.481  1.00 24.35 ? 103 ASN A ND2   1 
ATOM   361  N  N     . LYS A 1 51  ? 0.220   4.774   12.823  1.00 24.09 ? 104 LYS A N     1 
ATOM   362  C  CA    . LYS A 1 51  ? 1.631   4.606   13.139  1.00 23.86 ? 104 LYS A CA    1 
ATOM   363  C  C     . LYS A 1 51  ? 2.426   5.880   12.870  1.00 21.92 ? 104 LYS A C     1 
ATOM   364  O  O     . LYS A 1 51  ? 2.203   6.578   11.868  1.00 21.38 ? 104 LYS A O     1 
ATOM   365  C  CB    . LYS A 1 51  ? 2.245   3.403   12.415  1.00 24.71 ? 104 LYS A CB    1 
ATOM   366  C  CG    . LYS A 1 51  ? 3.673   3.132   12.852  1.00 26.67 ? 104 LYS A CG    1 
ATOM   367  C  CD    . LYS A 1 51  ? 4.071   1.680   12.662  1.00 28.83 ? 104 LYS A CD    1 
ATOM   368  C  CE    . LYS A 1 51  ? 5.540   1.465   12.956  1.00 30.37 ? 104 LYS A CE    1 
ATOM   369  N  NZ    . LYS A 1 51  ? 5.930   0.034   12.680  1.00 31.92 ? 104 LYS A NZ    1 
ATOM   370  N  N     . VAL A 1 52  ? 3.357   6.163   13.784  1.00 21.01 ? 105 VAL A N     1 
ATOM   371  C  CA    . VAL A 1 52  ? 4.239   7.336   13.724  1.00 19.98 ? 105 VAL A CA    1 
ATOM   372  C  C     . VAL A 1 52  ? 5.632   6.943   13.185  1.00 24.10 ? 105 VAL A C     1 
ATOM   373  O  O     . VAL A 1 52  ? 6.256   6.000   13.696  1.00 23.33 ? 105 VAL A O     1 
ATOM   374  C  CB    . VAL A 1 52  ? 4.379   7.993   15.139  1.00 19.84 ? 105 VAL A CB    1 
ATOM   375  C  CG1   . VAL A 1 52  ? 5.503   9.004   15.178  1.00 21.10 ? 105 VAL A CG1   1 
ATOM   376  C  CG2   . VAL A 1 52  ? 2.993   8.624   15.604  1.00 18.55 ? 105 VAL A CG2   1 
ATOM   377  N  N     . LEU A 1 53  ? 6.103   7.697   12.178  1.00 24.78 ? 106 LEU A N     1 
ATOM   378  C  CA    A LEU A 1 53  ? 7.399   7.463   11.530  0.50 26.07 ? 106 LEU A CA    1 
ATOM   379  C  CA    B LEU A 1 53  ? 7.384   7.459   11.502  0.50 25.01 ? 106 LEU A CA    1 
ATOM   380  C  C     . LEU A 1 53  ? 8.286   8.698   11.573  1.00 25.91 ? 106 LEU A C     1 
ATOM   381  O  O     . LEU A 1 53  ? 7.786   9.829   11.576  1.00 22.50 ? 106 LEU A O     1 
ATOM   382  C  CB    A LEU A 1 53  ? 7.194   7.126   10.047  0.50 26.36 ? 106 LEU A CB    1 
ATOM   383  C  CB    B LEU A 1 53  ? 7.152   7.173   10.000  0.50 24.13 ? 106 LEU A CB    1 
ATOM   384  C  CG    A LEU A 1 53  ? 6.679   5.772   9.622   0.50 26.39 ? 106 LEU A CG    1 
ATOM   385  C  CG    B LEU A 1 53  ? 6.142   6.164   9.460   0.50 23.41 ? 106 LEU A CG    1 
ATOM   386  C  CD1   A LEU A 1 53  ? 6.715   5.678   8.078   0.50 25.74 ? 106 LEU A CD1   1 
ATOM   387  C  CD1   B LEU A 1 53  ? 4.704   6.538   9.779   0.50 21.29 ? 106 LEU A CD1   1 
ATOM   388  C  CD2   A LEU A 1 53  ? 7.495   4.669   10.258  0.50 27.21 ? 106 LEU A CD2   1 
ATOM   389  C  CD2   B LEU A 1 53  ? 6.331   6.026   7.931   0.50 22.58 ? 106 LEU A CD2   1 
ATOM   390  N  N     . ASP A 1 54  ? 9.610   8.497   11.590  1.00 27.49 ? 107 ASP A N     1 
ATOM   391  C  CA    A ASP A 1 54  ? 10.500  9.660   11.450  0.50 28.60 ? 107 ASP A CA    1 
ATOM   392  C  CA    B ASP A 1 54  ? 10.592  9.581   11.484  0.50 29.72 ? 107 ASP A CA    1 
ATOM   393  C  C     . ASP A 1 54  ? 10.863  9.881   10.001  1.00 30.83 ? 107 ASP A C     1 
ATOM   394  O  O     . ASP A 1 54  ? 11.266  8.980   9.289   1.00 31.81 ? 107 ASP A O     1 
ATOM   395  C  CB    A ASP A 1 54  ? 11.774  9.605   12.288  0.50 28.88 ? 107 ASP A CB    1 
ATOM   396  C  CB    B ASP A 1 54  ? 11.934  9.155   12.127  0.50 31.40 ? 107 ASP A CB    1 
ATOM   397  C  CG    A ASP A 1 54  ? 12.571  10.930  12.209  0.50 26.77 ? 107 ASP A CG    1 
ATOM   398  C  CG    B ASP A 1 54  ? 11.839  8.907   13.645  0.50 31.82 ? 107 ASP A CG    1 
ATOM   399  O  OD1   A ASP A 1 54  ? 13.303  11.156  11.210  0.50 29.55 ? 107 ASP A OD1   1 
ATOM   400  O  OD1   B ASP A 1 54  ? 11.028  9.552   14.322  0.50 30.89 ? 107 ASP A OD1   1 
ATOM   401  O  OD2   A ASP A 1 54  ? 12.455  11.747  13.132  0.50 23.41 ? 107 ASP A OD2   1 
ATOM   402  O  OD2   B ASP A 1 54  ? 12.616  8.078   14.164  0.50 33.80 ? 107 ASP A OD2   1 
ATOM   403  N  N     . VAL A 1 55  ? 10.673  11.120  9.563   1.00 32.36 ? 108 VAL A N     1 
ATOM   404  C  CA    . VAL A 1 55  ? 10.998  11.532  8.195   1.00 35.21 ? 108 VAL A CA    1 
ATOM   405  C  C     . VAL A 1 55  ? 11.710  12.890  8.267   1.00 36.27 ? 108 VAL A C     1 
ATOM   406  O  O     . VAL A 1 55  ? 11.078  13.895  8.587   1.00 37.00 ? 108 VAL A O     1 
ATOM   407  C  CB    . VAL A 1 55  ? 9.724   11.700  7.302   1.00 38.77 ? 108 VAL A CB    1 
ATOM   408  C  CG1   . VAL A 1 55  ? 10.124  12.214  5.887   1.00 41.16 ? 108 VAL A CG1   1 
ATOM   409  C  CG2   . VAL A 1 55  ? 8.924   10.417  7.230   1.00 35.55 ? 108 VAL A CG2   1 
ATOM   410  N  N     . ASP A 1 56  ? 13.016  12.927  7.965   1.00 38.97 ? 109 ASP A N     1 
ATOM   411  C  CA    . ASP A 1 56  ? 13.792  14.198  7.992   1.00 39.15 ? 109 ASP A CA    1 
ATOM   412  C  C     . ASP A 1 56  ? 13.728  14.884  9.355   1.00 37.31 ? 109 ASP A C     1 
ATOM   413  O  O     . ASP A 1 56  ? 13.632  16.114  9.438   1.00 40.01 ? 109 ASP A O     1 
ATOM   414  C  CB    . ASP A 1 56  ? 13.275  15.193  6.926   1.00 40.81 ? 109 ASP A CB    1 
ATOM   415  C  CG    . ASP A 1 56  ? 13.331  14.627  5.500   1.00 43.76 ? 109 ASP A CG    1 
ATOM   416  O  OD1   . ASP A 1 56  ? 12.485  15.061  4.660   1.00 41.12 ? 109 ASP A OD1   1 
ATOM   417  O  OD2   . ASP A 1 56  ? 14.225  13.757  5.223   1.00 45.68 ? 109 ASP A OD2   1 
ATOM   418  N  N     . GLY A 1 57  ? 13.757  14.100  10.421  1.00 37.99 ? 110 GLY A N     1 
ATOM   419  C  CA    . GLY A 1 57  ? 13.641  14.653  11.772  1.00 36.89 ? 110 GLY A CA    1 
ATOM   420  C  C     . GLY A 1 57  ? 12.234  15.121  12.131  1.00 33.80 ? 110 GLY A C     1 
ATOM   421  O  O     . GLY A 1 57  ? 12.028  15.746  13.168  1.00 33.80 ? 110 GLY A O     1 
ATOM   422  N  N     . VAL A 1 58  ? 11.258  14.830  11.276  1.00 31.56 ? 111 VAL A N     1 
ATOM   423  C  CA    . VAL A 1 58  ? 9.873   15.173  11.576  1.00 30.37 ? 111 VAL A CA    1 
ATOM   424  C  C     . VAL A 1 58  ? 9.144   13.869  11.869  1.00 27.67 ? 111 VAL A C     1 
ATOM   425  O  O     . VAL A 1 58  ? 9.448   12.848  11.301  1.00 30.06 ? 111 VAL A O     1 
ATOM   426  C  CB    . VAL A 1 58  ? 9.190   15.968  10.427  1.00 32.12 ? 111 VAL A CB    1 
ATOM   427  C  CG1   . VAL A 1 58  ? 7.730   16.175  10.726  1.00 29.86 ? 111 VAL A CG1   1 
ATOM   428  C  CG2   . VAL A 1 58  ? 9.889   17.306  10.227  1.00 33.40 ? 111 VAL A CG2   1 
ATOM   429  N  N     . LYS A 1 59  ? 8.225   13.912  12.810  1.00 24.42 ? 112 LYS A N     1 
ATOM   430  C  CA    . LYS A 1 59  ? 7.444   12.764  13.149  1.00 24.86 ? 112 LYS A CA    1 
ATOM   431  C  C     . LYS A 1 59  ? 6.111   12.868  12.380  1.00 23.87 ? 112 LYS A C     1 
ATOM   432  O  O     . LYS A 1 59  ? 5.372   13.857  12.499  1.00 19.04 ? 112 LYS A O     1 
ATOM   433  C  CB    . LYS A 1 59  ? 7.221   12.699  14.643  1.00 27.15 ? 112 LYS A CB    1 
ATOM   434  C  CG    . LYS A 1 59  ? 8.515   12.630  15.474  1.00 30.85 ? 112 LYS A CG    1 
ATOM   435  C  CD    . LYS A 1 59  ? 9.006   11.193  15.610  1.00 33.42 ? 112 LYS A CD    1 
ATOM   436  C  CE    . LYS A 1 59  ? 10.282  11.085  16.446  1.00 33.99 ? 112 LYS A CE    1 
ATOM   437  N  NZ    . LYS A 1 59  ? 11.503  11.452  15.671  1.00 35.94 ? 112 LYS A NZ    1 
ATOM   438  N  N     . VAL A 1 60  ? 5.847   11.850  11.578  1.00 21.02 ? 113 VAL A N     1 
ATOM   439  C  CA    . VAL A 1 60  ? 4.686   11.810  10.717  1.00 19.54 ? 113 VAL A CA    1 
ATOM   440  C  C     . VAL A 1 60  ? 3.766   10.694  11.178  1.00 20.01 ? 113 VAL A C     1 
ATOM   441  O  O     . VAL A 1 60  ? 4.172   9.515   11.273  1.00 20.02 ? 113 VAL A O     1 
ATOM   442  C  CB    . VAL A 1 60  ? 5.076   11.591  9.253   1.00 16.92 ? 113 VAL A CB    1 
ATOM   443  C  CG1   . VAL A 1 60  ? 3.807   11.510  8.342   1.00 15.91 ? 113 VAL A CG1   1 
ATOM   444  C  CG2   . VAL A 1 60  ? 6.053   12.680  8.763   1.00 14.49 ? 113 VAL A CG2   1 
ATOM   445  N  N     . LYS A 1 61  ? 2.535   11.047  11.512  1.00 17.06 ? 114 LYS A N     1 
ATOM   446  C  CA    . LYS A 1 61  ? 1.570   10.011  11.795  1.00 20.55 ? 114 LYS A CA    1 
ATOM   447  C  C     . LYS A 1 61  ? 0.895   9.617   10.498  1.00 16.90 ? 114 LYS A C     1 
ATOM   448  O  O     . LYS A 1 61  ? 0.435   10.479  9.720   1.00 19.23 ? 114 LYS A O     1 
ATOM   449  C  CB    . LYS A 1 61  ? 0.496   10.445  12.810  1.00 21.62 ? 114 LYS A CB    1 
ATOM   450  C  CG    . LYS A 1 61  ? -0.407  9.253   13.236  1.00 21.82 ? 114 LYS A CG    1 
ATOM   451  C  CD    . LYS A 1 61  ? -1.501  9.630   14.251  1.00 25.42 ? 114 LYS A CD    1 
ATOM   452  C  CE    . LYS A 1 61  ? -2.605  10.443  13.622  1.00 28.27 ? 114 LYS A CE    1 
ATOM   453  N  NZ    . LYS A 1 61  ? -3.793  10.527  14.521  1.00 28.84 ? 114 LYS A NZ    1 
ATOM   454  N  N     . LEU A 1 62  ? 0.826   8.320   10.273  1.00 13.85 ? 115 LEU A N     1 
ATOM   455  C  CA    . LEU A 1 62  ? 0.020   7.769   9.216   1.00 17.02 ? 115 LEU A CA    1 
ATOM   456  C  C     . LEU A 1 62  ? -1.236  7.136   9.841   1.00 16.48 ? 115 LEU A C     1 
ATOM   457  O  O     . LEU A 1 62  ? -1.130  6.275   10.746  1.00 18.84 ? 115 LEU A O     1 
ATOM   458  C  CB    . LEU A 1 62  ? 0.833   6.734   8.403   1.00 18.28 ? 115 LEU A CB    1 
ATOM   459  C  CG    . LEU A 1 62  ? 2.042   7.331   7.619   1.00 20.09 ? 115 LEU A CG    1 
ATOM   460  C  CD1   . LEU A 1 62  ? 2.658   6.298   6.690   1.00 17.39 ? 115 LEU A CD1   1 
ATOM   461  C  CD2   . LEU A 1 62  ? 1.670   8.612   6.818   1.00 18.90 ? 115 LEU A CD2   1 
ATOM   462  N  N     . GLN A 1 63  ? -2.404  7.642   9.450   1.00 13.95 ? 116 GLN A N     1 
ATOM   463  C  CA    . GLN A 1 63  ? -3.696  6.990   9.762   1.00 17.38 ? 116 GLN A CA    1 
ATOM   464  C  C     . GLN A 1 63  ? -3.972  6.087   8.584   1.00 16.51 ? 116 GLN A C     1 
ATOM   465  O  O     . GLN A 1 63  ? -4.363  6.554   7.510   1.00 15.98 ? 116 GLN A O     1 
ATOM   466  C  CB    . GLN A 1 63  ? -4.827  8.004   9.944   1.00 19.97 ? 116 GLN A CB    1 
ATOM   467  C  CG    . GLN A 1 63  ? -6.061  7.431   10.593  1.00 22.30 ? 116 GLN A CG    1 
ATOM   468  C  CD    . GLN A 1 63  ? -7.365  8.310   10.459  1.00 27.89 ? 116 GLN A CD    1 
ATOM   469  O  OE1   . GLN A 1 63  ? -7.881  8.582   9.340   1.00 24.63 ? 116 GLN A OE1   1 
ATOM   470  N  NE2   . GLN A 1 63  ? -7.935  8.642   11.594  1.00 28.69 ? 116 GLN A NE2   1 
ATOM   471  N  N     . MET A 1 64  ? -3.724  4.795   8.764   1.00 17.60 ? 117 MET A N     1 
ATOM   472  C  CA    . MET A 1 64  ? -3.762  3.827   7.642   1.00 16.77 ? 117 MET A CA    1 
ATOM   473  C  C     . MET A 1 64  ? -5.049  3.057   7.569   1.00 16.54 ? 117 MET A C     1 
ATOM   474  O  O     . MET A 1 64  ? -5.441  2.401   8.542   1.00 15.00 ? 117 MET A O     1 
ATOM   475  C  CB    . MET A 1 64  ? -2.590  2.860   7.743   1.00 17.99 ? 117 MET A CB    1 
ATOM   476  C  CG    . MET A 1 64  ? -1.224  3.607   7.759   1.00 20.97 ? 117 MET A CG    1 
ATOM   477  S  SD    . MET A 1 64  ? 0.181   2.592   8.260   1.00 19.94 ? 117 MET A SD    1 
ATOM   478  C  CE    . MET A 1 64  ? 0.042   2.524   10.047  1.00 19.44 ? 117 MET A CE    1 
ATOM   479  N  N     . TRP A 1 65  ? -5.691  3.129   6.403   1.00 15.67 ? 118 TRP A N     1 
ATOM   480  C  CA    . TRP A 1 65  ? -6.969  2.478   6.156   1.00 15.18 ? 118 TRP A CA    1 
ATOM   481  C  C     . TRP A 1 65  ? -6.834  1.232   5.292   1.00 18.10 ? 118 TRP A C     1 
ATOM   482  O  O     . TRP A 1 65  ? -6.317  1.296   4.187   1.00 16.29 ? 118 TRP A O     1 
ATOM   483  C  CB    . TRP A 1 65  ? -7.935  3.446   5.474   1.00 15.78 ? 118 TRP A CB    1 
ATOM   484  C  CG    . TRP A 1 65  ? -8.373  4.517   6.364   1.00 17.72 ? 118 TRP A CG    1 
ATOM   485  C  CD1   . TRP A 1 65  ? -7.735  5.711   6.593   1.00 17.21 ? 118 TRP A CD1   1 
ATOM   486  C  CD2   . TRP A 1 65  ? -9.555  4.539   7.165   1.00 19.47 ? 118 TRP A CD2   1 
ATOM   487  N  NE1   . TRP A 1 65  ? -8.439  6.458   7.456   1.00 16.11 ? 118 TRP A NE1   1 
ATOM   488  C  CE2   . TRP A 1 65  ? -9.555  5.760   7.855   1.00 18.20 ? 118 TRP A CE2   1 
ATOM   489  C  CE3   . TRP A 1 65  ? -10.613 3.637   7.379   1.00 19.05 ? 118 TRP A CE3   1 
ATOM   490  C  CZ2   . TRP A 1 65  ? -10.569 6.116   8.738   1.00 17.10 ? 118 TRP A CZ2   1 
ATOM   491  C  CZ3   . TRP A 1 65  ? -11.616 3.994   8.294   1.00 16.05 ? 118 TRP A CZ3   1 
ATOM   492  C  CH2   . TRP A 1 65  ? -11.579 5.213   8.947   1.00 17.65 ? 118 TRP A CH2   1 
ATOM   493  N  N     . ASP A 1 66  ? -7.311  0.111   5.828   1.00 14.92 ? 119 ASP A N     1 
ATOM   494  C  CA    . ASP A 1 66  ? -7.461  -1.130  5.098   1.00 17.43 ? 119 ASP A CA    1 
ATOM   495  C  C     . ASP A 1 66  ? -8.822  -1.085  4.421   1.00 18.50 ? 119 ASP A C     1 
ATOM   496  O  O     . ASP A 1 66  ? -9.709  -0.422  4.877   1.00 16.43 ? 119 ASP A O     1 
ATOM   497  C  CB    . ASP A 1 66  ? -7.457  -2.287  6.057   1.00 16.21 ? 119 ASP A CB    1 
ATOM   498  C  CG    . ASP A 1 66  ? -7.051  -3.555  5.426   1.00 18.86 ? 119 ASP A CG    1 
ATOM   499  O  OD1   . ASP A 1 66  ? -6.790  -3.574  4.188   1.00 17.56 ? 119 ASP A OD1   1 
ATOM   500  O  OD2   . ASP A 1 66  ? -6.999  -4.561  6.180   1.00 16.49 ? 119 ASP A OD2   1 
ATOM   501  N  N     . THR A 1 67  ? -8.969  -1.813  3.333   1.00 19.79 ? 120 THR A N     1 
ATOM   502  C  CA    . THR A 1 67  ? -10.195 -1.788  2.563   1.00 17.06 ? 120 THR A CA    1 
ATOM   503  C  C     . THR A 1 67  ? -10.477 -3.183  2.015   1.00 17.10 ? 120 THR A C     1 
ATOM   504  O  O     . THR A 1 67  ? -9.592  -4.013  1.914   1.00 22.49 ? 120 THR A O     1 
ATOM   505  C  CB    . THR A 1 67  ? -10.116 -0.797  1.387   1.00 15.76 ? 120 THR A CB    1 
ATOM   506  O  OG1   . THR A 1 67  ? -9.139  -1.248  0.451   1.00 18.30 ? 120 THR A OG1   1 
ATOM   507  C  CG2   . THR A 1 67  ? -9.781  0.645   1.843   1.00 17.46 ? 120 THR A CG2   1 
ATOM   508  N  N     . ALA A 1 68  ? -11.722 -3.402  1.624   1.00 19.95 ? 121 ALA A N     1 
ATOM   509  C  CA    . ALA A 1 68  ? -12.148 -4.643  1.043   1.00 21.37 ? 121 ALA A CA    1 
ATOM   510  C  C     . ALA A 1 68  ? -11.725 -4.704  -0.435  1.00 23.51 ? 121 ALA A C     1 
ATOM   511  O  O     . ALA A 1 68  ? -11.977 -3.774  -1.184  1.00 23.73 ? 121 ALA A O     1 
ATOM   512  C  CB    . ALA A 1 68  ? -13.667 -4.766  1.172   1.00 21.81 ? 121 ALA A CB    1 
ATOM   513  N  N     . GLY A 1 69  ? -11.072 -5.800  -0.849  1.00 25.08 ? 122 GLY A N     1 
ATOM   514  C  CA    . GLY A 1 69  ? -10.735 -5.984  -2.277  1.00 22.95 ? 122 GLY A CA    1 
ATOM   515  C  C     . GLY A 1 69  ? -11.825 -6.673  -3.086  1.00 26.20 ? 122 GLY A C     1 
ATOM   516  O  O     . GLY A 1 69  ? -11.844 -6.573  -4.312  1.00 27.55 ? 122 GLY A O     1 
ATOM   517  N  N     . GLN A 1 70  ? -12.719 -7.401  -2.406  1.00 27.39 ? 123 GLN A N     1 
ATOM   518  C  CA    . GLN A 1 70  ? -13.820 -8.133  -3.084  1.00 29.41 ? 123 GLN A CA    1 
ATOM   519  C  C     . GLN A 1 70  ? -14.945 -7.185  -3.526  1.00 24.87 ? 123 GLN A C     1 
ATOM   520  O  O     . GLN A 1 70  ? -15.378 -6.330  -2.726  1.00 23.31 ? 123 GLN A O     1 
ATOM   521  C  CB    . GLN A 1 70  ? -14.371 -9.248  -2.174  1.00 30.51 ? 123 GLN A CB    1 
ATOM   522  C  CG    . GLN A 1 70  ? -13.337 -10.301 -1.842  1.00 35.05 ? 123 GLN A CG    1 
ATOM   523  C  CD    . GLN A 1 70  ? -13.908 -11.661 -1.452  1.00 40.29 ? 123 GLN A CD    1 
ATOM   524  O  OE1   . GLN A 1 70  ? -14.705 -11.781 -0.528  1.00 38.94 ? 123 GLN A OE1   1 
ATOM   525  N  NE2   . GLN A 1 70  ? -13.440 -12.715 -2.144  1.00 45.02 ? 123 GLN A NE2   1 
ATOM   526  N  N     . ALA A 1 79  ? -16.400 7.360   -1.537  1.00 55.86 ? 132 ALA A N     1 
ATOM   527  C  CA    . ALA A 1 79  ? -16.514 8.473   -0.587  1.00 53.93 ? 132 ALA A CA    1 
ATOM   528  C  C     . ALA A 1 79  ? -15.395 8.459   0.456   1.00 53.74 ? 132 ALA A C     1 
ATOM   529  O  O     . ALA A 1 79  ? -15.171 9.461   1.133   1.00 53.83 ? 132 ALA A O     1 
ATOM   530  C  CB    . ALA A 1 79  ? -17.872 8.457   0.096   1.00 54.96 ? 132 ALA A CB    1 
ATOM   531  N  N     . TYR A 1 80  ? -14.706 7.324   0.598   1.00 51.25 ? 133 TYR A N     1 
ATOM   532  C  CA    . TYR A 1 80  ? -13.495 7.259   1.429   1.00 47.67 ? 133 TYR A CA    1 
ATOM   533  C  C     . TYR A 1 80  ? -12.346 7.924   0.667   1.00 45.02 ? 133 TYR A C     1 
ATOM   534  O  O     . TYR A 1 80  ? -11.604 8.761   1.206   1.00 43.94 ? 133 TYR A O     1 
ATOM   535  C  CB    . TYR A 1 80  ? -13.138 5.807   1.752   1.00 48.69 ? 133 TYR A CB    1 
ATOM   536  N  N     . TYR A 1 81  ? -12.221 7.559   -0.600  1.00 41.59 ? 134 TYR A N     1 
ATOM   537  C  CA    . TYR A 1 81  ? -11.189 8.116   -1.473  1.00 40.46 ? 134 TYR A CA    1 
ATOM   538  C  C     . TYR A 1 81  ? -11.026 9.639   -1.324  1.00 39.62 ? 134 TYR A C     1 
ATOM   539  O  O     . TYR A 1 81  ? -9.895  10.138  -1.187  1.00 38.49 ? 134 TYR A O     1 
ATOM   540  C  CB    . TYR A 1 81  ? -11.519 7.792   -2.932  1.00 40.55 ? 134 TYR A CB    1 
ATOM   541  C  CG    . TYR A 1 81  ? -11.234 6.365   -3.363  1.00 40.46 ? 134 TYR A CG    1 
ATOM   542  C  CD1   . TYR A 1 81  ? -11.058 5.337   -2.432  1.00 41.29 ? 134 TYR A CD1   1 
ATOM   543  C  CD2   . TYR A 1 81  ? -11.186 6.035   -4.713  1.00 41.82 ? 134 TYR A CD2   1 
ATOM   544  C  CE1   . TYR A 1 81  ? -10.824 4.029   -2.841  1.00 41.39 ? 134 TYR A CE1   1 
ATOM   545  C  CE2   . TYR A 1 81  ? -10.935 4.722   -5.130  1.00 42.32 ? 134 TYR A CE2   1 
ATOM   546  C  CZ    . TYR A 1 81  ? -10.756 3.731   -4.188  1.00 41.07 ? 134 TYR A CZ    1 
ATOM   547  O  OH    . TYR A 1 81  ? -10.510 2.438   -4.585  1.00 40.85 ? 134 TYR A OH    1 
ATOM   548  N  N     . ARG A 1 82  ? -12.154 10.361  -1.364  1.00 37.30 ? 135 ARG A N     1 
ATOM   549  C  CA    . ARG A 1 82  ? -12.179 11.835  -1.329  1.00 37.71 ? 135 ARG A CA    1 
ATOM   550  C  C     . ARG A 1 82  ? -11.535 12.453  -0.075  1.00 35.90 ? 135 ARG A C     1 
ATOM   551  O  O     . ARG A 1 82  ? -11.210 13.624  -0.075  1.00 38.41 ? 135 ARG A O     1 
ATOM   552  C  CB    . ARG A 1 82  ? -13.620 12.343  -1.451  1.00 38.90 ? 135 ARG A CB    1 
ATOM   553  N  N     . ASP A 1 83  ? -11.346 11.651  0.971   1.00 33.40 ? 136 ASP A N     1 
ATOM   554  C  CA    . ASP A 1 83  ? -10.724 12.104  2.227   1.00 30.82 ? 136 ASP A CA    1 
ATOM   555  C  C     . ASP A 1 83  ? -9.184  11.806  2.354   1.00 28.10 ? 136 ASP A C     1 
ATOM   556  O  O     . ASP A 1 83  ? -8.453  12.501  3.100   1.00 27.16 ? 136 ASP A O     1 
ATOM   557  C  CB    . ASP A 1 83  ? -11.512 11.481  3.380   1.00 32.76 ? 136 ASP A CB    1 
ATOM   558  C  CG    . ASP A 1 83  ? -12.979 11.975  3.406   1.00 37.03 ? 136 ASP A CG    1 
ATOM   559  O  OD1   . ASP A 1 83  ? -13.191 13.217  3.342   1.00 38.32 ? 136 ASP A OD1   1 
ATOM   560  O  OD2   . ASP A 1 83  ? -13.909 11.129  3.455   1.00 38.08 ? 136 ASP A OD2   1 
ATOM   561  N  N     . ALA A 1 84  ? -8.716  10.795  1.618   1.00 22.29 ? 137 ALA A N     1 
ATOM   562  C  CA    . ALA A 1 84  ? -7.321  10.327  1.679   1.00 18.95 ? 137 ALA A CA    1 
ATOM   563  C  C     . ALA A 1 84  ? -6.331  11.353  1.177   1.00 16.15 ? 137 ALA A C     1 
ATOM   564  O  O     . ALA A 1 84  ? -6.615  12.114  0.262   1.00 17.80 ? 137 ALA A O     1 
ATOM   565  C  CB    . ALA A 1 84  ? -7.146  8.987   0.848   1.00 16.69 ? 137 ALA A CB    1 
ATOM   566  N  N     . HIS A 1 85  ? -5.150  11.323  1.762   1.00 16.14 ? 138 HIS A N     1 
ATOM   567  C  CA    . HIS A 1 85  ? -3.981  12.079  1.265   1.00 16.94 ? 138 HIS A CA    1 
ATOM   568  C  C     . HIS A 1 85  ? -3.105  11.247  0.330   1.00 16.57 ? 138 HIS A C     1 
ATOM   569  O  O     . HIS A 1 85  ? -2.440  11.794  -0.558  1.00 12.91 ? 138 HIS A O     1 
ATOM   570  C  CB    . HIS A 1 85  ? -3.153  12.571  2.461   1.00 17.34 ? 138 HIS A CB    1 
ATOM   571  C  CG    . HIS A 1 85  ? -3.912  13.501  3.357   1.00 16.96 ? 138 HIS A CG    1 
ATOM   572  N  ND1   . HIS A 1 85  ? -4.277  13.170  4.638   1.00 19.96 ? 138 HIS A ND1   1 
ATOM   573  C  CD2   . HIS A 1 85  ? -4.421  14.731  3.129   1.00 20.37 ? 138 HIS A CD2   1 
ATOM   574  C  CE1   . HIS A 1 85  ? -4.968  14.160  5.166   1.00 19.95 ? 138 HIS A CE1   1 
ATOM   575  N  NE2   . HIS A 1 85  ? -5.059  15.127  4.277   1.00 18.47 ? 138 HIS A NE2   1 
ATOM   576  N  N     . ALA A 1 86  ? -3.124  9.923   0.532   1.00 16.80 ? 139 ALA A N     1 
ATOM   577  C  CA    . ALA A 1 86  ? -2.367  8.982   -0.280  1.00 16.44 ? 139 ALA A CA    1 
ATOM   578  C  C     . ALA A 1 86  ? -3.056  7.633   -0.385  1.00 16.59 ? 139 ALA A C     1 
ATOM   579  O  O     . ALA A 1 86  ? -3.830  7.227   0.500   1.00 16.72 ? 139 ALA A O     1 
ATOM   580  C  CB    . ALA A 1 86  ? -0.992  8.777   0.306   1.00 15.34 ? 139 ALA A CB    1 
ATOM   581  N  N     . LEU A 1 87  ? -2.780  6.954   -1.488  1.00 18.80 ? 140 LEU A N     1 
ATOM   582  C  CA    . LEU A 1 87  ? -3.237  5.588   -1.705  1.00 18.44 ? 140 LEU A CA    1 
ATOM   583  C  C     . LEU A 1 87  ? -2.077  4.699   -2.134  1.00 18.82 ? 140 LEU A C     1 
ATOM   584  O  O     . LEU A 1 87  ? -1.301  5.054   -3.030  1.00 18.89 ? 140 LEU A O     1 
ATOM   585  C  CB    . LEU A 1 87  ? -4.349  5.558   -2.746  1.00 20.70 ? 140 LEU A CB    1 
ATOM   586  C  CG    . LEU A 1 87  ? -5.693  6.143   -2.231  1.00 22.87 ? 140 LEU A CG    1 
ATOM   587  C  CD1   . LEU A 1 87  ? -6.191  7.259   -3.091  1.00 23.96 ? 140 LEU A CD1   1 
ATOM   588  C  CD2   . LEU A 1 87  ? -6.761  5.038   -2.033  1.00 21.90 ? 140 LEU A CD2   1 
ATOM   589  N  N     . LEU A 1 88  ? -1.949  3.553   -1.456  1.00 15.94 ? 141 LEU A N     1 
ATOM   590  C  CA    . LEU A 1 88  ? -1.048  2.492   -1.873  1.00 16.53 ? 141 LEU A CA    1 
ATOM   591  C  C     . LEU A 1 88  ? -1.848  1.493   -2.670  1.00 19.12 ? 141 LEU A C     1 
ATOM   592  O  O     . LEU A 1 88  ? -2.843  0.919   -2.163  1.00 13.65 ? 141 LEU A O     1 
ATOM   593  C  CB    . LEU A 1 88  ? -0.403  1.788   -0.669  1.00 18.04 ? 141 LEU A CB    1 
ATOM   594  C  CG    . LEU A 1 88  ? 0.443   2.681   0.233   1.00 20.18 ? 141 LEU A CG    1 
ATOM   595  C  CD1   . LEU A 1 88  ? 0.998   1.908   1.443   1.00 20.91 ? 141 LEU A CD1   1 
ATOM   596  C  CD2   . LEU A 1 88  ? 1.575   3.299   -0.587  1.00 22.87 ? 141 LEU A CD2   1 
ATOM   597  N  N     . LEU A 1 89  ? -1.420  1.263   -3.910  1.00 15.59 ? 142 LEU A N     1 
ATOM   598  C  CA    . LEU A 1 89  ? -2.092  0.277   -4.753  1.00 20.88 ? 142 LEU A CA    1 
ATOM   599  C  C     . LEU A 1 89  ? -1.223  -0.975  -4.824  1.00 15.87 ? 142 LEU A C     1 
ATOM   600  O  O     . LEU A 1 89  ? -0.056  -0.896  -5.138  1.00 18.50 ? 142 LEU A O     1 
ATOM   601  C  CB    . LEU A 1 89  ? -2.398  0.880   -6.119  1.00 22.11 ? 142 LEU A CB    1 
ATOM   602  C  CG    . LEU A 1 89  ? -3.081  0.089   -7.223  1.00 25.92 ? 142 LEU A CG    1 
ATOM   603  C  CD1   . LEU A 1 89  ? -4.402  -0.597  -6.789  1.00 24.73 ? 142 LEU A CD1   1 
ATOM   604  C  CD2   . LEU A 1 89  ? -3.332  1.050   -8.430  1.00 19.55 ? 142 LEU A CD2   1 
ATOM   605  N  N     . LEU A 1 90  ? -1.795  -2.115  -4.431  1.00 17.62 ? 143 LEU A N     1 
ATOM   606  C  CA    . LEU A 1 90  ? -1.099  -3.398  -4.471  1.00 12.75 ? 143 LEU A CA    1 
ATOM   607  C  C     . LEU A 1 90  ? -1.643  -4.365  -5.535  1.00 16.69 ? 143 LEU A C     1 
ATOM   608  O  O     . LEU A 1 90  ? -2.840  -4.418  -5.796  1.00 20.61 ? 143 LEU A O     1 
ATOM   609  C  CB    . LEU A 1 90  ? -1.204  -4.120  -3.151  1.00 13.63 ? 143 LEU A CB    1 
ATOM   610  C  CG    . LEU A 1 90  ? -0.431  -3.657  -1.945  1.00 11.56 ? 143 LEU A CG    1 
ATOM   611  C  CD1   . LEU A 1 90  ? -0.920  -2.247  -1.465  1.00 11.25 ? 143 LEU A CD1   1 
ATOM   612  C  CD2   . LEU A 1 90  ? -0.569  -4.737  -0.863  1.00 9.76  ? 143 LEU A CD2   1 
ATOM   613  N  N     . TYR A 1 91  ? -0.735  -5.088  -6.163  1.00 18.38 ? 144 TYR A N     1 
ATOM   614  C  CA    . TYR A 1 91  ? -1.081  -6.298  -6.874  1.00 19.67 ? 144 TYR A CA    1 
ATOM   615  C  C     . TYR A 1 91  ? -0.174  -7.367  -6.268  1.00 21.07 ? 144 TYR A C     1 
ATOM   616  O  O     . TYR A 1 91  ? 0.719   -7.092  -5.443  1.00 17.45 ? 144 TYR A O     1 
ATOM   617  C  CB    . TYR A 1 91  ? -0.882  -6.176  -8.390  1.00 17.42 ? 144 TYR A CB    1 
ATOM   618  C  CG    . TYR A 1 91  ? 0.558   -5.962  -8.837  1.00 17.13 ? 144 TYR A CG    1 
ATOM   619  C  CD1   . TYR A 1 91  ? 1.356   -7.026  -9.218  1.00 20.27 ? 144 TYR A CD1   1 
ATOM   620  C  CD2   . TYR A 1 91  ? 1.108   -4.680  -8.890  1.00 18.59 ? 144 TYR A CD2   1 
ATOM   621  C  CE1   . TYR A 1 91  ? 2.670   -6.827  -9.632  1.00 16.55 ? 144 TYR A CE1   1 
ATOM   622  C  CE2   . TYR A 1 91  ? 2.412   -4.473  -9.306  1.00 18.53 ? 144 TYR A CE2   1 
ATOM   623  C  CZ    . TYR A 1 91  ? 3.189   -5.548  -9.680  1.00 19.34 ? 144 TYR A CZ    1 
ATOM   624  O  OH    . TYR A 1 91  ? 4.495   -5.329  -10.109 1.00 17.36 ? 144 TYR A OH    1 
ATOM   625  N  N     . ASP A 1 92  ? -0.406  -8.576  -6.704  1.00 18.05 ? 145 ASP A N     1 
ATOM   626  C  CA    . ASP A 1 92  ? 0.288   -9.719  -6.238  1.00 18.67 ? 145 ASP A CA    1 
ATOM   627  C  C     . ASP A 1 92  ? 1.113   -10.254 -7.442  1.00 15.63 ? 145 ASP A C     1 
ATOM   628  O  O     . ASP A 1 92  ? 0.546   -10.546 -8.498  1.00 15.35 ? 145 ASP A O     1 
ATOM   629  C  CB    . ASP A 1 92  ? -0.778  -10.693 -5.722  1.00 17.37 ? 145 ASP A CB    1 
ATOM   630  C  CG    . ASP A 1 92  ? -0.250  -12.081 -5.428  1.00 19.41 ? 145 ASP A CG    1 
ATOM   631  O  OD1   . ASP A 1 92  ? 0.967   -12.372 -5.629  1.00 16.54 ? 145 ASP A OD1   1 
ATOM   632  O  OD2   . ASP A 1 92  ? -1.103  -12.894 -5.012  1.00 18.90 ? 145 ASP A OD2   1 
ATOM   633  N  N     . VAL A 1 93  ? 2.448   -10.331 -7.283  1.00 17.23 ? 146 VAL A N     1 
ATOM   634  C  CA    . VAL A 1 93  ? 3.367   -10.704 -8.396  1.00 17.45 ? 146 VAL A CA    1 
ATOM   635  C  C     . VAL A 1 93  ? 3.106   -12.151 -8.882  1.00 19.18 ? 146 VAL A C     1 
ATOM   636  O  O     . VAL A 1 93  ? 3.500   -12.521 -9.995  1.00 17.26 ? 146 VAL A O     1 
ATOM   637  C  CB    . VAL A 1 93  ? 4.931   -10.519 -8.072  1.00 17.96 ? 146 VAL A CB    1 
ATOM   638  C  CG1   . VAL A 1 93  ? 5.244   -9.101  -7.524  1.00 17.77 ? 146 VAL A CG1   1 
ATOM   639  C  CG2   . VAL A 1 93  ? 5.445   -11.603 -7.133  1.00 17.12 ? 146 VAL A CG2   1 
ATOM   640  N  N     . THR A 1 94  ? 2.410   -12.918 -8.062  1.00 21.37 ? 147 THR A N     1 
ATOM   641  C  CA    . THR A 1 94  ? 2.036   -14.316 -8.373  1.00 23.46 ? 147 THR A CA    1 
ATOM   642  C  C     . THR A 1 94  ? 0.605   -14.468 -8.950  1.00 22.64 ? 147 THR A C     1 
ATOM   643  O  O     . THR A 1 94  ? 0.191   -15.569 -9.303  1.00 19.76 ? 147 THR A O     1 
ATOM   644  C  CB    . THR A 1 94  ? 2.175   -15.198 -7.113  1.00 25.25 ? 147 THR A CB    1 
ATOM   645  O  OG1   . THR A 1 94  ? 1.081   -14.956 -6.210  1.00 23.18 ? 147 THR A OG1   1 
ATOM   646  C  CG2   . THR A 1 94  ? 3.506   -14.910 -6.413  1.00 21.43 ? 147 THR A CG2   1 
ATOM   647  N  N     . ASN A 1 95  ? -0.118  -13.362 -9.046  1.00 20.01 ? 148 ASN A N     1 
ATOM   648  C  CA    . ASN A 1 95  ? -1.487  -13.337 -9.618  1.00 20.99 ? 148 ASN A CA    1 
ATOM   649  C  C     . ASN A 1 95  ? -1.506  -12.319 -10.764 1.00 20.73 ? 148 ASN A C     1 
ATOM   650  O  O     . ASN A 1 95  ? -1.531  -11.104 -10.529 1.00 19.90 ? 148 ASN A O     1 
ATOM   651  C  CB    . ASN A 1 95  ? -2.528  -12.953 -8.553  1.00 19.75 ? 148 ASN A CB    1 
ATOM   652  C  CG    . ASN A 1 95  ? -3.946  -13.103 -9.038  1.00 24.42 ? 148 ASN A CG    1 
ATOM   653  O  OD1   . ASN A 1 95  ? -4.537  -12.171 -9.570  1.00 26.90 ? 148 ASN A OD1   1 
ATOM   654  N  ND2   . ASN A 1 95  ? -4.498  -14.306 -8.890  1.00 28.12 ? 148 ASN A ND2   1 
ATOM   655  N  N     . LYS A 1 96  ? -1.490  -12.808 -12.000 1.00 20.36 ? 149 LYS A N     1 
ATOM   656  C  CA    . LYS A 1 96  ? -1.481  -11.907 -13.163 1.00 21.92 ? 149 LYS A CA    1 
ATOM   657  C  C     . LYS A 1 96  ? -2.739  -11.048 -13.242 1.00 17.31 ? 149 LYS A C     1 
ATOM   658  O  O     . LYS A 1 96  ? -2.663  -9.897  -13.647 1.00 19.22 ? 149 LYS A O     1 
ATOM   659  C  CB    . LYS A 1 96  ? -1.277  -12.668 -14.485 1.00 26.87 ? 149 LYS A CB    1 
ATOM   660  C  CG    . LYS A 1 96  ? -1.529  -11.809 -15.713 1.00 29.78 ? 149 LYS A CG    1 
ATOM   661  C  CD    . LYS A 1 96  ? -0.978  -12.435 -16.986 1.00 35.21 ? 149 LYS A CD    1 
ATOM   662  C  CE    . LYS A 1 96  ? -1.475  -11.682 -18.242 1.00 36.97 ? 149 LYS A CE    1 
ATOM   663  N  NZ    . LYS A 1 96  ? -2.914  -11.971 -18.522 1.00 34.27 ? 149 LYS A NZ    1 
ATOM   664  N  N     . ALA A 1 97  ? -3.882  -11.592 -12.832 1.00 17.76 ? 150 ALA A N     1 
ATOM   665  C  CA    . ALA A 1 97  ? -5.144  -10.833 -12.870 1.00 18.45 ? 150 ALA A CA    1 
ATOM   666  C  C     . ALA A 1 97  ? -5.094  -9.586  -11.963 1.00 18.62 ? 150 ALA A C     1 
ATOM   667  O  O     . ALA A 1 97  ? -5.605  -8.544  -12.339 1.00 16.24 ? 150 ALA A O     1 
ATOM   668  C  CB    . ALA A 1 97  ? -6.350  -11.735 -12.522 1.00 22.02 ? 150 ALA A CB    1 
ATOM   669  N  N     . SER A 1 98  ? -4.437  -9.693  -10.792 1.00 19.50 ? 151 SER A N     1 
ATOM   670  C  CA    . SER A 1 98  ? -4.309  -8.555  -9.859  1.00 19.26 ? 151 SER A CA    1 
ATOM   671  C  C     . SER A 1 98  ? -3.517  -7.379  -10.491 1.00 18.11 ? 151 SER A C     1 
ATOM   672  O  O     . SER A 1 98  ? -3.860  -6.248  -10.292 1.00 14.17 ? 151 SER A O     1 
ATOM   673  C  CB    . SER A 1 98  ? -3.717  -8.985  -8.500  1.00 18.06 ? 151 SER A CB    1 
ATOM   674  O  OG    . SER A 1 98  ? -2.353  -9.291  -8.576  1.00 15.25 ? 151 SER A OG    1 
ATOM   675  N  N     . PHE A 1 99  ? -2.489  -7.710  -11.280 1.00 16.84 ? 152 PHE A N     1 
ATOM   676  C  CA    . PHE A 1 99  ? -1.687  -6.755  -12.026 1.00 18.00 ? 152 PHE A CA    1 
ATOM   677  C  C     . PHE A 1 99  ? -2.465  -6.181  -13.223 1.00 16.59 ? 152 PHE A C     1 
ATOM   678  O  O     . PHE A 1 99  ? -2.376  -4.979  -13.498 1.00 14.27 ? 152 PHE A O     1 
ATOM   679  C  CB    . PHE A 1 99  ? -0.405  -7.436  -12.521 1.00 18.61 ? 152 PHE A CB    1 
ATOM   680  C  CG    . PHE A 1 99  ? 0.517   -6.530  -13.295 1.00 17.77 ? 152 PHE A CG    1 
ATOM   681  C  CD1   . PHE A 1 99  ? 1.191   -5.501  -12.661 1.00 20.19 ? 152 PHE A CD1   1 
ATOM   682  C  CD2   . PHE A 1 99  ? 0.743   -6.737  -14.642 1.00 19.99 ? 152 PHE A CD2   1 
ATOM   683  C  CE1   . PHE A 1 99  ? 2.043   -4.665  -13.364 1.00 20.14 ? 152 PHE A CE1   1 
ATOM   684  C  CE2   . PHE A 1 99  ? 1.627   -5.906  -15.353 1.00 19.32 ? 152 PHE A CE2   1 
ATOM   685  C  CZ    . PHE A 1 99  ? 2.266   -4.882  -14.707 1.00 18.23 ? 152 PHE A CZ    1 
ATOM   686  N  N     . ASP A 1 100 ? -3.223  -7.042  -13.910 1.00 18.45 ? 153 ASP A N     1 
ATOM   687  C  CA    . ASP A 1 100 ? -4.046  -6.622  -15.052 1.00 20.30 ? 153 ASP A CA    1 
ATOM   688  C  C     . ASP A 1 100 ? -5.112  -5.653  -14.587 1.00 17.33 ? 153 ASP A C     1 
ATOM   689  O  O     . ASP A 1 100 ? -5.509  -4.797  -15.322 1.00 16.86 ? 153 ASP A O     1 
ATOM   690  C  CB    . ASP A 1 100 ? -4.712  -7.827  -15.738 1.00 20.44 ? 153 ASP A CB    1 
ATOM   691  C  CG    . ASP A 1 100 ? -3.713  -8.720  -16.493 1.00 26.74 ? 153 ASP A CG    1 
ATOM   692  O  OD1   . ASP A 1 100 ? -2.686  -8.205  -16.979 1.00 29.06 ? 153 ASP A OD1   1 
ATOM   693  O  OD2   . ASP A 1 100 ? -3.970  -9.952  -16.599 1.00 28.42 ? 153 ASP A OD2   1 
ATOM   694  N  N     . ASN A 1 101 ? -5.549  -5.779  -13.335 1.00 18.83 ? 154 ASN A N     1 
ATOM   695  C  CA    . ASN A 1 101 ? -6.627  -4.933  -12.806 1.00 17.92 ? 154 ASN A CA    1 
ATOM   696  C  C     . ASN A 1 101 ? -6.172  -3.570  -12.285 1.00 16.65 ? 154 ASN A C     1 
ATOM   697  O  O     . ASN A 1 101 ? -7.015  -2.774  -11.845 1.00 18.90 ? 154 ASN A O     1 
ATOM   698  C  CB    . ASN A 1 101 ? -7.400  -5.665  -11.686 1.00 16.35 ? 154 ASN A CB    1 
ATOM   699  C  CG    . ASN A 1 101 ? -8.219  -6.837  -12.198 1.00 22.86 ? 154 ASN A CG    1 
ATOM   700  O  OD1   . ASN A 1 101 ? -8.722  -6.822  -13.328 1.00 22.06 ? 154 ASN A OD1   1 
ATOM   701  N  ND2   . ASN A 1 101 ? -8.321  -7.886  -11.381 1.00 23.99 ? 154 ASN A ND2   1 
ATOM   702  N  N     . ILE A 1 102 ? -4.853  -3.329  -12.283 1.00 17.56 ? 155 ILE A N     1 
ATOM   703  C  CA    . ILE A 1 102 ? -4.256  -2.101  -11.706 1.00 17.70 ? 155 ILE A CA    1 
ATOM   704  C  C     . ILE A 1 102 ? -4.816  -0.832  -12.370 1.00 16.83 ? 155 ILE A C     1 
ATOM   705  O  O     . ILE A 1 102 ? -5.231  0.050   -11.676 1.00 19.23 ? 155 ILE A O     1 
ATOM   706  C  CB    . ILE A 1 102 ? -2.668  -2.130  -11.773 1.00 17.67 ? 155 ILE A CB    1 
ATOM   707  C  CG1   . ILE A 1 102 ? -2.091  -3.091  -10.730 1.00 17.70 ? 155 ILE A CG1   1 
ATOM   708  C  CG2   . ILE A 1 102 ? -2.034  -0.730  -11.591 1.00 20.66 ? 155 ILE A CG2   1 
ATOM   709  C  CD1   . ILE A 1 102 ? -2.447  -2.787  -9.212  1.00 14.66 ? 155 ILE A CD1   1 
ATOM   710  N  N     . GLN A 1 103 ? -4.858  -0.777  -13.712 1.00 18.98 ? 156 GLN A N     1 
ATOM   711  C  CA    . GLN A 1 103 ? -5.388  0.407   -14.440 1.00 21.90 ? 156 GLN A CA    1 
ATOM   712  C  C     . GLN A 1 103 ? -6.821  0.750   -14.017 1.00 21.22 ? 156 GLN A C     1 
ATOM   713  O  O     . GLN A 1 103 ? -7.184  1.926   -13.884 1.00 25.26 ? 156 GLN A O     1 
ATOM   714  C  CB    . GLN A 1 103 ? -5.346  0.222   -15.967 1.00 23.04 ? 156 GLN A CB    1 
ATOM   715  C  CG    . GLN A 1 103 ? -5.855  1.506   -16.721 1.00 22.61 ? 156 GLN A CG    1 
ATOM   716  C  CD    . GLN A 1 103 ? -5.782  1.433   -18.236 1.00 23.42 ? 156 GLN A CD    1 
ATOM   717  O  OE1   . GLN A 1 103 ? -5.586  0.374   -18.830 1.00 20.34 ? 156 GLN A OE1   1 
ATOM   718  N  NE2   . GLN A 1 103 ? -5.978  2.583   -18.875 1.00 22.29 ? 156 GLN A NE2   1 
ATOM   719  N  N     . ALA A 1 104 ? -7.630  -0.274  -13.780 1.00 23.11 ? 157 ALA A N     1 
ATOM   720  C  CA    . ALA A 1 104 ? -9.027  -0.074  -13.309 1.00 17.79 ? 157 ALA A CA    1 
ATOM   721  C  C     . ALA A 1 104 ? -9.041  0.563   -11.921 1.00 17.26 ? 157 ALA A C     1 
ATOM   722  O  O     . ALA A 1 104 ? -9.819  1.476   -11.659 1.00 18.27 ? 157 ALA A O     1 
ATOM   723  C  CB    . ALA A 1 104 ? -9.754  -1.366  -13.304 1.00 13.88 ? 157 ALA A CB    1 
ATOM   724  N  N     . TRP A 1 105 ? -8.174  0.088   -11.036 1.00 18.13 ? 158 TRP A N     1 
ATOM   725  C  CA    . TRP A 1 105 ? -8.045  0.683   -9.715  1.00 20.60 ? 158 TRP A CA    1 
ATOM   726  C  C     . TRP A 1 105 ? -7.604  2.143   -9.855  1.00 22.47 ? 158 TRP A C     1 
ATOM   727  O  O     . TRP A 1 105 ? -8.108  3.008   -9.152  1.00 21.35 ? 158 TRP A O     1 
ATOM   728  C  CB    . TRP A 1 105 ? -7.032  -0.082  -8.855  1.00 20.92 ? 158 TRP A CB    1 
ATOM   729  C  CG    . TRP A 1 105 ? -7.540  -1.338  -8.258  1.00 21.07 ? 158 TRP A CG    1 
ATOM   730  C  CD1   . TRP A 1 105 ? -7.212  -2.623  -8.634  1.00 21.34 ? 158 TRP A CD1   1 
ATOM   731  C  CD2   . TRP A 1 105 ? -8.482  -1.459  -7.201  1.00 20.56 ? 158 TRP A CD2   1 
ATOM   732  N  NE1   . TRP A 1 105 ? -7.885  -3.523  -7.858  1.00 20.91 ? 158 TRP A NE1   1 
ATOM   733  C  CE2   . TRP A 1 105 ? -8.681  -2.842  -6.974  1.00 23.18 ? 158 TRP A CE2   1 
ATOM   734  C  CE3   . TRP A 1 105 ? -9.172  -0.541  -6.414  1.00 21.68 ? 158 TRP A CE3   1 
ATOM   735  C  CZ2   . TRP A 1 105 ? -9.536  -3.321  -5.977  1.00 22.39 ? 158 TRP A CZ2   1 
ATOM   736  C  CZ3   . TRP A 1 105 ? -10.031 -1.016  -5.436  1.00 21.67 ? 158 TRP A CZ3   1 
ATOM   737  C  CH2   . TRP A 1 105 ? -10.206 -2.393  -5.224  1.00 22.64 ? 158 TRP A CH2   1 
ATOM   738  N  N     . LEU A 1 106 ? -6.675  2.403   -10.783 1.00 24.62 ? 159 LEU A N     1 
ATOM   739  C  CA    . LEU A 1 106 ? -6.152  3.759   -11.013 1.00 22.92 ? 159 LEU A CA    1 
ATOM   740  C  C     . LEU A 1 106 ? -7.208  4.711   -11.531 1.00 21.28 ? 159 LEU A C     1 
ATOM   741  O  O     . LEU A 1 106 ? -7.312  5.824   -11.053 1.00 17.40 ? 159 LEU A O     1 
ATOM   742  C  CB    . LEU A 1 106 ? -4.953  3.743   -11.968 1.00 23.47 ? 159 LEU A CB    1 
ATOM   743  C  CG    . LEU A 1 106 ? -3.623  3.340   -11.324 1.00 26.00 ? 159 LEU A CG    1 
ATOM   744  C  CD1   . LEU A 1 106 ? -2.572  3.077   -12.390 1.00 25.23 ? 159 LEU A CD1   1 
ATOM   745  C  CD2   . LEU A 1 106 ? -3.117  4.425   -10.309 1.00 29.89 ? 159 LEU A CD2   1 
ATOM   746  N  N     . THR A 1 107 ? -8.010  4.231   -12.484 1.00 22.83 ? 160 THR A N     1 
ATOM   747  C  CA    . THR A 1 107 ? -9.142  4.962   -13.020 1.00 20.53 ? 160 THR A CA    1 
ATOM   748  C  C     . THR A 1 107 ? -10.107 5.317   -11.884 1.00 20.77 ? 160 THR A C     1 
ATOM   749  O  O     . THR A 1 107 ? -10.537 6.457   -11.760 1.00 15.20 ? 160 THR A O     1 
ATOM   750  C  CB    . THR A 1 107 ? -9.856  4.122   -14.132 1.00 22.99 ? 160 THR A CB    1 
ATOM   751  O  OG1   . THR A 1 107 ? -8.951  3.916   -15.234 1.00 19.48 ? 160 THR A OG1   1 
ATOM   752  C  CG2   . THR A 1 107 ? -11.156 4.817   -14.634 1.00 23.43 ? 160 THR A CG2   1 
ATOM   753  N  N     . GLU A 1 108 ? -10.403 4.349   -11.022 1.00 22.05 ? 161 GLU A N     1 
ATOM   754  C  CA    . GLU A 1 108 ? -11.278 4.605   -9.880  1.00 22.99 ? 161 GLU A CA    1 
ATOM   755  C  C     . GLU A 1 108 ? -10.707 5.715   -8.962  1.00 23.22 ? 161 GLU A C     1 
ATOM   756  O  O     . GLU A 1 108 ? -11.392 6.668   -8.633  1.00 21.25 ? 161 GLU A O     1 
ATOM   757  C  CB    . GLU A 1 108 ? -11.503 3.328   -9.088  1.00 24.51 ? 161 GLU A CB    1 
ATOM   758  C  CG    . GLU A 1 108 ? -12.714 3.393   -8.208  1.00 27.30 ? 161 GLU A CG    1 
ATOM   759  C  CD    . GLU A 1 108 ? -12.883 2.171   -7.350  1.00 28.48 ? 161 GLU A CD    1 
ATOM   760  O  OE1   . GLU A 1 108 ? -13.974 1.610   -7.346  1.00 32.00 ? 161 GLU A OE1   1 
ATOM   761  O  OE2   . GLU A 1 108 ? -11.939 1.782   -6.665  1.00 33.42 ? 161 GLU A OE2   1 
ATOM   762  N  N     . ILE A 1 109 ? -9.445  5.572   -8.575  1.00 22.95 ? 162 ILE A N     1 
ATOM   763  C  CA    . ILE A 1 109 ? -8.785  6.551   -7.720  1.00 24.43 ? 162 ILE A CA    1 
ATOM   764  C  C     . ILE A 1 109 ? -8.824  7.959   -8.382  1.00 24.62 ? 162 ILE A C     1 
ATOM   765  O  O     . ILE A 1 109 ? -9.268  8.934   -7.776  1.00 23.56 ? 162 ILE A O     1 
ATOM   766  C  CB    . ILE A 1 109 ? -7.329  6.136   -7.438  1.00 24.32 ? 162 ILE A CB    1 
ATOM   767  C  CG1   . ILE A 1 109 ? -7.301  4.857   -6.578  1.00 23.84 ? 162 ILE A CG1   1 
ATOM   768  C  CG2   . ILE A 1 109 ? -6.587  7.278   -6.743  1.00 24.89 ? 162 ILE A CG2   1 
ATOM   769  C  CD1   . ILE A 1 109 ? -5.995  4.102   -6.624  1.00 23.81 ? 162 ILE A CD1   1 
ATOM   770  N  N     . HIS A 1 110 ? -8.378  8.030   -9.629  1.00 24.60 ? 163 HIS A N     1 
ATOM   771  C  CA    . HIS A 1 110 ? -8.430  9.264   -10.399 1.00 26.73 ? 163 HIS A CA    1 
ATOM   772  C  C     . HIS A 1 110 ? -9.838  9.831   -10.455 1.00 25.11 ? 163 HIS A C     1 
ATOM   773  O  O     . HIS A 1 110 ? -10.027 11.031  -10.414 1.00 21.43 ? 163 HIS A O     1 
ATOM   774  C  CB    . HIS A 1 110 ? -7.909  9.059   -11.815 1.00 29.36 ? 163 HIS A CB    1 
ATOM   775  C  CG    . HIS A 1 110 ? -6.429  8.841   -11.889 1.00 35.69 ? 163 HIS A CG    1 
ATOM   776  N  ND1   . HIS A 1 110 ? -5.847  7.954   -12.776 1.00 38.41 ? 163 HIS A ND1   1 
ATOM   777  C  CD2   . HIS A 1 110 ? -5.407  9.380   -11.171 1.00 37.80 ? 163 HIS A CD2   1 
ATOM   778  C  CE1   . HIS A 1 110 ? -4.534  7.960   -12.603 1.00 37.65 ? 163 HIS A CE1   1 
ATOM   779  N  NE2   . HIS A 1 110 ? -4.243  8.810   -11.631 1.00 37.61 ? 163 HIS A NE2   1 
ATOM   780  N  N     . GLU A 1 111 ? -10.836 8.981   -10.534 1.00 26.52 ? 164 GLU A N     1 
ATOM   781  C  CA    . GLU A 1 111 ? -12.195 9.484   -10.603 1.00 23.78 ? 164 GLU A CA    1 
ATOM   782  C  C     . GLU A 1 111 ? -12.724 9.999   -9.249  1.00 24.96 ? 164 GLU A C     1 
ATOM   783  O  O     . GLU A 1 111 ? -13.385 11.039  -9.198  1.00 25.30 ? 164 GLU A O     1 
ATOM   784  C  CB    . GLU A 1 111 ? -13.122 8.417   -11.160 1.00 25.61 ? 164 GLU A CB    1 
ATOM   785  C  CG    . GLU A 1 111 ? -14.474 8.962   -11.578 1.00 27.21 ? 164 GLU A CG    1 
ATOM   786  C  CD    . GLU A 1 111 ? -15.366 7.905   -12.201 1.00 25.74 ? 164 GLU A CD    1 
ATOM   787  O  OE1   . GLU A 1 111 ? -14.908 6.759   -12.421 1.00 25.93 ? 164 GLU A OE1   1 
ATOM   788  O  OE2   . GLU A 1 111 ? -16.518 8.239   -12.464 1.00 22.30 ? 164 GLU A OE2   1 
ATOM   789  N  N     . TYR A 1 112 ? -12.411 9.303   -8.161  1.00 25.19 ? 165 TYR A N     1 
ATOM   790  C  CA    . TYR A 1 112 ? -13.074 9.567   -6.873  1.00 27.75 ? 165 TYR A CA    1 
ATOM   791  C  C     . TYR A 1 112 ? -12.224 10.207  -5.749  1.00 27.22 ? 165 TYR A C     1 
ATOM   792  O  O     . TYR A 1 112 ? -12.773 10.758  -4.787  1.00 30.86 ? 165 TYR A O     1 
ATOM   793  C  CB    . TYR A 1 112 ? -13.780 8.283   -6.381  1.00 29.93 ? 165 TYR A CB    1 
ATOM   794  C  CG    . TYR A 1 112 ? -14.958 7.907   -7.256  1.00 30.93 ? 165 TYR A CG    1 
ATOM   795  C  CD1   . TYR A 1 112 ? -16.143 8.636   -7.200  1.00 32.83 ? 165 TYR A CD1   1 
ATOM   796  C  CD2   . TYR A 1 112 ? -14.881 6.853   -8.167  1.00 31.97 ? 165 TYR A CD2   1 
ATOM   797  C  CE1   . TYR A 1 112 ? -17.231 8.327   -8.028  1.00 31.82 ? 165 TYR A CE1   1 
ATOM   798  C  CE2   . TYR A 1 112 ? -15.976 6.521   -8.998  1.00 31.51 ? 165 TYR A CE2   1 
ATOM   799  C  CZ    . TYR A 1 112 ? -17.144 7.265   -8.920  1.00 32.67 ? 165 TYR A CZ    1 
ATOM   800  O  OH    . TYR A 1 112 ? -18.242 6.972   -9.726  1.00 32.38 ? 165 TYR A OH    1 
ATOM   801  N  N     . ALA A 1 113 ? -10.904 10.164  -5.871  1.00 28.27 ? 166 ALA A N     1 
ATOM   802  C  CA    . ALA A 1 113 ? -10.039 10.688  -4.829  1.00 27.74 ? 166 ALA A CA    1 
ATOM   803  C  C     . ALA A 1 113 ? -9.657  12.134  -5.145  1.00 30.12 ? 166 ALA A C     1 
ATOM   804  O  O     . ALA A 1 113 ? -9.787  12.575  -6.295  1.00 30.78 ? 166 ALA A O     1 
ATOM   805  C  CB    . ALA A 1 113 ? -8.780  9.790   -4.684  1.00 24.82 ? 166 ALA A CB    1 
ATOM   806  N  N     . GLN A 1 114 ? -9.219  12.884  -4.126  1.00 31.45 ? 167 GLN A N     1 
ATOM   807  C  CA    . GLN A 1 114 ? -8.720  14.258  -4.338  1.00 30.99 ? 167 GLN A CA    1 
ATOM   808  C  C     . GLN A 1 114 ? -7.726  14.213  -5.477  1.00 28.80 ? 167 GLN A C     1 
ATOM   809  O  O     . GLN A 1 114 ? -7.036  13.194  -5.698  1.00 27.91 ? 167 GLN A O     1 
ATOM   810  C  CB    . GLN A 1 114 ? -8.030  14.830  -3.090  1.00 30.45 ? 167 GLN A CB    1 
ATOM   811  C  CG    . GLN A 1 114 ? -8.918  15.006  -1.849  1.00 30.29 ? 167 GLN A CG    1 
ATOM   812  C  CD    . GLN A 1 114 ? -9.791  16.248  -1.864  1.00 30.73 ? 167 GLN A CD    1 
ATOM   813  O  OE1   . GLN A 1 114 ? -9.448  17.285  -2.441  1.00 27.61 ? 167 GLN A OE1   1 
ATOM   814  N  NE2   . GLN A 1 114 ? -10.927 16.152  -1.203  1.00 33.85 ? 167 GLN A NE2   1 
ATOM   815  N  N     . HIS A 1 115 ? -7.661  15.291  -6.228  1.00 31.04 ? 168 HIS A N     1 
ATOM   816  C  CA    . HIS A 1 115 ? -6.785  15.327  -7.369  1.00 34.79 ? 168 HIS A CA    1 
ATOM   817  C  C     . HIS A 1 115 ? -5.300  15.363  -6.975  1.00 35.08 ? 168 HIS A C     1 
ATOM   818  O  O     . HIS A 1 115 ? -4.431  14.975  -7.773  1.00 35.58 ? 168 HIS A O     1 
ATOM   819  C  CB    . HIS A 1 115 ? -7.101  16.508  -8.291  1.00 39.65 ? 168 HIS A CB    1 
ATOM   820  C  CG    . HIS A 1 115 ? -6.249  16.511  -9.518  1.00 44.34 ? 168 HIS A CG    1 
ATOM   821  N  ND1   . HIS A 1 115 ? -6.577  15.797  -10.653 1.00 46.05 ? 168 HIS A ND1   1 
ATOM   822  C  CD2   . HIS A 1 115 ? -5.027  17.047  -9.751  1.00 46.13 ? 168 HIS A CD2   1 
ATOM   823  C  CE1   . HIS A 1 115 ? -5.614  15.936  -11.550 1.00 46.37 ? 168 HIS A CE1   1 
ATOM   824  N  NE2   . HIS A 1 115 ? -4.660  16.683  -11.024 1.00 46.97 ? 168 HIS A NE2   1 
ATOM   825  N  N     . ASP A 1 116 ? -5.012  15.807  -5.745  1.00 33.33 ? 169 ASP A N     1 
ATOM   826  C  CA    . ASP A 1 116 ? -3.632  15.898  -5.271  1.00 32.69 ? 169 ASP A CA    1 
ATOM   827  C  C     . ASP A 1 116 ? -3.172  14.690  -4.392  1.00 29.32 ? 169 ASP A C     1 
ATOM   828  O  O     . ASP A 1 116 ? -2.236  14.829  -3.614  1.00 28.82 ? 169 ASP A O     1 
ATOM   829  C  CB    . ASP A 1 116 ? -3.417  17.236  -4.534  1.00 32.81 ? 169 ASP A CB    1 
ATOM   830  C  CG    . ASP A 1 116 ? -4.232  17.358  -3.242  1.00 37.37 ? 169 ASP A CG    1 
ATOM   831  O  OD1   . ASP A 1 116 ? -5.202  16.556  -3.020  1.00 37.41 ? 169 ASP A OD1   1 
ATOM   832  O  OD2   . ASP A 1 116 ? -3.883  18.262  -2.413  1.00 39.89 ? 169 ASP A OD2   1 
ATOM   833  N  N     . VAL A 1 117 ? -3.822  13.530  -4.500  1.00 25.22 ? 170 VAL A N     1 
ATOM   834  C  CA    . VAL A 1 117 ? -3.365  12.359  -3.700  1.00 23.01 ? 170 VAL A CA    1 
ATOM   835  C  C     . VAL A 1 117 ? -2.017  11.841  -4.169  1.00 19.66 ? 170 VAL A C     1 
ATOM   836  O  O     . VAL A 1 117 ? -1.745  11.769  -5.362  1.00 19.52 ? 170 VAL A O     1 
ATOM   837  C  CB    . VAL A 1 117 ? -4.392  11.122  -3.664  1.00 22.48 ? 170 VAL A CB    1 
ATOM   838  C  CG1   . VAL A 1 117 ? -5.588  11.461  -2.868  1.00 25.64 ? 170 VAL A CG1   1 
ATOM   839  C  CG2   . VAL A 1 117 ? -4.749  10.622  -5.085  1.00 17.99 ? 170 VAL A CG2   1 
ATOM   840  N  N     . ALA A 1 118 ? -1.168  11.487  -3.212  1.00 20.59 ? 171 ALA A N     1 
ATOM   841  C  CA    . ALA A 1 118 ? 0.071   10.813  -3.499  1.00 19.81 ? 171 ALA A CA    1 
ATOM   842  C  C     . ALA A 1 118 ? -0.282  9.371   -3.801  1.00 18.88 ? 171 ALA A C     1 
ATOM   843  O  O     . ALA A 1 118 ? -1.213  8.851   -3.246  1.00 19.06 ? 171 ALA A O     1 
ATOM   844  C  CB    . ALA A 1 118 ? 1.030   10.905  -2.305  1.00 21.43 ? 171 ALA A CB    1 
ATOM   845  N  N     . LEU A 1 119 ? 0.448   8.745   -4.725  1.00 21.79 ? 172 LEU A N     1 
ATOM   846  C  CA    . LEU A 1 119 ? 0.235   7.307   -5.077  1.00 20.66 ? 172 LEU A CA    1 
ATOM   847  C  C     . LEU A 1 119 ? 1.532   6.510   -5.084  1.00 20.48 ? 172 LEU A C     1 
ATOM   848  O  O     . LEU A 1 119 ? 2.626   7.057   -5.244  1.00 21.46 ? 172 LEU A O     1 
ATOM   849  C  CB    . LEU A 1 119 ? -0.410  7.167   -6.453  1.00 20.55 ? 172 LEU A CB    1 
ATOM   850  C  CG    . LEU A 1 119 ? -1.724  7.891   -6.639  1.00 21.33 ? 172 LEU A CG    1 
ATOM   851  C  CD1   . LEU A 1 119 ? -2.037  8.023   -8.094  1.00 21.67 ? 172 LEU A CD1   1 
ATOM   852  C  CD2   . LEU A 1 119 ? -2.856  7.187   -5.813  1.00 22.03 ? 172 LEU A CD2   1 
ATOM   853  N  N     . MET A 1 120 ? 1.390   5.206   -4.891  1.00 18.64 ? 173 MET A N     1 
ATOM   854  C  CA    . MET A 1 120 ? 2.490   4.283   -5.012  1.00 22.66 ? 173 MET A CA    1 
ATOM   855  C  C     . MET A 1 120 ? 1.956   2.898   -5.388  1.00 20.11 ? 173 MET A C     1 
ATOM   856  O  O     . MET A 1 120 ? 0.934   2.438   -4.846  1.00 19.72 ? 173 MET A O     1 
ATOM   857  C  CB    . MET A 1 120 ? 3.243   4.200   -3.706  1.00 23.14 ? 173 MET A CB    1 
ATOM   858  C  CG    . MET A 1 120 ? 4.559   3.470   -3.773  1.00 26.26 ? 173 MET A CG    1 
ATOM   859  S  SD    . MET A 1 120 ? 5.524   3.724   -2.231  1.00 30.31 ? 173 MET A SD    1 
ATOM   860  C  CE    . MET A 1 120 ? 7.020   3.000   -2.811  1.00 27.47 ? 173 MET A CE    1 
ATOM   861  N  N     . LEU A 1 121 ? 2.678   2.254   -6.301  1.00 18.15 ? 174 LEU A N     1 
ATOM   862  C  CA    . LEU A 1 121 ? 2.384   0.928   -6.771  1.00 18.63 ? 174 LEU A CA    1 
ATOM   863  C  C     . LEU A 1 121 ? 3.323   -0.095  -6.108  1.00 16.49 ? 174 LEU A C     1 
ATOM   864  O  O     . LEU A 1 121 ? 4.552   0.031   -6.150  1.00 15.37 ? 174 LEU A O     1 
ATOM   865  C  CB    . LEU A 1 121 ? 2.535   0.858   -8.299  1.00 18.06 ? 174 LEU A CB    1 
ATOM   866  C  CG    . LEU A 1 121 ? 2.198   -0.472  -8.985  1.00 18.10 ? 174 LEU A CG    1 
ATOM   867  C  CD1   . LEU A 1 121 ? 0.701   -0.771  -8.867  1.00 14.66 ? 174 LEU A CD1   1 
ATOM   868  C  CD2   . LEU A 1 121 ? 2.673   -0.482  -10.477 1.00 15.87 ? 174 LEU A CD2   1 
ATOM   869  N  N     . LEU A 1 122 ? 2.708   -1.118  -5.544  1.00 17.98 ? 175 LEU A N     1 
ATOM   870  C  CA    . LEU A 1 122 ? 3.397   -2.172  -4.851  1.00 19.21 ? 175 LEU A CA    1 
ATOM   871  C  C     . LEU A 1 122 ? 3.046   -3.522  -5.461  1.00 18.35 ? 175 LEU A C     1 
ATOM   872  O  O     . LEU A 1 122 ? 1.857   -3.888  -5.590  1.00 15.06 ? 175 LEU A O     1 
ATOM   873  C  CB    . LEU A 1 122 ? 3.023   -2.187  -3.357  1.00 20.69 ? 175 LEU A CB    1 
ATOM   874  C  CG    . LEU A 1 122 ? 3.298   -0.928  -2.520  1.00 21.29 ? 175 LEU A CG    1 
ATOM   875  C  CD1   . LEU A 1 122 ? 2.967   -1.239  -1.041  1.00 21.10 ? 175 LEU A CD1   1 
ATOM   876  C  CD2   . LEU A 1 122 ? 4.739   -0.395  -2.660  1.00 15.98 ? 175 LEU A CD2   1 
ATOM   877  N  N     . GLY A 1 123 ? 4.099   -4.244  -5.841  1.00 19.57 ? 176 GLY A N     1 
ATOM   878  C  CA    . GLY A 1 123 ? 4.007   -5.629  -6.304  1.00 18.93 ? 176 GLY A CA    1 
ATOM   879  C  C     . GLY A 1 123 ? 4.429   -6.492  -5.133  1.00 16.25 ? 176 GLY A C     1 
ATOM   880  O  O     . GLY A 1 123 ? 5.616   -6.667  -4.869  1.00 19.63 ? 176 GLY A O     1 
ATOM   881  N  N     . ASN A 1 124 ? 3.444   -7.036  -4.460  1.00 14.55 ? 177 ASN A N     1 
ATOM   882  C  CA    . ASN A 1 124 ? 3.625   -7.755  -3.221  1.00 15.71 ? 177 ASN A CA    1 
ATOM   883  C  C     . ASN A 1 124 ? 3.770   -9.273  -3.443  1.00 13.60 ? 177 ASN A C     1 
ATOM   884  O  O     . ASN A 1 124 ? 3.580   -9.763  -4.555  1.00 15.57 ? 177 ASN A O     1 
ATOM   885  C  CB    . ASN A 1 124 ? 2.426   -7.430  -2.284  1.00 15.79 ? 177 ASN A CB    1 
ATOM   886  C  CG    . ASN A 1 124 ? 2.636   -7.925  -0.861  1.00 16.49 ? 177 ASN A CG    1 
ATOM   887  O  OD1   . ASN A 1 124 ? 3.678   -7.686  -0.249  1.00 15.95 ? 177 ASN A OD1   1 
ATOM   888  N  ND2   . ASN A 1 124 ? 1.651   -8.636  -0.342  1.00 14.36 ? 177 ASN A ND2   1 
ATOM   889  N  N     . LYS A 1 125 ? 4.112   -9.976  -2.371  1.00 15.05 ? 178 LYS A N     1 
ATOM   890  C  CA    . LYS A 1 125 ? 4.387   -11.444 -2.349  1.00 17.86 ? 178 LYS A CA    1 
ATOM   891  C  C     . LYS A 1 125 ? 5.647   -11.835 -3.109  1.00 20.10 ? 178 LYS A C     1 
ATOM   892  O  O     . LYS A 1 125 ? 5.703   -12.897 -3.714  1.00 22.50 ? 178 LYS A O     1 
ATOM   893  C  CB    . LYS A 1 125 ? 3.175   -12.272 -2.823  1.00 18.68 ? 178 LYS A CB    1 
ATOM   894  C  CG    . LYS A 1 125 ? 1.860   -11.887 -2.109  1.00 14.37 ? 178 LYS A CG    1 
ATOM   895  C  CD    . LYS A 1 125 ? 0.923   -13.050 -2.010  1.00 16.19 ? 178 LYS A CD    1 
ATOM   896  C  CE    . LYS A 1 125 ? -0.475  -12.617 -1.852  1.00 13.84 ? 178 LYS A CE    1 
ATOM   897  N  NZ    . LYS A 1 125 ? -1.443  -13.763 -1.727  1.00 16.10 ? 178 LYS A NZ    1 
ATOM   898  N  N     . VAL A 1 126 ? 6.660   -10.981 -3.050  1.00 17.54 ? 179 VAL A N     1 
ATOM   899  C  CA    . VAL A 1 126 ? 7.980   -11.306 -3.666  1.00 20.37 ? 179 VAL A CA    1 
ATOM   900  C  C     . VAL A 1 126 ? 8.749   -12.095 -2.594  1.00 22.13 ? 179 VAL A C     1 
ATOM   901  O  O     . VAL A 1 126 ? 9.446   -11.519 -1.743  1.00 21.44 ? 179 VAL A O     1 
ATOM   902  C  CB    . VAL A 1 126 ? 8.777   -10.066 -4.117  1.00 17.12 ? 179 VAL A CB    1 
ATOM   903  C  CG1   . VAL A 1 126 ? 10.203  -10.468 -4.603  1.00 19.71 ? 179 VAL A CG1   1 
ATOM   904  C  CG2   . VAL A 1 126 ? 8.024   -9.274  -5.238  1.00 16.58 ? 179 VAL A CG2   1 
ATOM   905  N  N     . ASP A 1 127 ? 8.530   -13.405 -2.600  1.00 24.63 ? 180 ASP A N     1 
ATOM   906  C  CA    . ASP A 1 127 ? 9.141   -14.317 -1.628  1.00 27.43 ? 180 ASP A CA    1 
ATOM   907  C  C     . ASP A 1 127 ? 9.051   -15.789 -2.120  1.00 28.32 ? 180 ASP A C     1 
ATOM   908  O  O     . ASP A 1 127 ? 8.461   -16.063 -3.170  1.00 28.44 ? 180 ASP A O     1 
ATOM   909  C  CB    . ASP A 1 127 ? 8.510   -14.110 -0.216  1.00 25.64 ? 180 ASP A CB    1 
ATOM   910  C  CG    . ASP A 1 127 ? 7.000   -14.244 -0.215  1.00 25.79 ? 180 ASP A CG    1 
ATOM   911  O  OD1   . ASP A 1 127 ? 6.526   -15.373 -0.463  1.00 25.26 ? 180 ASP A OD1   1 
ATOM   912  O  OD2   . ASP A 1 127 ? 6.278   -13.216 0.022   1.00 22.11 ? 180 ASP A OD2   1 
ATOM   913  N  N     . SER A 1 128 ? 9.643   -16.713 -1.365  1.00 32.85 ? 181 SER A N     1 
ATOM   914  C  CA    . SER A 1 128 ? 9.685   -18.173 -1.712  1.00 37.88 ? 181 SER A CA    1 
ATOM   915  C  C     . SER A 1 128 ? 8.329   -18.874 -1.910  1.00 40.07 ? 181 SER A C     1 
ATOM   916  O  O     . SER A 1 128 ? 8.244   -19.908 -2.607  1.00 40.87 ? 181 SER A O     1 
ATOM   917  C  CB    . SER A 1 128 ? 10.388  -18.960 -0.597  1.00 37.56 ? 181 SER A CB    1 
ATOM   918  O  OG    . SER A 1 128 ? 11.613  -18.374 -0.233  1.00 40.73 ? 181 SER A OG    1 
ATOM   919  N  N     . ALA A 1 129 ? 7.294   -18.337 -1.269  1.00 38.43 ? 182 ALA A N     1 
ATOM   920  C  CA    . ALA A 1 129 ? 6.017   -19.023 -1.132  1.00 39.79 ? 182 ALA A CA    1 
ATOM   921  C  C     . ALA A 1 129 ? 5.383   -19.482 -2.458  1.00 41.57 ? 182 ALA A C     1 
ATOM   922  O  O     . ALA A 1 129 ? 4.962   -20.636 -2.579  1.00 40.17 ? 182 ALA A O     1 
ATOM   923  C  CB    . ALA A 1 129 ? 5.048   -18.149 -0.348  1.00 38.89 ? 182 ALA A CB    1 
ATOM   924  N  N     . HIS A 1 130 ? 5.290   -18.578 -3.435  1.00 40.96 ? 183 HIS A N     1 
ATOM   925  C  CA    . HIS A 1 130 ? 4.656   -18.897 -4.714  1.00 41.09 ? 183 HIS A CA    1 
ATOM   926  C  C     . HIS A 1 130 ? 5.514   -18.403 -5.882  1.00 38.01 ? 183 HIS A C     1 
ATOM   927  O  O     . HIS A 1 130 ? 6.462   -17.608 -5.706  1.00 37.08 ? 183 HIS A O     1 
ATOM   928  C  CB    . HIS A 1 130 ? 3.263   -18.274 -4.814  1.00 42.63 ? 183 HIS A CB    1 
ATOM   929  C  CG    . HIS A 1 130 ? 2.474   -18.333 -3.543  1.00 46.04 ? 183 HIS A CG    1 
ATOM   930  N  ND1   . HIS A 1 130 ? 1.726   -19.437 -3.178  1.00 46.47 ? 183 HIS A ND1   1 
ATOM   931  C  CD2   . HIS A 1 130 ? 2.297   -17.415 -2.558  1.00 47.27 ? 183 HIS A CD2   1 
ATOM   932  C  CE1   . HIS A 1 130 ? 1.134   -19.202 -2.020  1.00 47.14 ? 183 HIS A CE1   1 
ATOM   933  N  NE2   . HIS A 1 130 ? 1.469   -17.986 -1.618  1.00 49.45 ? 183 HIS A NE2   1 
ATOM   934  N  N     . GLU A 1 131 ? 5.162   -18.871 -7.076  1.00 34.55 ? 184 GLU A N     1 
ATOM   935  C  CA    . GLU A 1 131 ? 5.897   -18.531 -8.267  1.00 31.89 ? 184 GLU A CA    1 
ATOM   936  C  C     . GLU A 1 131 ? 5.468   -17.196 -8.818  1.00 25.92 ? 184 GLU A C     1 
ATOM   937  O  O     . GLU A 1 131 ? 4.280   -16.941 -9.051  1.00 25.75 ? 184 GLU A O     1 
ATOM   938  C  CB    . GLU A 1 131 ? 5.705   -19.597 -9.361  1.00 33.16 ? 184 GLU A CB    1 
ATOM   939  N  N     . ARG A 1 132 ? 6.453   -16.351 -9.057  1.00 27.07 ? 185 ARG A N     1 
ATOM   940  C  CA    . ARG A 1 132 ? 6.214   -15.061 -9.683  1.00 25.53 ? 185 ARG A CA    1 
ATOM   941  C  C     . ARG A 1 132 ? 5.649   -15.282 -11.097 1.00 27.00 ? 185 ARG A C     1 
ATOM   942  O  O     . ARG A 1 132 ? 6.092   -16.189 -11.841 1.00 25.64 ? 185 ARG A O     1 
ATOM   943  C  CB    . ARG A 1 132 ? 7.513   -14.277 -9.758  1.00 22.77 ? 185 ARG A CB    1 
ATOM   944  C  CG    . ARG A 1 132 ? 7.465   -13.072 -10.652 1.00 20.35 ? 185 ARG A CG    1 
ATOM   945  C  CD    . ARG A 1 132 ? 8.826   -12.522 -10.957 1.00 20.65 ? 185 ARG A CD    1 
ATOM   946  N  NE    . ARG A 1 132 ? 9.581   -12.149 -9.759  1.00 20.32 ? 185 ARG A NE    1 
ATOM   947  C  CZ    . ARG A 1 132 ? 9.474   -10.966 -9.134  1.00 25.30 ? 185 ARG A CZ    1 
ATOM   948  N  NH1   . ARG A 1 132 ? 8.639   -10.052 -9.588  1.00 23.39 ? 185 ARG A NH1   1 
ATOM   949  N  NH2   . ARG A 1 132 ? 10.206  -10.692 -8.054  1.00 23.08 ? 185 ARG A NH2   1 
ATOM   950  N  N     . VAL A 1 133 ? 4.666   -14.478 -11.454 1.00 25.13 ? 186 VAL A N     1 
ATOM   951  C  CA    . VAL A 1 133 ? 4.178   -14.441 -12.825 1.00 27.46 ? 186 VAL A CA    1 
ATOM   952  C  C     . VAL A 1 133 ? 4.376   -13.057 -13.439 1.00 29.85 ? 186 VAL A C     1 
ATOM   953  O  O     . VAL A 1 133 ? 4.552   -12.945 -14.644 1.00 28.30 ? 186 VAL A O     1 
ATOM   954  C  CB    . VAL A 1 133 ? 2.727   -14.917 -12.934 1.00 27.20 ? 186 VAL A CB    1 
ATOM   955  C  CG1   . VAL A 1 133 ? 2.645   -16.359 -12.483 1.00 26.80 ? 186 VAL A CG1   1 
ATOM   956  C  CG2   . VAL A 1 133 ? 1.793   -14.037 -12.147 1.00 26.00 ? 186 VAL A CG2   1 
ATOM   957  N  N     . VAL A 1 134 ? 4.386   -12.003 -12.602 1.00 27.54 ? 187 VAL A N     1 
ATOM   958  C  CA    . VAL A 1 134 ? 4.691   -10.660 -13.068 1.00 26.39 ? 187 VAL A CA    1 
ATOM   959  C  C     . VAL A 1 134 ? 6.147   -10.286 -12.757 1.00 25.78 ? 187 VAL A C     1 
ATOM   960  O  O     . VAL A 1 134 ? 6.553   -10.225 -11.584 1.00 20.76 ? 187 VAL A O     1 
ATOM   961  C  CB    . VAL A 1 134 ? 3.720   -9.582  -12.451 1.00 25.63 ? 187 VAL A CB    1 
ATOM   962  C  CG1   . VAL A 1 134 ? 4.087   -8.149  -12.944 1.00 22.41 ? 187 VAL A CG1   1 
ATOM   963  C  CG2   . VAL A 1 134 ? 2.300   -9.899  -12.798 1.00 25.00 ? 187 VAL A CG2   1 
ATOM   964  N  N     . LYS A 1 135 ? 6.921   -10.029 -13.827 1.00 25.92 ? 188 LYS A N     1 
ATOM   965  C  CA    . LYS A 1 135 ? 8.312   -9.609  -13.718 1.00 26.68 ? 188 LYS A CA    1 
ATOM   966  C  C     . LYS A 1 135 ? 8.384   -8.196  -13.170 1.00 24.25 ? 188 LYS A C     1 
ATOM   967  O  O     . LYS A 1 135 ? 7.509   -7.384  -13.431 1.00 22.10 ? 188 LYS A O     1 
ATOM   968  C  CB    . LYS A 1 135 ? 9.036   -9.674  -15.083 1.00 27.55 ? 188 LYS A CB    1 
ATOM   969  C  CG    . LYS A 1 135 ? 9.437   -11.110 -15.549 1.00 29.87 ? 188 LYS A CG    1 
ATOM   970  C  CD    . LYS A 1 135 ? 10.033  -11.917 -14.393 1.00 32.48 ? 188 LYS A CD    1 
ATOM   971  C  CE    . LYS A 1 135 ? 10.793  -13.149 -14.831 1.00 34.53 ? 188 LYS A CE    1 
ATOM   972  N  NZ    . LYS A 1 135 ? 11.126  -14.010 -13.633 1.00 35.87 ? 188 LYS A NZ    1 
ATOM   973  N  N     . ARG A 1 136 ? 9.428   -7.919  -12.399 1.00 24.19 ? 189 ARG A N     1 
ATOM   974  C  CA    . ARG A 1 136 ? 9.609   -6.597  -11.814 1.00 25.85 ? 189 ARG A CA    1 
ATOM   975  C  C     . ARG A 1 136 ? 9.623   -5.537  -12.872 1.00 24.87 ? 189 ARG A C     1 
ATOM   976  O  O     . ARG A 1 136 ? 9.122   -4.450  -12.661 1.00 21.66 ? 189 ARG A O     1 
ATOM   977  C  CB    . ARG A 1 136 ? 10.895  -6.492  -10.999 1.00 26.93 ? 189 ARG A CB    1 
ATOM   978  C  CG    . ARG A 1 136 ? 10.983  -5.159  -10.204 1.00 27.77 ? 189 ARG A CG    1 
ATOM   979  C  CD    . ARG A 1 136 ? 12.322  -4.962  -9.523  1.00 29.95 ? 189 ARG A CD    1 
ATOM   980  N  NE    . ARG A 1 136 ? 12.265  -3.864  -8.538  1.00 31.64 ? 189 ARG A NE    1 
ATOM   981  C  CZ    . ARG A 1 136 ? 12.174  -2.560  -8.846  1.00 33.07 ? 189 ARG A CZ    1 
ATOM   982  N  NH1   . ARG A 1 136 ? 12.134  -2.170  -10.106 1.00 34.23 ? 189 ARG A NH1   1 
ATOM   983  N  NH2   . ARG A 1 136 ? 12.128  -1.633  -7.888  1.00 35.58 ? 189 ARG A NH2   1 
ATOM   984  N  N     . GLU A 1 137 ? 10.229  -5.863  -14.006 1.00 24.90 ? 190 GLU A N     1 
ATOM   985  C  CA    . GLU A 1 137 ? 10.319  -4.965  -15.138 1.00 24.21 ? 190 GLU A CA    1 
ATOM   986  C  C     . GLU A 1 137 ? 8.946   -4.474  -15.623 1.00 23.73 ? 190 GLU A C     1 
ATOM   987  O  O     . GLU A 1 137 ? 8.791   -3.301  -15.946 1.00 27.37 ? 190 GLU A O     1 
ATOM   988  C  CB    . GLU A 1 137 ? 11.046  -5.681  -16.291 1.00 23.46 ? 190 GLU A CB    1 
ATOM   989  N  N     . ASP A 1 138 ? 7.976   -5.391  -15.701 1.00 22.82 ? 191 ASP A N     1 
ATOM   990  C  CA    . ASP A 1 138 ? 6.603   -5.077  -16.134 1.00 24.36 ? 191 ASP A CA    1 
ATOM   991  C  C     . ASP A 1 138 ? 5.867   -4.127  -15.159 1.00 23.47 ? 191 ASP A C     1 
ATOM   992  O  O     . ASP A 1 138 ? 5.056   -3.281  -15.584 1.00 22.35 ? 191 ASP A O     1 
ATOM   993  C  CB    . ASP A 1 138 ? 5.781   -6.358  -16.294 1.00 25.26 ? 191 ASP A CB    1 
ATOM   994  C  CG    . ASP A 1 138 ? 6.354   -7.301  -17.343 1.00 30.84 ? 191 ASP A CG    1 
ATOM   995  O  OD1   . ASP A 1 138 ? 7.125   -6.842  -18.211 1.00 31.44 ? 191 ASP A OD1   1 
ATOM   996  O  OD2   . ASP A 1 138 ? 6.032   -8.516  -17.283 1.00 35.86 ? 191 ASP A OD2   1 
ATOM   997  N  N     . GLY A 1 139 ? 6.133   -4.299  -13.866 1.00 21.01 ? 192 GLY A N     1 
ATOM   998  C  CA    . GLY A 1 139 ? 5.641   -3.378  -12.830 1.00 20.34 ? 192 GLY A CA    1 
ATOM   999  C  C     . GLY A 1 139 ? 6.345   -2.025  -12.859 1.00 18.81 ? 192 GLY A C     1 
ATOM   1000 O  O     . GLY A 1 139 ? 5.716   -1.012  -12.643 1.00 21.32 ? 192 GLY A O     1 
ATOM   1001 N  N     . GLU A 1 140 ? 7.660   -2.027  -13.099 1.00 23.05 ? 193 GLU A N     1 
ATOM   1002 C  CA    . GLU A 1 140 ? 8.451   -0.784  -13.275 1.00 27.63 ? 193 GLU A CA    1 
ATOM   1003 C  C     . GLU A 1 140 ? 7.865   0.014   -14.435 1.00 27.46 ? 193 GLU A C     1 
ATOM   1004 O  O     . GLU A 1 140 ? 7.667   1.224   -14.353 1.00 25.52 ? 193 GLU A O     1 
ATOM   1005 C  CB    . GLU A 1 140 ? 9.901   -1.100  -13.653 1.00 30.08 ? 193 GLU A CB    1 
ATOM   1006 C  CG    . GLU A 1 140 ? 10.770  -1.666  -12.605 1.00 35.87 ? 193 GLU A CG    1 
ATOM   1007 C  CD    . GLU A 1 140 ? 12.103  -2.285  -13.190 1.00 38.76 ? 193 GLU A CD    1 
ATOM   1008 O  OE1   . GLU A 1 140 ? 12.633  -1.767  -14.223 1.00 42.01 ? 193 GLU A OE1   1 
ATOM   1009 O  OE2   . GLU A 1 140 ? 12.609  -3.305  -12.607 1.00 42.71 ? 193 GLU A OE2   1 
ATOM   1010 N  N     . LYS A 1 141 ? 7.621   -0.700  -15.528 1.00 28.61 ? 194 LYS A N     1 
ATOM   1011 C  CA    . LYS A 1 141 ? 7.115   -0.138  -16.761 1.00 30.88 ? 194 LYS A CA    1 
ATOM   1012 C  C     . LYS A 1 141 ? 5.698   0.468   -16.592 1.00 28.06 ? 194 LYS A C     1 
ATOM   1013 O  O     . LYS A 1 141 ? 5.450   1.586   -17.051 1.00 25.28 ? 194 LYS A O     1 
ATOM   1014 C  CB    . LYS A 1 141 ? 7.146   -1.229  -17.838 1.00 34.66 ? 194 LYS A CB    1 
ATOM   1015 C  CG    . LYS A 1 141 ? 6.952   -0.773  -19.267 1.00 38.31 ? 194 LYS A CG    1 
ATOM   1016 C  CD    . LYS A 1 141 ? 7.368   -1.896  -20.274 1.00 39.83 ? 194 LYS A CD    1 
ATOM   1017 C  CE    . LYS A 1 141 ? 8.805   -2.419  -20.003 1.00 41.71 ? 194 LYS A CE    1 
ATOM   1018 N  NZ    . LYS A 1 141 ? 9.412   -3.100  -21.196 1.00 45.00 ? 194 LYS A NZ    1 
ATOM   1019 N  N     . LEU A 1 142 ? 4.785   -0.261  -15.938 1.00 24.97 ? 195 LEU A N     1 
ATOM   1020 C  CA    . LEU A 1 142 ? 3.427   0.269   -15.662 1.00 24.90 ? 195 LEU A CA    1 
ATOM   1021 C  C     . LEU A 1 142 ? 3.521   1.528   -14.796 1.00 24.09 ? 195 LEU A C     1 
ATOM   1022 O  O     . LEU A 1 142 ? 2.928   2.562   -15.122 1.00 25.52 ? 195 LEU A O     1 
ATOM   1023 C  CB    . LEU A 1 142 ? 2.544   -0.782  -14.961 1.00 25.68 ? 195 LEU A CB    1 
ATOM   1024 C  CG    . LEU A 1 142 ? 1.035   -0.530  -14.879 1.00 25.75 ? 195 LEU A CG    1 
ATOM   1025 C  CD1   . LEU A 1 142 ? 0.426   -0.419  -16.272 1.00 28.11 ? 195 LEU A CD1   1 
ATOM   1026 C  CD2   . LEU A 1 142 ? 0.338   -1.629  -14.113 1.00 26.03 ? 195 LEU A CD2   1 
ATOM   1027 N  N     . ALA A 1 143 ? 4.272   1.442   -13.711 1.00 26.32 ? 196 ALA A N     1 
ATOM   1028 C  CA    . ALA A 1 143 ? 4.487   2.599   -12.811 1.00 26.82 ? 196 ALA A CA    1 
ATOM   1029 C  C     . ALA A 1 143 ? 4.987   3.825   -13.586 1.00 29.22 ? 196 ALA A C     1 
ATOM   1030 O  O     . ALA A 1 143 ? 4.466   4.935   -13.416 1.00 24.16 ? 196 ALA A O     1 
ATOM   1031 C  CB    . ALA A 1 143 ? 5.475   2.244   -11.740 1.00 23.05 ? 196 ALA A CB    1 
ATOM   1032 N  N     . LYS A 1 144 ? 6.023   3.619   -14.407 1.00 31.73 ? 197 LYS A N     1 
ATOM   1033 C  CA    . LYS A 1 144 ? 6.593   4.690   -15.257 1.00 35.83 ? 197 LYS A CA    1 
ATOM   1034 C  C     . LYS A 1 144 ? 5.512   5.307   -16.151 1.00 33.67 ? 197 LYS A C     1 
ATOM   1035 O  O     . LYS A 1 144 ? 5.428   6.517   -16.292 1.00 34.41 ? 197 LYS A O     1 
ATOM   1036 C  CB    . LYS A 1 144 ? 7.757   4.142   -16.098 1.00 37.16 ? 197 LYS A CB    1 
ATOM   1037 C  CG    . LYS A 1 144 ? 8.492   5.175   -16.957 1.00 40.43 ? 197 LYS A CG    1 
ATOM   1038 C  CD    . LYS A 1 144 ? 9.655   4.516   -17.737 1.00 41.01 ? 197 LYS A CD    1 
ATOM   1039 C  CE    . LYS A 1 144 ? 10.234  5.439   -18.835 1.00 42.03 ? 197 LYS A CE    1 
ATOM   1040 N  NZ    . LYS A 1 144 ? 11.399  4.785   -19.546 1.00 42.49 ? 197 LYS A NZ    1 
ATOM   1041 N  N     . GLU A 1 145 ? 4.681   4.449   -16.721 1.00 33.59 ? 198 GLU A N     1 
ATOM   1042 C  CA    . GLU A 1 145 ? 3.616   4.830   -17.650 1.00 34.91 ? 198 GLU A CA    1 
ATOM   1043 C  C     . GLU A 1 145 ? 2.553   5.749   -17.024 1.00 38.17 ? 198 GLU A C     1 
ATOM   1044 O  O     . GLU A 1 145 ? 1.919   6.545   -17.729 1.00 36.26 ? 198 GLU A O     1 
ATOM   1045 C  CB    . GLU A 1 145 ? 2.995   3.535   -18.190 1.00 37.31 ? 198 GLU A CB    1 
ATOM   1046 C  CG    . GLU A 1 145 ? 1.667   3.631   -18.875 1.00 38.33 ? 198 GLU A CG    1 
ATOM   1047 C  CD    . GLU A 1 145 ? 1.232   2.281   -19.440 1.00 39.27 ? 198 GLU A CD    1 
ATOM   1048 O  OE1   . GLU A 1 145 ? 1.997   1.286   -19.337 1.00 39.60 ? 198 GLU A OE1   1 
ATOM   1049 O  OE2   . GLU A 1 145 ? 0.124   2.214   -19.983 1.00 42.73 ? 198 GLU A OE2   1 
ATOM   1050 N  N     . TYR A 1 146 ? 2.358   5.639   -15.705 1.00 40.29 ? 199 TYR A N     1 
ATOM   1051 C  CA    . TYR A 1 146 ? 1.389   6.497   -14.991 1.00 39.84 ? 199 TYR A CA    1 
ATOM   1052 C  C     . TYR A 1 146 ? 2.039   7.473   -14.007 1.00 38.19 ? 199 TYR A C     1 
ATOM   1053 O  O     . TYR A 1 146 ? 1.348   8.126   -13.246 1.00 41.59 ? 199 TYR A O     1 
ATOM   1054 C  CB    . TYR A 1 146 ? 0.346   5.646   -14.275 1.00 41.03 ? 199 TYR A CB    1 
ATOM   1055 C  CG    . TYR A 1 146 ? -0.551  4.873   -15.197 1.00 41.35 ? 199 TYR A CG    1 
ATOM   1056 C  CD1   . TYR A 1 146 ? -1.694  5.455   -15.742 1.00 43.71 ? 199 TYR A CD1   1 
ATOM   1057 C  CD2   . TYR A 1 146 ? -0.280  3.561   -15.518 1.00 42.30 ? 199 TYR A CD2   1 
ATOM   1058 C  CE1   . TYR A 1 146 ? -2.535  4.744   -16.587 1.00 43.49 ? 199 TYR A CE1   1 
ATOM   1059 C  CE2   . TYR A 1 146 ? -1.117  2.837   -16.360 1.00 42.79 ? 199 TYR A CE2   1 
ATOM   1060 C  CZ    . TYR A 1 146 ? -2.242  3.439   -16.898 1.00 44.45 ? 199 TYR A CZ    1 
ATOM   1061 O  OH    . TYR A 1 146 ? -3.074  2.725   -17.755 1.00 44.28 ? 199 TYR A OH    1 
ATOM   1062 N  N     . GLY A 1 147 ? 3.360   7.571   -14.034 1.00 36.20 ? 200 GLY A N     1 
ATOM   1063 C  CA    . GLY A 1 147 ? 4.105   8.487   -13.161 1.00 37.80 ? 200 GLY A CA    1 
ATOM   1064 C  C     . GLY A 1 147 ? 4.227   8.108   -11.672 1.00 39.06 ? 200 GLY A C     1 
ATOM   1065 O  O     . GLY A 1 147 ? 4.778   8.887   -10.875 1.00 40.86 ? 200 GLY A O     1 
ATOM   1066 N  N     . LEU A 1 148 ? 3.752   6.918   -11.303 1.00 35.24 ? 201 LEU A N     1 
ATOM   1067 C  CA    . LEU A 1 148 ? 3.736   6.471   -9.899  1.00 33.61 ? 201 LEU A CA    1 
ATOM   1068 C  C     . LEU A 1 148 ? 5.063   5.867   -9.455  1.00 28.96 ? 201 LEU A C     1 
ATOM   1069 O  O     . LEU A 1 148 ? 5.702   5.141   -10.234 1.00 28.64 ? 201 LEU A O     1 
ATOM   1070 C  CB    . LEU A 1 148 ? 2.697   5.363   -9.720  1.00 37.70 ? 201 LEU A CB    1 
ATOM   1071 C  CG    . LEU A 1 148 ? 1.212   5.641   -9.845  1.00 39.73 ? 201 LEU A CG    1 
ATOM   1072 C  CD1   . LEU A 1 148 ? 0.923   7.000   -10.450 1.00 39.23 ? 201 LEU A CD1   1 
ATOM   1073 C  CD2   . LEU A 1 148 ? 0.558   4.480   -10.662 1.00 39.84 ? 201 LEU A CD2   1 
ATOM   1074 N  N     . PRO A 1 149 ? 5.478   6.143   -8.198  1.00 23.35 ? 202 PRO A N     1 
ATOM   1075 C  CA    . PRO A 1 149 ? 6.565   5.374   -7.604  1.00 23.27 ? 202 PRO A CA    1 
ATOM   1076 C  C     . PRO A 1 149 ? 6.172   3.891   -7.460  1.00 20.83 ? 202 PRO A C     1 
ATOM   1077 O  O     . PRO A 1 149 ? 4.974   3.556   -7.315  1.00 20.65 ? 202 PRO A O     1 
ATOM   1078 C  CB    . PRO A 1 149 ? 6.759   6.016   -6.218  1.00 24.08 ? 202 PRO A CB    1 
ATOM   1079 C  CG    . PRO A 1 149 ? 6.012   7.269   -6.247  1.00 24.15 ? 202 PRO A CG    1 
ATOM   1080 C  CD    . PRO A 1 149 ? 4.954   7.148   -7.263  1.00 22.76 ? 202 PRO A CD    1 
ATOM   1081 N  N     . PHE A 1 150 ? 7.174   3.024   -7.471  1.00 22.22 ? 203 PHE A N     1 
ATOM   1082 C  CA    . PHE A 1 150 ? 6.957   1.597   -7.501  1.00 21.80 ? 203 PHE A CA    1 
ATOM   1083 C  C     . PHE A 1 150 ? 7.961   0.905   -6.638  1.00 20.53 ? 203 PHE A C     1 
ATOM   1084 O  O     . PHE A 1 150 ? 9.111   1.307   -6.604  1.00 19.46 ? 203 PHE A O     1 
ATOM   1085 C  CB    . PHE A 1 150 ? 7.086   1.065   -8.941  1.00 21.68 ? 203 PHE A CB    1 
ATOM   1086 C  CG    . PHE A 1 150 ? 7.100   -0.443  -9.033  1.00 22.87 ? 203 PHE A CG    1 
ATOM   1087 C  CD1   . PHE A 1 150 ? 5.923   -1.173  -8.828  1.00 21.31 ? 203 PHE A CD1   1 
ATOM   1088 C  CD2   . PHE A 1 150 ? 8.287   -1.143  -9.318  1.00 21.80 ? 203 PHE A CD2   1 
ATOM   1089 C  CE1   . PHE A 1 150 ? 5.917   -2.560  -8.916  1.00 23.49 ? 203 PHE A CE1   1 
ATOM   1090 C  CE2   . PHE A 1 150 ? 8.290   -2.554  -9.391  1.00 23.03 ? 203 PHE A CE2   1 
ATOM   1091 C  CZ    . PHE A 1 150 ? 7.109   -3.259  -9.194  1.00 23.02 ? 203 PHE A CZ    1 
ATOM   1092 N  N     . MET A 1 151 ? 7.507   -0.147  -5.956  1.00 20.36 ? 204 MET A N     1 
ATOM   1093 C  CA    . MET A 1 151 ? 8.331   -1.044  -5.143  1.00 20.72 ? 204 MET A CA    1 
ATOM   1094 C  C     . MET A 1 151 ? 7.718   -2.444  -5.104  1.00 19.39 ? 204 MET A C     1 
ATOM   1095 O  O     . MET A 1 151 ? 6.483   -2.590  -5.076  1.00 17.56 ? 204 MET A O     1 
ATOM   1096 C  CB    . MET A 1 151 ? 8.371   -0.571  -3.683  1.00 23.13 ? 204 MET A CB    1 
ATOM   1097 C  CG    . MET A 1 151 ? 9.370   0.433   -3.371  1.00 24.30 ? 204 MET A CG    1 
ATOM   1098 S  SD    . MET A 1 151 ? 9.501   0.785   -1.598  1.00 21.40 ? 204 MET A SD    1 
ATOM   1099 C  CE    . MET A 1 151 ? 10.400  2.322   -1.756  1.00 23.02 ? 204 MET A CE    1 
ATOM   1100 N  N     . GLU A 1 152 ? 8.579   -3.459  -5.040  1.00 20.90 ? 205 GLU A N     1 
ATOM   1101 C  CA    . GLU A 1 152 ? 8.150   -4.819  -4.733  1.00 18.72 ? 205 GLU A CA    1 
ATOM   1102 C  C     . GLU A 1 152 ? 8.232   -4.989  -3.238  1.00 18.27 ? 205 GLU A C     1 
ATOM   1103 O  O     . GLU A 1 152 ? 9.070   -4.364  -2.589  1.00 20.18 ? 205 GLU A O     1 
ATOM   1104 C  CB    . GLU A 1 152 ? 8.999   -5.862  -5.458  1.00 18.47 ? 205 GLU A CB    1 
ATOM   1105 C  CG    . GLU A 1 152 ? 8.868   -5.762  -6.972  1.00 20.39 ? 205 GLU A CG    1 
ATOM   1106 C  CD    . GLU A 1 152 ? 9.272   -7.038  -7.690  1.00 20.70 ? 205 GLU A CD    1 
ATOM   1107 O  OE1   . GLU A 1 152 ? 10.318  -7.584  -7.355  1.00 18.53 ? 205 GLU A OE1   1 
ATOM   1108 O  OE2   . GLU A 1 152 ? 8.525   -7.488  -8.595  1.00 23.35 ? 205 GLU A OE2   1 
ATOM   1109 N  N     . THR A 1 153 ? 7.335   -5.809  -2.688  1.00 16.96 ? 206 THR A N     1 
ATOM   1110 C  CA    . THR A 1 153 ? 7.268   -6.017  -1.258  1.00 15.63 ? 206 THR A CA    1 
ATOM   1111 C  C     . THR A 1 153 ? 6.967   -7.479  -0.891  1.00 14.00 ? 206 THR A C     1 
ATOM   1112 O  O     . THR A 1 153 ? 6.672   -8.331  -1.744  1.00 13.63 ? 206 THR A O     1 
ATOM   1113 C  CB    . THR A 1 153 ? 6.182   -5.099  -0.574  1.00 16.04 ? 206 THR A CB    1 
ATOM   1114 O  OG1   . THR A 1 153 ? 4.877   -5.414  -1.084  1.00 15.61 ? 206 THR A OG1   1 
ATOM   1115 C  CG2   . THR A 1 153 ? 6.467   -3.622  -0.765  1.00 16.33 ? 206 THR A CG2   1 
ATOM   1116 N  N     . SER A 1 154 ? 7.060   -7.735  0.391   1.00 16.41 ? 207 SER A N     1 
ATOM   1117 C  CA    . SER A 1 154 ? 6.601   -8.976  0.997   1.00 16.06 ? 207 SER A CA    1 
ATOM   1118 C  C     . SER A 1 154 ? 6.218   -8.739  2.447   1.00 14.06 ? 207 SER A C     1 
ATOM   1119 O  O     . SER A 1 154 ? 7.063   -8.386  3.271   1.00 14.49 ? 207 SER A O     1 
ATOM   1120 C  CB    . SER A 1 154 ? 7.660   -10.065 0.933   1.00 15.09 ? 207 SER A CB    1 
ATOM   1121 O  OG    . SER A 1 154 ? 7.246   -11.190 1.695   1.00 15.18 ? 207 SER A OG    1 
ATOM   1122 N  N     . ALA A 1 155 ? 4.940   -8.960  2.767   1.00 17.39 ? 208 ALA A N     1 
ATOM   1123 C  CA    . ALA A 1 155 ? 4.487   -8.961  4.172   1.00 20.96 ? 208 ALA A CA    1 
ATOM   1124 C  C     . ALA A 1 155 ? 5.159   -10.121 4.920   1.00 20.24 ? 208 ALA A C     1 
ATOM   1125 O  O     . ALA A 1 155 ? 5.488   -10.017 6.104   1.00 20.26 ? 208 ALA A O     1 
ATOM   1126 C  CB    . ALA A 1 155 ? 2.949   -9.080  4.258   1.00 15.00 ? 208 ALA A CB    1 
ATOM   1127 N  N     . LYS A 1 156 ? 5.401   -11.220 4.206   1.00 22.73 ? 209 LYS A N     1 
ATOM   1128 C  CA    . LYS A 1 156 ? 6.009   -12.407 4.810   1.00 21.83 ? 209 LYS A CA    1 
ATOM   1129 C  C     . LYS A 1 156 ? 7.459   -12.186 5.293   1.00 20.68 ? 209 LYS A C     1 
ATOM   1130 O  O     . LYS A 1 156 ? 7.780   -12.468 6.454   1.00 19.28 ? 209 LYS A O     1 
ATOM   1131 C  CB    . LYS A 1 156 ? 5.909   -13.596 3.848   1.00 23.72 ? 209 LYS A CB    1 
ATOM   1132 C  CG    . LYS A 1 156 ? 6.327   -14.945 4.465   1.00 25.48 ? 209 LYS A CG    1 
ATOM   1133 C  CD    . LYS A 1 156 ? 6.280   -16.090 3.451   1.00 28.44 ? 209 LYS A CD    1 
ATOM   1134 C  CE    . LYS A 1 156 ? 6.552   -17.470 4.127   1.00 30.94 ? 209 LYS A CE    1 
ATOM   1135 N  NZ    . LYS A 1 156 ? 5.273   -18.226 4.475   1.00 34.36 ? 209 LYS A NZ    1 
ATOM   1136 N  N     . THR A 1 157 ? 8.318   -11.657 4.429   1.00 19.86 ? 210 THR A N     1 
ATOM   1137 C  CA    . THR A 1 157 ? 9.724   -11.418 4.778   1.00 21.17 ? 210 THR A CA    1 
ATOM   1138 C  C     . THR A 1 157 ? 9.967   -10.013 5.303   1.00 20.90 ? 210 THR A C     1 
ATOM   1139 O  O     . THR A 1 157 ? 10.990  -9.756  5.944   1.00 21.88 ? 210 THR A O     1 
ATOM   1140 C  CB    . THR A 1 157 ? 10.641  -11.636 3.580   1.00 21.36 ? 210 THR A CB    1 
ATOM   1141 O  OG1   . THR A 1 157 ? 10.312  -10.686 2.559   1.00 23.33 ? 210 THR A OG1   1 
ATOM   1142 C  CG2   . THR A 1 157 ? 10.481  -13.058 3.037   1.00 24.32 ? 210 THR A CG2   1 
ATOM   1143 N  N     . GLY A 1 158 ? 9.028   -9.097  5.063   1.00 19.34 ? 211 GLY A N     1 
ATOM   1144 C  CA    . GLY A 1 158 ? 9.237   -7.706  5.438   1.00 18.65 ? 211 GLY A CA    1 
ATOM   1145 C  C     . GLY A 1 158 ? 9.883   -6.896  4.319   1.00 18.02 ? 211 GLY A C     1 
ATOM   1146 O  O     . GLY A 1 158 ? 10.068  -5.676  4.474   1.00 17.48 ? 211 GLY A O     1 
ATOM   1147 N  N     . LEU A 1 159 ? 10.178  -7.539  3.167   1.00 17.34 ? 212 LEU A N     1 
ATOM   1148 C  CA    . LEU A 1 159 ? 10.821  -6.829  2.012   1.00 19.57 ? 212 LEU A CA    1 
ATOM   1149 C  C     . LEU A 1 159 ? 10.141  -5.486  1.704   1.00 18.45 ? 212 LEU A C     1 
ATOM   1150 O  O     . LEU A 1 159 ? 8.957   -5.455  1.361   1.00 15.19 ? 212 LEU A O     1 
ATOM   1151 C  CB    . LEU A 1 159 ? 10.815  -7.682  0.727   1.00 17.75 ? 212 LEU A CB    1 
ATOM   1152 C  CG    . LEU A 1 159 ? 11.281  -7.007  -0.602  1.00 17.40 ? 212 LEU A CG    1 
ATOM   1153 C  CD1   . LEU A 1 159 ? 12.769  -6.554  -0.563  1.00 16.20 ? 212 LEU A CD1   1 
ATOM   1154 C  CD2   . LEU A 1 159 ? 11.044  -7.915  -1.802  1.00 19.66 ? 212 LEU A CD2   1 
ATOM   1155 N  N     . ASN A 1 160 ? 10.912  -4.406  1.836   1.00 19.81 ? 213 ASN A N     1 
ATOM   1156 C  CA    . ASN A 1 160 ? 10.511  -3.029  1.469   1.00 21.05 ? 213 ASN A CA    1 
ATOM   1157 C  C     . ASN A 1 160 ? 9.227   -2.491  2.108   1.00 17.56 ? 213 ASN A C     1 
ATOM   1158 O  O     . ASN A 1 160 ? 8.691   -1.495  1.623   1.00 18.28 ? 213 ASN A O     1 
ATOM   1159 C  CB    . ASN A 1 160 ? 10.387  -2.875  -0.080  1.00 21.13 ? 213 ASN A CB    1 
ATOM   1160 C  CG    . ASN A 1 160 ? 11.718  -2.925  -0.796  1.00 21.72 ? 213 ASN A CG    1 
ATOM   1161 O  OD1   . ASN A 1 160 ? 12.755  -2.597  -0.229  1.00 23.22 ? 213 ASN A OD1   1 
ATOM   1162 N  ND2   . ASN A 1 160 ? 11.693  -3.339  -2.063  1.00 20.33 ? 213 ASN A ND2   1 
ATOM   1163 N  N     . VAL A 1 161 ? 8.745   -3.116  3.181   1.00 18.11 ? 214 VAL A N     1 
ATOM   1164 C  CA    . VAL A 1 161 ? 7.476   -2.703  3.822   1.00 17.26 ? 214 VAL A CA    1 
ATOM   1165 C  C     . VAL A 1 161 ? 7.652   -1.363  4.545   1.00 18.76 ? 214 VAL A C     1 
ATOM   1166 O  O     . VAL A 1 161 ? 6.996   -0.400  4.231   1.00 18.91 ? 214 VAL A O     1 
ATOM   1167 C  CB    . VAL A 1 161 ? 6.941   -3.774  4.824   1.00 15.69 ? 214 VAL A CB    1 
ATOM   1168 C  CG1   . VAL A 1 161 ? 5.835   -3.145  5.731   1.00 16.02 ? 214 VAL A CG1   1 
ATOM   1169 C  CG2   . VAL A 1 161 ? 6.391   -5.007  4.088   1.00 18.77 ? 214 VAL A CG2   1 
ATOM   1170 N  N     . ASP A 1 162 ? 8.537   -1.325  5.531   1.00 19.82 ? 215 ASP A N     1 
ATOM   1171 C  CA    . ASP A 1 162 ? 8.953   -0.063  6.147   1.00 22.17 ? 215 ASP A CA    1 
ATOM   1172 C  C     . ASP A 1 162 ? 9.338   1.008   5.119   1.00 19.36 ? 215 ASP A C     1 
ATOM   1173 O  O     . ASP A 1 162 ? 8.952   2.156   5.249   1.00 17.02 ? 215 ASP A O     1 
ATOM   1174 C  CB    . ASP A 1 162 ? 10.129  -0.311  7.110   1.00 24.81 ? 215 ASP A CB    1 
ATOM   1175 C  CG    . ASP A 1 162 ? 9.682   -0.993  8.406   1.00 26.62 ? 215 ASP A CG    1 
ATOM   1176 O  OD1   . ASP A 1 162 ? 8.465   -1.207  8.585   1.00 25.16 ? 215 ASP A OD1   1 
ATOM   1177 O  OD2   . ASP A 1 162 ? 10.546  -1.304  9.250   1.00 30.33 ? 215 ASP A OD2   1 
ATOM   1178 N  N     . LEU A 1 163 ? 10.072  0.623   4.089   1.00 15.96 ? 216 LEU A N     1 
ATOM   1179 C  CA    . LEU A 1 163 ? 10.569  1.584   3.110   1.00 14.49 ? 216 LEU A CA    1 
ATOM   1180 C  C     . LEU A 1 163 ? 9.440   2.174   2.223   1.00 15.11 ? 216 LEU A C     1 
ATOM   1181 O  O     . LEU A 1 163 ? 9.517   3.324   1.848   1.00 15.65 ? 216 LEU A O     1 
ATOM   1182 C  CB    . LEU A 1 163 ? 11.664  0.959   2.205   1.00 15.15 ? 216 LEU A CB    1 
ATOM   1183 C  CG    . LEU A 1 163 ? 12.998  0.529   2.812   1.00 18.63 ? 216 LEU A CG    1 
ATOM   1184 C  CD1   . LEU A 1 163 ? 13.826  -0.075  1.706   1.00 21.82 ? 216 LEU A CD1   1 
ATOM   1185 C  CD2   . LEU A 1 163 ? 13.720  1.707   3.506   1.00 20.40 ? 216 LEU A CD2   1 
ATOM   1186 N  N     . ALA A 1 164 ? 8.423   1.366   1.899   1.00 16.16 ? 217 ALA A N     1 
ATOM   1187 C  CA    . ALA A 1 164 ? 7.237   1.818   1.112   1.00 16.45 ? 217 ALA A CA    1 
ATOM   1188 C  C     . ALA A 1 164 ? 6.427   2.869   1.890   1.00 17.64 ? 217 ALA A C     1 
ATOM   1189 O  O     . ALA A 1 164 ? 6.059   3.900   1.325   1.00 18.46 ? 217 ALA A O     1 
ATOM   1190 C  CB    . ALA A 1 164 ? 6.333   0.623   0.753   1.00 12.08 ? 217 ALA A CB    1 
ATOM   1191 N  N     . PHE A 1 165 ? 6.145   2.593   3.180   1.00 15.18 ? 218 PHE A N     1 
ATOM   1192 C  CA    . PHE A 1 165 ? 5.416   3.554   4.043   1.00 15.12 ? 218 PHE A CA    1 
ATOM   1193 C  C     . PHE A 1 165 ? 6.252   4.785   4.317   1.00 18.28 ? 218 PHE A C     1 
ATOM   1194 O  O     . PHE A 1 165 ? 5.725   5.900   4.342   1.00 18.79 ? 218 PHE A O     1 
ATOM   1195 C  CB    . PHE A 1 165 ? 4.954   2.898   5.358   1.00 14.85 ? 218 PHE A CB    1 
ATOM   1196 C  CG    . PHE A 1 165 ? 3.774   1.933   5.171   1.00 16.38 ? 218 PHE A CG    1 
ATOM   1197 C  CD1   . PHE A 1 165 ? 2.458   2.413   5.148   1.00 15.00 ? 218 PHE A CD1   1 
ATOM   1198 C  CD2   . PHE A 1 165 ? 3.980   0.570   5.015   1.00 14.62 ? 218 PHE A CD2   1 
ATOM   1199 C  CE1   . PHE A 1 165 ? 1.406   1.551   4.968   1.00 16.44 ? 218 PHE A CE1   1 
ATOM   1200 C  CE2   . PHE A 1 165 ? 2.897   -0.303  4.826   1.00 15.80 ? 218 PHE A CE2   1 
ATOM   1201 C  CZ    . PHE A 1 165 ? 1.628   0.198   4.789   1.00 15.54 ? 218 PHE A CZ    1 
ATOM   1202 N  N     . THR A 1 166 ? 7.564   4.594   4.494   1.00 19.03 ? 219 THR A N     1 
ATOM   1203 C  CA    . THR A 1 166 ? 8.476   5.724   4.666   1.00 19.18 ? 219 THR A CA    1 
ATOM   1204 C  C     . THR A 1 166 ? 8.463   6.616   3.444   1.00 18.66 ? 219 THR A C     1 
ATOM   1205 O  O     . THR A 1 166 ? 8.448   7.850   3.588   1.00 20.29 ? 219 THR A O     1 
ATOM   1206 C  CB    . THR A 1 166 ? 9.906   5.278   4.991   1.00 18.64 ? 219 THR A CB    1 
ATOM   1207 O  OG1   . THR A 1 166 ? 9.882   4.516   6.190   1.00 20.29 ? 219 THR A OG1   1 
ATOM   1208 C  CG2   . THR A 1 166 ? 10.898  6.530   5.156   1.00 19.50 ? 219 THR A CG2   1 
ATOM   1209 N  N     . ALA A 1 167 ? 8.459   6.020   2.249   1.00 19.58 ? 220 ALA A N     1 
ATOM   1210 C  CA    . ALA A 1 167 ? 8.527   6.795   0.988   1.00 19.00 ? 220 ALA A CA    1 
ATOM   1211 C  C     . ALA A 1 167 ? 7.277   7.660   0.768   1.00 21.64 ? 220 ALA A C     1 
ATOM   1212 O  O     . ALA A 1 167 ? 7.388   8.832   0.341   1.00 22.45 ? 220 ALA A O     1 
ATOM   1213 C  CB    . ALA A 1 167 ? 8.778   5.859   -0.251  1.00 16.46 ? 220 ALA A CB    1 
ATOM   1214 N  N     . ILE A 1 168 ? 6.098   7.089   1.059   1.00 20.47 ? 221 ILE A N     1 
ATOM   1215 C  CA    . ILE A 1 168 ? 4.848   7.802   0.922   1.00 20.27 ? 221 ILE A CA    1 
ATOM   1216 C  C     . ILE A 1 168 ? 4.760   8.928   1.952   1.00 19.68 ? 221 ILE A C     1 
ATOM   1217 O  O     . ILE A 1 168 ? 4.383   10.043  1.601   1.00 21.49 ? 221 ILE A O     1 
ATOM   1218 C  CB    . ILE A 1 168 ? 3.553   6.825   0.917   1.00 22.32 ? 221 ILE A CB    1 
ATOM   1219 C  CG1   . ILE A 1 168 ? 2.297   7.581   0.453   1.00 23.59 ? 221 ILE A CG1   1 
ATOM   1220 C  CG2   . ILE A 1 168 ? 3.327   6.179   2.232   1.00 20.55 ? 221 ILE A CG2   1 
ATOM   1221 C  CD1   . ILE A 1 168 ? 2.034   7.491   -1.052  1.00 24.07 ? 221 ILE A CD1   1 
ATOM   1222 N  N     . ALA A 1 169 ? 5.153   8.643   3.195   1.00 19.63 ? 222 ALA A N     1 
ATOM   1223 C  CA    . ALA A 1 169 ? 5.232   9.664   4.255   1.00 20.57 ? 222 ALA A CA    1 
ATOM   1224 C  C     . ALA A 1 169 ? 6.187   10.786  3.866   1.00 19.44 ? 222 ALA A C     1 
ATOM   1225 O  O     . ALA A 1 169 ? 5.897   11.934  4.058   1.00 23.44 ? 222 ALA A O     1 
ATOM   1226 C  CB    . ALA A 1 169 ? 5.674   9.027   5.558   1.00 18.12 ? 222 ALA A CB    1 
ATOM   1227 N  N     . LYS A 1 170 ? 7.330   10.419  3.314   1.00 23.41 ? 223 LYS A N     1 
ATOM   1228 C  CA    . LYS A 1 170 ? 8.315   11.367  2.814   1.00 25.45 ? 223 LYS A CA    1 
ATOM   1229 C  C     . LYS A 1 170 ? 7.745   12.271  1.700   1.00 22.12 ? 223 LYS A C     1 
ATOM   1230 O  O     . LYS A 1 170 ? 7.938   13.480  1.730   1.00 18.52 ? 223 LYS A O     1 
ATOM   1231 C  CB    . LYS A 1 170 ? 9.541   10.582  2.344   1.00 28.65 ? 223 LYS A CB    1 
ATOM   1232 C  CG    . LYS A 1 170 ? 10.774  11.380  1.955   1.00 33.11 ? 223 LYS A CG    1 
ATOM   1233 C  CD    . LYS A 1 170 ? 11.991  10.405  1.697   1.00 34.34 ? 223 LYS A CD    1 
ATOM   1234 C  CE    . LYS A 1 170 ? 12.457  9.670   3.020   1.00 37.24 ? 223 LYS A CE    1 
ATOM   1235 N  NZ    . LYS A 1 170 ? 13.691  8.783   2.889   1.00 37.14 ? 223 LYS A NZ    1 
ATOM   1236 N  N     . GLU A 1 171 ? 7.039   11.675  0.724   1.00 24.07 ? 224 GLU A N     1 
ATOM   1237 C  CA    . GLU A 1 171 ? 6.437   12.433  -0.356  1.00 20.99 ? 224 GLU A CA    1 
ATOM   1238 C  C     . GLU A 1 171 ? 5.337   13.361  0.167   1.00 20.69 ? 224 GLU A C     1 
ATOM   1239 O  O     . GLU A 1 171 ? 5.249   14.475  -0.265  1.00 22.64 ? 224 GLU A O     1 
ATOM   1240 C  CB    . GLU A 1 171 ? 5.891   11.528  -1.429  1.00 20.15 ? 224 GLU A CB    1 
ATOM   1241 C  CG    . GLU A 1 171 ? 5.241   12.270  -2.567  1.00 22.33 ? 224 GLU A CG    1 
ATOM   1242 C  CD    . GLU A 1 171 ? 4.720   11.355  -3.647  1.00 25.77 ? 224 GLU A CD    1 
ATOM   1243 O  OE1   . GLU A 1 171 ? 5.364   10.326  -3.946  1.00 31.33 ? 224 GLU A OE1   1 
ATOM   1244 O  OE2   . GLU A 1 171 ? 3.665   11.671  -4.211  1.00 30.21 ? 224 GLU A OE2   1 
ATOM   1245 N  N     . LEU A 1 172 ? 4.490   12.870  1.078   1.00 21.52 ? 225 LEU A N     1 
ATOM   1246 C  CA    . LEU A 1 172 ? 3.458   13.708  1.707   1.00 21.07 ? 225 LEU A CA    1 
ATOM   1247 C  C     . LEU A 1 172 ? 4.107   14.880  2.488   1.00 21.14 ? 225 LEU A C     1 
ATOM   1248 O  O     . LEU A 1 172 ? 3.744   16.039  2.271   1.00 18.68 ? 225 LEU A O     1 
ATOM   1249 C  CB    . LEU A 1 172 ? 2.535   12.861  2.619   1.00 19.48 ? 225 LEU A CB    1 
ATOM   1250 C  CG    . LEU A 1 172 ? 1.701   11.794  1.861   1.00 19.92 ? 225 LEU A CG    1 
ATOM   1251 C  CD1   . LEU A 1 172 ? 1.036   10.765  2.809   1.00 16.13 ? 225 LEU A CD1   1 
ATOM   1252 C  CD2   . LEU A 1 172 ? 0.684   12.456  0.885   1.00 14.36 ? 225 LEU A CD2   1 
ATOM   1253 N  N     . LYS A 1 173 ? 5.075   14.580  3.367   1.00 24.26 ? 226 LYS A N     1 
ATOM   1254 C  CA    . LYS A 1 173 ? 5.774   15.644  4.155   1.00 27.89 ? 226 LYS A CA    1 
ATOM   1255 C  C     . LYS A 1 173 ? 6.299   16.726  3.230   1.00 29.82 ? 226 LYS A C     1 
ATOM   1256 O  O     . LYS A 1 173 ? 6.090   17.906  3.465   1.00 24.97 ? 226 LYS A O     1 
ATOM   1257 C  CB    . LYS A 1 173 ? 6.946   15.080  4.970   1.00 30.65 ? 226 LYS A CB    1 
ATOM   1258 C  CG    . LYS A 1 173 ? 7.695   16.160  5.792   1.00 31.21 ? 226 LYS A CG    1 
ATOM   1259 C  CD    . LYS A 1 173 ? 9.176   15.845  5.934   1.00 33.23 ? 226 LYS A CD    1 
ATOM   1260 C  CE    . LYS A 1 173 ? 9.989   17.053  6.457   1.00 34.40 ? 226 LYS A CE    1 
ATOM   1261 N  NZ    . LYS A 1 173 ? 10.764  17.774  5.375   1.00 34.58 ? 226 LYS A NZ    1 
ATOM   1262 N  N     . ARG A 1 174 ? 6.984   16.307  2.171   1.00 35.82 ? 227 ARG A N     1 
ATOM   1263 C  CA    . ARG A 1 174 ? 7.430   17.224  1.111   1.00 38.97 ? 227 ARG A CA    1 
ATOM   1264 C  C     . ARG A 1 174 ? 6.314   17.329  0.071   1.00 39.99 ? 227 ARG A C     1 
ATOM   1265 O  O     . ARG A 1 174 ? 5.731   18.392  -0.148  1.00 42.98 ? 227 ARG A O     1 
ATOM   1266 C  CB    . ARG A 1 174 ? 8.703   16.687  0.454   1.00 40.58 ? 227 ARG A CB    1 
ATOM   1267 C  CG    . ARG A 1 174 ? 9.811   16.305  1.430   1.00 43.35 ? 227 ARG A CG    1 
ATOM   1268 C  CD    . ARG A 1 174 ? 10.890  15.504  0.738   1.00 47.69 ? 227 ARG A CD    1 
ATOM   1269 N  NE    . ARG A 1 174 ? 11.723  14.756  1.683   1.00 49.61 ? 227 ARG A NE    1 
ATOM   1270 C  CZ    . ARG A 1 174 ? 12.640  13.855  1.330   1.00 51.60 ? 227 ARG A CZ    1 
ATOM   1271 N  NH1   . ARG A 1 174 ? 12.857  13.568  0.044   1.00 52.23 ? 227 ARG A NH1   1 
ATOM   1272 N  NH2   . ARG A 1 174 ? 13.342  13.219  2.268   1.00 53.01 ? 227 ARG A NH2   1 
HETATM 1273 MG MG    . MG  B 2 .   ? -7.706  -7.710  3.774   1.00 19.71 ? 301 MG  A MG    1 
HETATM 1274 P  PG    . GNP C 3 .   ? -8.862  -8.724  0.997   1.00 18.71 ? 302 GNP A PG    1 
HETATM 1275 O  O1G   . GNP C 3 .   ? -9.798  -9.839  0.601   1.00 21.66 ? 302 GNP A O1G   1 
HETATM 1276 O  O2G   . GNP C 3 .   ? -9.101  -8.299  2.440   1.00 19.75 ? 302 GNP A O2G   1 
HETATM 1277 O  O3G   . GNP C 3 .   ? -8.947  -7.581  -0.009  1.00 17.84 ? 302 GNP A O3G   1 
HETATM 1278 N  N3B   . GNP C 3 .   ? -7.388  -9.420  0.906   1.00 16.49 ? 302 GNP A N3B   1 
HETATM 1279 P  PB    . GNP C 3 .   ? -5.975  -8.735  1.293   1.00 15.38 ? 302 GNP A PB    1 
HETATM 1280 O  O1B   . GNP C 3 .   ? -5.478  -7.941  0.146   1.00 16.42 ? 302 GNP A O1B   1 
HETATM 1281 O  O2B   . GNP C 3 .   ? -6.076  -8.069  2.597   1.00 15.22 ? 302 GNP A O2B   1 
HETATM 1282 O  O3A   . GNP C 3 .   ? -4.960  -9.893  1.499   1.00 19.12 ? 302 GNP A O3A   1 
HETATM 1283 P  PA    . GNP C 3 .   ? -4.450  -10.558 2.848   1.00 16.76 ? 302 GNP A PA    1 
HETATM 1284 O  O1A   . GNP C 3 .   ? -3.502  -9.694  3.536   1.00 15.96 ? 302 GNP A O1A   1 
HETATM 1285 O  O2A   . GNP C 3 .   ? -5.599  -11.132 3.594   1.00 16.97 ? 302 GNP A O2A   1 
HETATM 1286 O  "O5'" . GNP C 3 .   ? -3.561  -11.730 2.351   1.00 15.46 ? 302 GNP A "O5'" 1 
HETATM 1287 C  "C5'" . GNP C 3 .   ? -4.056  -12.717 1.412   1.00 14.71 ? 302 GNP A "C5'" 1 
HETATM 1288 C  "C4'" . GNP C 3 .   ? -3.350  -14.057 1.552   1.00 17.42 ? 302 GNP A "C4'" 1 
HETATM 1289 O  "O4'" . GNP C 3 .   ? -1.973  -13.950 1.081   1.00 17.50 ? 302 GNP A "O4'" 1 
HETATM 1290 C  "C3'" . GNP C 3 .   ? -3.239  -14.588 2.978   1.00 20.85 ? 302 GNP A "C3'" 1 
HETATM 1291 O  "O3'" . GNP C 3 .   ? -3.252  -16.019 3.001   1.00 20.55 ? 302 GNP A "O3'" 1 
HETATM 1292 C  "C2'" . GNP C 3 .   ? -1.898  -14.031 3.452   1.00 19.93 ? 302 GNP A "C2'" 1 
HETATM 1293 O  "O2'" . GNP C 3 .   ? -1.283  -14.794 4.463   1.00 21.70 ? 302 GNP A "O2'" 1 
HETATM 1294 C  "C1'" . GNP C 3 .   ? -1.093  -14.141 2.185   1.00 18.39 ? 302 GNP A "C1'" 1 
HETATM 1295 N  N9    . GNP C 3 .   ? -0.079  -13.114 2.013   1.00 20.02 ? 302 GNP A N9    1 
HETATM 1296 C  C8    . GNP C 3 .   ? -0.240  -11.757 2.122   1.00 18.95 ? 302 GNP A C8    1 
HETATM 1297 N  N7    . GNP C 3 .   ? 0.822   -11.091 1.861   1.00 19.92 ? 302 GNP A N7    1 
HETATM 1298 C  C5    . GNP C 3 .   ? 1.737   -12.081 1.520   1.00 21.14 ? 302 GNP A C5    1 
HETATM 1299 C  C6    . GNP C 3 .   ? 3.084   -11.957 1.137   1.00 17.65 ? 302 GNP A C6    1 
HETATM 1300 O  O6    . GNP C 3 .   ? 3.772   -10.934 1.023   1.00 16.90 ? 302 GNP A O6    1 
HETATM 1301 N  N1    . GNP C 3 .   ? 3.638   -13.199 0.908   1.00 21.21 ? 302 GNP A N1    1 
HETATM 1302 C  C2    . GNP C 3 .   ? 3.001   -14.402 1.016   1.00 19.30 ? 302 GNP A C2    1 
HETATM 1303 N  N2    . GNP C 3 .   ? 3.753   -15.447 0.729   1.00 20.98 ? 302 GNP A N2    1 
HETATM 1304 N  N3    . GNP C 3 .   ? 1.746   -14.553 1.378   1.00 18.19 ? 302 GNP A N3    1 
HETATM 1305 C  C4    . GNP C 3 .   ? 1.189   -13.335 1.606   1.00 19.24 ? 302 GNP A C4    1 
HETATM 1306 X  UNK   . UNX D 4 .   ? -3.884  2.372   15.914  0.01 2.00  ? 501 UNX A UNK   1 
HETATM 1307 X  UNK   . UNX E 4 .   ? -9.928  8.657   5.072   0.01 2.00  ? 502 UNX A UNK   1 
HETATM 1308 X  UNK   . UNX F 4 .   ? -8.516  11.544  -1.546  0.01 2.00  ? 503 UNX A UNK   1 
HETATM 1309 X  UNK   . UNX G 4 .   ? -4.961  15.569  -0.872  0.01 4.91  ? 504 UNX A UNK   1 
HETATM 1310 O  O     . HOH H 5 .   ? -4.803  -5.531  -7.549  1.00 13.97 ? 401 HOH A O     1 
HETATM 1311 O  O     . HOH H 5 .   ? -1.806  -15.870 -12.474 1.00 18.07 ? 402 HOH A O     1 
HETATM 1312 O  O     . HOH H 5 .   ? -12.281 -8.152  0.664   1.00 13.94 ? 403 HOH A O     1 
HETATM 1313 O  O     . HOH H 5 .   ? -14.054 4.213   -11.779 1.00 22.74 ? 404 HOH A O     1 
HETATM 1314 O  O     . HOH H 5 .   ? 11.710  -3.152  -5.302  1.00 19.16 ? 405 HOH A O     1 
HETATM 1315 O  O     . HOH H 5 .   ? 11.696  4.712   1.705   1.00 15.25 ? 406 HOH A O     1 
HETATM 1316 O  O     . HOH H 5 .   ? -7.471  -2.898  -15.622 1.00 24.51 ? 407 HOH A O     1 
HETATM 1317 O  O     . HOH H 5 .   ? -7.069  -10.880 -8.598  1.00 16.66 ? 408 HOH A O     1 
HETATM 1318 O  O     . HOH H 5 .   ? -10.893 -8.728  -6.278  1.00 20.40 ? 409 HOH A O     1 
HETATM 1319 O  O     . HOH H 5 .   ? 1.598   -9.413  8.117   1.00 16.57 ? 410 HOH A O     1 
HETATM 1320 O  O     . HOH H 5 .   ? 6.414   -7.294  -10.159 1.00 18.65 ? 411 HOH A O     1 
HETATM 1321 O  O     . HOH H 5 .   ? 11.366  -11.375 0.135   1.00 16.38 ? 412 HOH A O     1 
HETATM 1322 O  O     . HOH H 5 .   ? 3.883   -3.056  -17.918 1.00 21.59 ? 413 HOH A O     1 
HETATM 1323 O  O     . HOH H 5 .   ? 11.808  -2.138  4.565   1.00 19.80 ? 414 HOH A O     1 
HETATM 1324 O  O     . HOH H 5 .   ? 14.714  -1.212  -1.586  1.00 20.92 ? 415 HOH A O     1 
HETATM 1325 O  O     . HOH H 5 .   ? -3.828  -12.872 -5.111  1.00 22.28 ? 416 HOH A O     1 
HETATM 1326 O  O     . HOH H 5 .   ? -8.677  -9.686  7.951   1.00 28.92 ? 417 HOH A O     1 
HETATM 1327 O  O     . HOH H 5 .   ? 4.983   -15.611 -2.714  1.00 20.10 ? 418 HOH A O     1 
HETATM 1328 O  O     . HOH H 5 .   ? -9.353  -7.326  7.722   1.00 21.23 ? 419 HOH A O     1 
HETATM 1329 O  O     . HOH H 5 .   ? 9.590   4.150   -8.584  1.00 29.39 ? 420 HOH A O     1 
HETATM 1330 O  O     . HOH H 5 .   ? -4.556  -14.620 -12.714 1.00 22.48 ? 421 HOH A O     1 
HETATM 1331 O  O     . HOH H 5 .   ? 10.362  3.571   -5.500  1.00 25.90 ? 422 HOH A O     1 
HETATM 1332 O  O     . HOH H 5 .   ? 10.526  5.597   11.436  1.00 30.37 ? 423 HOH A O     1 
HETATM 1333 O  O     . HOH H 5 .   ? 10.324  -3.812  6.427   1.00 24.07 ? 424 HOH A O     1 
HETATM 1334 O  O     . HOH H 5 .   ? -9.442  -2.277  -2.013  1.00 23.52 ? 425 HOH A O     1 
HETATM 1335 O  O     . HOH H 5 .   ? -11.267 2.093   12.212  1.00 21.27 ? 426 HOH A O     1 
HETATM 1336 O  O     . HOH H 5 .   ? -8.466  -5.148  8.507   1.00 21.17 ? 427 HOH A O     1 
HETATM 1337 O  O     . HOH H 5 .   ? -19.051 4.509   -10.336 1.00 21.80 ? 428 HOH A O     1 
HETATM 1338 O  O     . HOH H 5 .   ? -0.428  -16.104 -0.996  1.00 30.57 ? 429 HOH A O     1 
HETATM 1339 O  O     . HOH H 5 .   ? 12.816  -14.095 -0.172  1.00 24.44 ? 430 HOH A O     1 
HETATM 1340 O  O     . HOH H 5 .   ? 1.834   -18.156 -9.238  1.00 32.49 ? 431 HOH A O     1 
HETATM 1341 O  O     . HOH H 5 .   ? -5.633  -12.654 5.987   1.00 26.45 ? 432 HOH A O     1 
HETATM 1342 O  O     . HOH H 5 .   ? 9.321   9.380   -1.382  1.00 26.48 ? 433 HOH A O     1 
HETATM 1343 O  O     . HOH H 5 .   ? -3.361  -2.564  -15.728 1.00 27.79 ? 434 HOH A O     1 
HETATM 1344 O  O     . HOH H 5 .   ? -12.053 13.229  -7.820  1.00 25.43 ? 435 HOH A O     1 
HETATM 1345 O  O     . HOH H 5 .   ? 9.656   5.274   -3.866  1.00 32.50 ? 436 HOH A O     1 
HETATM 1346 O  O     . HOH H 5 .   ? -4.716  13.631  8.684   1.00 25.79 ? 437 HOH A O     1 
HETATM 1347 O  O     . HOH H 5 .   ? -6.453  -10.970 -16.333 1.00 18.19 ? 438 HOH A O     1 
HETATM 1348 O  O     . HOH H 5 .   ? -13.585 -10.236 -5.920  1.00 36.38 ? 439 HOH A O     1 
HETATM 1349 O  O     . HOH H 5 .   ? -2.526  14.508  -0.447  1.00 27.69 ? 440 HOH A O     1 
HETATM 1350 O  O     . HOH H 5 .   ? -3.424  -14.278 6.666   1.00 23.71 ? 441 HOH A O     1 
HETATM 1351 O  O     . HOH H 5 .   ? -3.062  12.077  -7.747  1.00 24.86 ? 442 HOH A O     1 
HETATM 1352 O  O     . HOH H 5 .   ? 6.873   -14.518 -5.856  1.00 31.47 ? 443 HOH A O     1 
HETATM 1353 O  O     . HOH H 5 .   ? 13.779  5.474   3.596   1.00 25.06 ? 444 HOH A O     1 
HETATM 1354 O  O     . HOH H 5 .   ? 6.695   2.495   -19.264 1.00 26.46 ? 445 HOH A O     1 
HETATM 1355 O  O     . HOH H 5 .   ? -0.018  -17.036 4.055   1.00 34.56 ? 446 HOH A O     1 
HETATM 1356 O  O     . HOH H 5 .   ? 4.105   20.277  14.179  1.00 38.73 ? 447 HOH A O     1 
HETATM 1357 O  O     . HOH H 5 .   ? 2.784   -17.812 3.302   1.00 35.56 ? 448 HOH A O     1 
HETATM 1358 O  O     . HOH H 5 .   ? -12.657 -14.851 4.531   1.00 34.31 ? 449 HOH A O     1 
HETATM 1359 O  O     . HOH H 5 .   ? 8.082   4.987   -11.299 1.00 37.66 ? 450 HOH A O     1 
HETATM 1360 O  O     . HOH H 5 .   ? -8.136  -9.147  -14.666 1.00 29.12 ? 451 HOH A O     1 
HETATM 1361 O  O     . HOH H 5 .   ? 3.252   4.896   16.626  1.00 21.83 ? 452 HOH A O     1 
HETATM 1362 O  O     . HOH H 5 .   ? 4.114   8.408   -3.520  1.00 29.29 ? 453 HOH A O     1 
HETATM 1363 O  O     . HOH H 5 .   ? -12.317 2.028   -12.868 1.00 30.36 ? 454 HOH A O     1 
HETATM 1364 O  O     . HOH H 5 .   ? -17.790 10.379  -11.158 1.00 38.83 ? 455 HOH A O     1 
HETATM 1365 O  O     . HOH H 5 .   ? 9.310   -5.889  10.059  1.00 35.75 ? 456 HOH A O     1 
HETATM 1366 O  O     . HOH H 5 .   ? -4.838  11.625  10.592  1.00 41.13 ? 457 HOH A O     1 
HETATM 1367 O  O     . HOH H 5 .   ? -7.842  -5.816  3.000   1.00 17.46 ? 458 HOH A O     1 
HETATM 1368 O  O     . HOH H 5 .   ? -7.500  -9.473  4.610   1.00 16.92 ? 459 HOH A O     1 
HETATM 1369 O  O     . HOH H 5 .   ? -5.766  8.841   13.597  1.00 26.36 ? 460 HOH A O     1 
HETATM 1370 O  O     . HOH H 5 .   ? -12.385 -4.079  8.856   1.00 23.09 ? 461 HOH A O     1 
HETATM 1371 O  O     . HOH H 5 .   ? -8.494  -1.259  13.041  1.00 33.28 ? 462 HOH A O     1 
# 
